data_5V23
# 
_entry.id   5V23 
# 
_audit_conform.dict_name       mmcif_pdbx.dic 
_audit_conform.dict_version    5.397 
_audit_conform.dict_location   http://mmcif.pdb.org/dictionaries/ascii/mmcif_pdbx.dic 
# 
loop_
_database_2.database_id 
_database_2.database_code 
_database_2.pdbx_database_accession 
_database_2.pdbx_DOI 
PDB   5V23         pdb_00005v23 10.2210/pdb5v23/pdb 
WWPDB D_1000226765 ?            ?                   
# 
loop_
_pdbx_audit_revision_history.ordinal 
_pdbx_audit_revision_history.data_content_type 
_pdbx_audit_revision_history.major_revision 
_pdbx_audit_revision_history.minor_revision 
_pdbx_audit_revision_history.revision_date 
1 'Structure model' 1 0 2018-02-07 
2 'Structure model' 1 1 2018-02-28 
3 'Structure model' 1 2 2020-01-08 
4 'Structure model' 1 3 2024-10-16 
# 
_pdbx_audit_revision_details.ordinal             1 
_pdbx_audit_revision_details.revision_ordinal    1 
_pdbx_audit_revision_details.data_content_type   'Structure model' 
_pdbx_audit_revision_details.provider            repository 
_pdbx_audit_revision_details.type                'Initial release' 
_pdbx_audit_revision_details.description         ? 
_pdbx_audit_revision_details.details             ? 
# 
loop_
_pdbx_audit_revision_group.ordinal 
_pdbx_audit_revision_group.revision_ordinal 
_pdbx_audit_revision_group.data_content_type 
_pdbx_audit_revision_group.group 
1 2 'Structure model' 'Structure summary'          
2 3 'Structure model' 'Author supporting evidence' 
3 4 'Structure model' 'Data collection'            
4 4 'Structure model' 'Database references'        
5 4 'Structure model' 'Structure summary'          
# 
loop_
_pdbx_audit_revision_category.ordinal 
_pdbx_audit_revision_category.revision_ordinal 
_pdbx_audit_revision_category.data_content_type 
_pdbx_audit_revision_category.category 
1 2 'Structure model' struct                    
2 3 'Structure model' pdbx_audit_support        
3 4 'Structure model' chem_comp_atom            
4 4 'Structure model' chem_comp_bond            
5 4 'Structure model' database_2                
6 4 'Structure model' pdbx_entry_details        
7 4 'Structure model' pdbx_modification_feature 
# 
loop_
_pdbx_audit_revision_item.ordinal 
_pdbx_audit_revision_item.revision_ordinal 
_pdbx_audit_revision_item.data_content_type 
_pdbx_audit_revision_item.item 
1 2 'Structure model' '_struct.title'                            
2 3 'Structure model' '_pdbx_audit_support.funding_organization' 
3 4 'Structure model' '_database_2.pdbx_DOI'                     
4 4 'Structure model' '_database_2.pdbx_database_accession'      
# 
_pdbx_database_status.status_code                     REL 
_pdbx_database_status.status_code_sf                  REL 
_pdbx_database_status.status_code_mr                  ? 
_pdbx_database_status.entry_id                        5V23 
_pdbx_database_status.recvd_initial_deposition_date   2017-03-02 
_pdbx_database_status.SG_entry                        N 
_pdbx_database_status.deposit_site                    RCSB 
_pdbx_database_status.process_site                    RCSB 
_pdbx_database_status.status_code_cs                  ? 
_pdbx_database_status.methods_development_category    ? 
_pdbx_database_status.pdb_format_compatible           Y 
_pdbx_database_status.status_code_nmr_data            ? 
# 
loop_
_audit_author.name 
_audit_author.pdbx_ordinal 
_audit_author.identifier_ORCID 
'Kolappan, S.' 1 ? 
'Craig, L.'    2 ? 
# 
_citation.abstract                  ? 
_citation.abstract_id_CAS           ? 
_citation.book_id_ISBN              ? 
_citation.book_publisher            ? 
_citation.book_publisher_city       ? 
_citation.book_title                ? 
_citation.coordinate_linkage        ? 
_citation.country                   ? 
_citation.database_id_Medline       ? 
_citation.details                   ? 
_citation.id                        primary 
_citation.journal_abbrev            'To Be Published' 
_citation.journal_id_ASTM           ? 
_citation.journal_id_CSD            0353 
_citation.journal_id_ISSN           ? 
_citation.journal_full              ? 
_citation.journal_issue             ? 
_citation.journal_volume            ? 
_citation.language                  ? 
_citation.page_first                ? 
_citation.page_last                 ? 
_citation.title                     
'SeMet structure of the non-core minor pilin PilV from Neisseria meningitidis in the orthorhombic form' 
_citation.year                      ? 
_citation.database_id_CSD           ? 
_citation.pdbx_database_id_DOI      ? 
_citation.pdbx_database_id_PubMed   ? 
_citation.unpublished_flag          ? 
# 
loop_
_citation_author.citation_id 
_citation_author.name 
_citation_author.ordinal 
_citation_author.identifier_ORCID 
primary 'Kolappan, S.' 1 ? 
primary 'Craig, L.'    2 ? 
# 
loop_
_entity.id 
_entity.type 
_entity.src_method 
_entity.pdbx_description 
_entity.formula_weight 
_entity.pdbx_number_of_molecules 
_entity.pdbx_ec 
_entity.pdbx_mutation 
_entity.pdbx_fragment 
_entity.details 
1 polymer     man 'Type IV pilin protein' 11124.064 1  ? ? ? ? 
2 non-polymer syn GLYCEROL                92.094    3  ? ? ? ? 
3 water       nat water                   18.015    73 ? ? ? ? 
# 
_entity_poly.entity_id                      1 
_entity_poly.type                           'polypeptide(L)' 
_entity_poly.nstd_linkage                   no 
_entity_poly.nstd_monomer                   yes 
_entity_poly.pdbx_seq_one_letter_code       
;GSH(MSE)RRVRLSEVRTTLLHNAQT(MSE)ERYYRQKGTFKTYDKNKLKQNKYFNVTLSKVSPDHFTLQADPNPTTNDG
ETCVVTLNDGGTIAASGTNQSCPGFD
;
_entity_poly.pdbx_seq_one_letter_code_can   
;GSHMRRVRLSEVRTTLLHNAQTMERYYRQKGTFKTYDKNKLKQNKYFNVTLSKVSPDHFTLQADPNPTTNDGETCVVTLN
DGGTIAASGTNQSCPGFD
;
_entity_poly.pdbx_strand_id                 A 
_entity_poly.pdbx_target_identifier         ? 
# 
loop_
_pdbx_entity_nonpoly.entity_id 
_pdbx_entity_nonpoly.name 
_pdbx_entity_nonpoly.comp_id 
2 GLYCEROL GOL 
3 water    HOH 
# 
loop_
_entity_poly_seq.entity_id 
_entity_poly_seq.num 
_entity_poly_seq.mon_id 
_entity_poly_seq.hetero 
1 1  GLY n 
1 2  SER n 
1 3  HIS n 
1 4  MSE n 
1 5  ARG n 
1 6  ARG n 
1 7  VAL n 
1 8  ARG n 
1 9  LEU n 
1 10 SER n 
1 11 GLU n 
1 12 VAL n 
1 13 ARG n 
1 14 THR n 
1 15 THR n 
1 16 LEU n 
1 17 LEU n 
1 18 HIS n 
1 19 ASN n 
1 20 ALA n 
1 21 GLN n 
1 22 THR n 
1 23 MSE n 
1 24 GLU n 
1 25 ARG n 
1 26 TYR n 
1 27 TYR n 
1 28 ARG n 
1 29 GLN n 
1 30 LYS n 
1 31 GLY n 
1 32 THR n 
1 33 PHE n 
1 34 LYS n 
1 35 THR n 
1 36 TYR n 
1 37 ASP n 
1 38 LYS n 
1 39 ASN n 
1 40 LYS n 
1 41 LEU n 
1 42 LYS n 
1 43 GLN n 
1 44 ASN n 
1 45 LYS n 
1 46 TYR n 
1 47 PHE n 
1 48 ASN n 
1 49 VAL n 
1 50 THR n 
1 51 LEU n 
1 52 SER n 
1 53 LYS n 
1 54 VAL n 
1 55 SER n 
1 56 PRO n 
1 57 ASP n 
1 58 HIS n 
1 59 PHE n 
1 60 THR n 
1 61 LEU n 
1 62 GLN n 
1 63 ALA n 
1 64 ASP n 
1 65 PRO n 
1 66 ASN n 
1 67 PRO n 
1 68 THR n 
1 69 THR n 
1 70 ASN n 
1 71 ASP n 
1 72 GLY n 
1 73 GLU n 
1 74 THR n 
1 75 CYS n 
1 76 VAL n 
1 77 VAL n 
1 78 THR n 
1 79 LEU n 
1 80 ASN n 
1 81 ASP n 
1 82 GLY n 
1 83 GLY n 
1 84 THR n 
1 85 ILE n 
1 86 ALA n 
1 87 ALA n 
1 88 SER n 
1 89 GLY n 
1 90 THR n 
1 91 ASN n 
1 92 GLN n 
1 93 SER n 
1 94 CYS n 
1 95 PRO n 
1 96 GLY n 
1 97 PHE n 
1 98 ASP n 
# 
_entity_src_gen.entity_id                          1 
_entity_src_gen.pdbx_src_id                        1 
_entity_src_gen.pdbx_alt_source_flag               sample 
_entity_src_gen.pdbx_seq_type                      'Biological sequence' 
_entity_src_gen.pdbx_beg_seq_num                   1 
_entity_src_gen.pdbx_end_seq_num                   98 
_entity_src_gen.gene_src_common_name               ? 
_entity_src_gen.gene_src_genus                     ? 
_entity_src_gen.pdbx_gene_src_gene                 A6L27_01160 
_entity_src_gen.gene_src_species                   ? 
_entity_src_gen.gene_src_strain                    ? 
_entity_src_gen.gene_src_tissue                    ? 
_entity_src_gen.gene_src_tissue_fraction           ? 
_entity_src_gen.gene_src_details                   ? 
_entity_src_gen.pdbx_gene_src_fragment             ? 
_entity_src_gen.pdbx_gene_src_scientific_name      'Neisseria meningitidis' 
_entity_src_gen.pdbx_gene_src_ncbi_taxonomy_id     487 
_entity_src_gen.pdbx_gene_src_variant              ? 
_entity_src_gen.pdbx_gene_src_cell_line            ? 
_entity_src_gen.pdbx_gene_src_atcc                 ? 
_entity_src_gen.pdbx_gene_src_organ                ? 
_entity_src_gen.pdbx_gene_src_organelle            ? 
_entity_src_gen.pdbx_gene_src_cell                 ? 
_entity_src_gen.pdbx_gene_src_cellular_location    ? 
_entity_src_gen.host_org_common_name               ? 
_entity_src_gen.pdbx_host_org_scientific_name      'Escherichia coli' 
_entity_src_gen.pdbx_host_org_ncbi_taxonomy_id     562 
_entity_src_gen.host_org_genus                     ? 
_entity_src_gen.pdbx_host_org_gene                 ? 
_entity_src_gen.pdbx_host_org_organ                ? 
_entity_src_gen.host_org_species                   ? 
_entity_src_gen.pdbx_host_org_tissue               ? 
_entity_src_gen.pdbx_host_org_tissue_fraction      ? 
_entity_src_gen.pdbx_host_org_strain               ? 
_entity_src_gen.pdbx_host_org_variant              ? 
_entity_src_gen.pdbx_host_org_cell_line            ? 
_entity_src_gen.pdbx_host_org_atcc                 ? 
_entity_src_gen.pdbx_host_org_culture_collection   ? 
_entity_src_gen.pdbx_host_org_cell                 ? 
_entity_src_gen.pdbx_host_org_organelle            ? 
_entity_src_gen.pdbx_host_org_cellular_location    ? 
_entity_src_gen.pdbx_host_org_vector_type          ? 
_entity_src_gen.pdbx_host_org_vector               ? 
_entity_src_gen.host_org_details                   ? 
_entity_src_gen.expression_system_id               ? 
_entity_src_gen.plasmid_name                       ? 
_entity_src_gen.plasmid_details                    ? 
_entity_src_gen.pdbx_description                   ? 
# 
loop_
_chem_comp.id 
_chem_comp.type 
_chem_comp.mon_nstd_flag 
_chem_comp.name 
_chem_comp.pdbx_synonyms 
_chem_comp.formula 
_chem_comp.formula_weight 
ALA 'L-peptide linking' y ALANINE          ?                               'C3 H7 N O2'     89.093  
ARG 'L-peptide linking' y ARGININE         ?                               'C6 H15 N4 O2 1' 175.209 
ASN 'L-peptide linking' y ASPARAGINE       ?                               'C4 H8 N2 O3'    132.118 
ASP 'L-peptide linking' y 'ASPARTIC ACID'  ?                               'C4 H7 N O4'     133.103 
CYS 'L-peptide linking' y CYSTEINE         ?                               'C3 H7 N O2 S'   121.158 
GLN 'L-peptide linking' y GLUTAMINE        ?                               'C5 H10 N2 O3'   146.144 
GLU 'L-peptide linking' y 'GLUTAMIC ACID'  ?                               'C5 H9 N O4'     147.129 
GLY 'peptide linking'   y GLYCINE          ?                               'C2 H5 N O2'     75.067  
GOL non-polymer         . GLYCEROL         'GLYCERIN; PROPANE-1,2,3-TRIOL' 'C3 H8 O3'       92.094  
HIS 'L-peptide linking' y HISTIDINE        ?                               'C6 H10 N3 O2 1' 156.162 
HOH non-polymer         . WATER            ?                               'H2 O'           18.015  
ILE 'L-peptide linking' y ISOLEUCINE       ?                               'C6 H13 N O2'    131.173 
LEU 'L-peptide linking' y LEUCINE          ?                               'C6 H13 N O2'    131.173 
LYS 'L-peptide linking' y LYSINE           ?                               'C6 H15 N2 O2 1' 147.195 
MSE 'L-peptide linking' n SELENOMETHIONINE ?                               'C5 H11 N O2 Se' 196.106 
PHE 'L-peptide linking' y PHENYLALANINE    ?                               'C9 H11 N O2'    165.189 
PRO 'L-peptide linking' y PROLINE          ?                               'C5 H9 N O2'     115.130 
SER 'L-peptide linking' y SERINE           ?                               'C3 H7 N O3'     105.093 
THR 'L-peptide linking' y THREONINE        ?                               'C4 H9 N O3'     119.119 
TYR 'L-peptide linking' y TYROSINE         ?                               'C9 H11 N O3'    181.189 
VAL 'L-peptide linking' y VALINE           ?                               'C5 H11 N O2'    117.146 
# 
loop_
_pdbx_poly_seq_scheme.asym_id 
_pdbx_poly_seq_scheme.entity_id 
_pdbx_poly_seq_scheme.seq_id 
_pdbx_poly_seq_scheme.mon_id 
_pdbx_poly_seq_scheme.ndb_seq_num 
_pdbx_poly_seq_scheme.pdb_seq_num 
_pdbx_poly_seq_scheme.auth_seq_num 
_pdbx_poly_seq_scheme.pdb_mon_id 
_pdbx_poly_seq_scheme.auth_mon_id 
_pdbx_poly_seq_scheme.pdb_strand_id 
_pdbx_poly_seq_scheme.pdb_ins_code 
_pdbx_poly_seq_scheme.hetero 
A 1 1  GLY 1  25  25  GLY GLY A . n 
A 1 2  SER 2  26  26  SER SER A . n 
A 1 3  HIS 3  27  27  HIS HIS A . n 
A 1 4  MSE 4  28  28  MSE MSE A . n 
A 1 5  ARG 5  29  29  ARG ARG A . n 
A 1 6  ARG 6  30  30  ARG ARG A . n 
A 1 7  VAL 7  31  31  VAL VAL A . n 
A 1 8  ARG 8  32  32  ARG ARG A . n 
A 1 9  LEU 9  33  33  LEU LEU A . n 
A 1 10 SER 10 34  34  SER SER A . n 
A 1 11 GLU 11 35  35  GLU GLU A . n 
A 1 12 VAL 12 36  36  VAL VAL A . n 
A 1 13 ARG 13 37  37  ARG ARG A . n 
A 1 14 THR 14 38  38  THR THR A . n 
A 1 15 THR 15 39  39  THR THR A . n 
A 1 16 LEU 16 40  40  LEU LEU A . n 
A 1 17 LEU 17 41  41  LEU LEU A . n 
A 1 18 HIS 18 42  42  HIS HIS A . n 
A 1 19 ASN 19 43  43  ASN ASN A . n 
A 1 20 ALA 20 44  44  ALA ALA A . n 
A 1 21 GLN 21 45  45  GLN GLN A . n 
A 1 22 THR 22 46  46  THR THR A . n 
A 1 23 MSE 23 47  47  MSE MSE A . n 
A 1 24 GLU 24 48  48  GLU GLU A . n 
A 1 25 ARG 25 49  49  ARG ARG A . n 
A 1 26 TYR 26 50  50  TYR TYR A . n 
A 1 27 TYR 27 51  51  TYR TYR A . n 
A 1 28 ARG 28 52  52  ARG ARG A . n 
A 1 29 GLN 29 53  53  GLN GLN A . n 
A 1 30 LYS 30 54  54  LYS LYS A . n 
A 1 31 GLY 31 55  55  GLY GLY A . n 
A 1 32 THR 32 56  56  THR THR A . n 
A 1 33 PHE 33 57  57  PHE PHE A . n 
A 1 34 LYS 34 58  58  LYS LYS A . n 
A 1 35 THR 35 59  59  THR THR A . n 
A 1 36 TYR 36 60  60  TYR TYR A . n 
A 1 37 ASP 37 61  61  ASP ASP A . n 
A 1 38 LYS 38 62  62  LYS LYS A . n 
A 1 39 ASN 39 63  63  ASN ASN A . n 
A 1 40 LYS 40 64  64  LYS LYS A . n 
A 1 41 LEU 41 65  65  LEU LEU A . n 
A 1 42 LYS 42 66  66  LYS LYS A . n 
A 1 43 GLN 43 67  67  GLN GLN A . n 
A 1 44 ASN 44 68  68  ASN ASN A . n 
A 1 45 LYS 45 69  69  LYS LYS A . n 
A 1 46 TYR 46 70  70  TYR TYR A . n 
A 1 47 PHE 47 71  71  PHE PHE A . n 
A 1 48 ASN 48 72  72  ASN ASN A . n 
A 1 49 VAL 49 73  73  VAL VAL A . n 
A 1 50 THR 50 74  74  THR THR A . n 
A 1 51 LEU 51 75  75  LEU LEU A . n 
A 1 52 SER 52 76  76  SER SER A . n 
A 1 53 LYS 53 77  77  LYS LYS A . n 
A 1 54 VAL 54 78  78  VAL VAL A . n 
A 1 55 SER 55 79  79  SER SER A . n 
A 1 56 PRO 56 80  80  PRO PRO A . n 
A 1 57 ASP 57 81  81  ASP ASP A . n 
A 1 58 HIS 58 82  82  HIS HIS A . n 
A 1 59 PHE 59 83  83  PHE PHE A . n 
A 1 60 THR 60 84  84  THR THR A . n 
A 1 61 LEU 61 85  85  LEU LEU A . n 
A 1 62 GLN 62 86  86  GLN GLN A . n 
A 1 63 ALA 63 87  87  ALA ALA A . n 
A 1 64 ASP 64 88  88  ASP ASP A . n 
A 1 65 PRO 65 89  89  PRO PRO A . n 
A 1 66 ASN 66 90  90  ASN ASN A . n 
A 1 67 PRO 67 91  91  PRO PRO A . n 
A 1 68 THR 68 92  92  THR THR A . n 
A 1 69 THR 69 93  93  THR THR A . n 
A 1 70 ASN 70 94  94  ASN ASN A . n 
A 1 71 ASP 71 95  95  ASP ASP A . n 
A 1 72 GLY 72 96  96  GLY GLY A . n 
A 1 73 GLU 73 97  97  GLU GLU A . n 
A 1 74 THR 74 98  98  THR THR A . n 
A 1 75 CYS 75 99  99  CYS CYS A . n 
A 1 76 VAL 76 100 100 VAL VAL A . n 
A 1 77 VAL 77 101 101 VAL VAL A . n 
A 1 78 THR 78 102 102 THR THR A . n 
A 1 79 LEU 79 103 103 LEU LEU A . n 
A 1 80 ASN 80 104 104 ASN ASN A . n 
A 1 81 ASP 81 105 105 ASP ASP A . n 
A 1 82 GLY 82 106 106 GLY GLY A . n 
A 1 83 GLY 83 107 107 GLY GLY A . n 
A 1 84 THR 84 108 108 THR THR A . n 
A 1 85 ILE 85 109 109 ILE ILE A . n 
A 1 86 ALA 86 110 110 ALA ALA A . n 
A 1 87 ALA 87 111 111 ALA ALA A . n 
A 1 88 SER 88 112 112 SER SER A . n 
A 1 89 GLY 89 113 113 GLY GLY A . n 
A 1 90 THR 90 114 114 THR THR A . n 
A 1 91 ASN 91 115 115 ASN ASN A . n 
A 1 92 GLN 92 116 116 GLN GLN A . n 
A 1 93 SER 93 117 117 SER SER A . n 
A 1 94 CYS 94 118 118 CYS CYS A . n 
A 1 95 PRO 95 119 119 PRO PRO A . n 
A 1 96 GLY 96 120 120 GLY GLY A . n 
A 1 97 PHE 97 121 121 PHE PHE A . n 
A 1 98 ASP 98 122 122 ASP ASP A . n 
# 
loop_
_pdbx_nonpoly_scheme.asym_id 
_pdbx_nonpoly_scheme.entity_id 
_pdbx_nonpoly_scheme.mon_id 
_pdbx_nonpoly_scheme.ndb_seq_num 
_pdbx_nonpoly_scheme.pdb_seq_num 
_pdbx_nonpoly_scheme.auth_seq_num 
_pdbx_nonpoly_scheme.pdb_mon_id 
_pdbx_nonpoly_scheme.auth_mon_id 
_pdbx_nonpoly_scheme.pdb_strand_id 
_pdbx_nonpoly_scheme.pdb_ins_code 
B 2 GOL 1  201 1  GOL GOL A . 
C 2 GOL 1  202 2  GOL GOL A . 
D 2 GOL 1  203 3  GOL GOL A . 
E 3 HOH 1  301 67 HOH HOH A . 
E 3 HOH 2  302 11 HOH HOH A . 
E 3 HOH 3  303 30 HOH HOH A . 
E 3 HOH 4  304 64 HOH HOH A . 
E 3 HOH 5  305 33 HOH HOH A . 
E 3 HOH 6  306 3  HOH HOH A . 
E 3 HOH 7  307 58 HOH HOH A . 
E 3 HOH 8  308 56 HOH HOH A . 
E 3 HOH 9  309 70 HOH HOH A . 
E 3 HOH 10 310 23 HOH HOH A . 
E 3 HOH 11 311 53 HOH HOH A . 
E 3 HOH 12 312 12 HOH HOH A . 
E 3 HOH 13 313 34 HOH HOH A . 
E 3 HOH 14 314 1  HOH HOH A . 
E 3 HOH 15 315 24 HOH HOH A . 
E 3 HOH 16 316 19 HOH HOH A . 
E 3 HOH 17 317 43 HOH HOH A . 
E 3 HOH 18 318 25 HOH HOH A . 
E 3 HOH 19 319 69 HOH HOH A . 
E 3 HOH 20 320 50 HOH HOH A . 
E 3 HOH 21 321 17 HOH HOH A . 
E 3 HOH 22 322 48 HOH HOH A . 
E 3 HOH 23 323 16 HOH HOH A . 
E 3 HOH 24 324 35 HOH HOH A . 
E 3 HOH 25 325 47 HOH HOH A . 
E 3 HOH 26 326 49 HOH HOH A . 
E 3 HOH 27 327 9  HOH HOH A . 
E 3 HOH 28 328 5  HOH HOH A . 
E 3 HOH 29 329 7  HOH HOH A . 
E 3 HOH 30 330 18 HOH HOH A . 
E 3 HOH 31 331 4  HOH HOH A . 
E 3 HOH 32 332 10 HOH HOH A . 
E 3 HOH 33 333 2  HOH HOH A . 
E 3 HOH 34 334 21 HOH HOH A . 
E 3 HOH 35 335 61 HOH HOH A . 
E 3 HOH 36 336 37 HOH HOH A . 
E 3 HOH 37 337 52 HOH HOH A . 
E 3 HOH 38 338 44 HOH HOH A . 
E 3 HOH 39 339 20 HOH HOH A . 
E 3 HOH 40 340 14 HOH HOH A . 
E 3 HOH 41 341 27 HOH HOH A . 
E 3 HOH 42 342 29 HOH HOH A . 
E 3 HOH 43 343 59 HOH HOH A . 
E 3 HOH 44 344 40 HOH HOH A . 
E 3 HOH 45 345 32 HOH HOH A . 
E 3 HOH 46 346 62 HOH HOH A . 
E 3 HOH 47 347 60 HOH HOH A . 
E 3 HOH 48 348 41 HOH HOH A . 
E 3 HOH 49 349 63 HOH HOH A . 
E 3 HOH 50 350 6  HOH HOH A . 
E 3 HOH 51 351 66 HOH HOH A . 
E 3 HOH 52 352 15 HOH HOH A . 
E 3 HOH 53 353 26 HOH HOH A . 
E 3 HOH 54 354 65 HOH HOH A . 
E 3 HOH 55 355 51 HOH HOH A . 
E 3 HOH 56 356 46 HOH HOH A . 
E 3 HOH 57 357 31 HOH HOH A . 
E 3 HOH 58 358 28 HOH HOH A . 
E 3 HOH 59 359 38 HOH HOH A . 
E 3 HOH 60 360 39 HOH HOH A . 
E 3 HOH 61 361 13 HOH HOH A . 
E 3 HOH 62 362 36 HOH HOH A . 
E 3 HOH 63 363 57 HOH HOH A . 
E 3 HOH 64 364 42 HOH HOH A . 
E 3 HOH 65 365 55 HOH HOH A . 
E 3 HOH 66 366 22 HOH HOH A . 
E 3 HOH 67 367 8  HOH HOH A . 
E 3 HOH 68 368 45 HOH HOH A . 
E 3 HOH 69 369 71 HOH HOH A . 
E 3 HOH 70 370 54 HOH HOH A . 
E 3 HOH 71 371 72 HOH HOH A . 
E 3 HOH 72 372 68 HOH HOH A . 
E 3 HOH 73 373 73 HOH HOH A . 
# 
loop_
_software.citation_id 
_software.classification 
_software.compiler_name 
_software.compiler_version 
_software.contact_author 
_software.contact_author_email 
_software.date 
_software.description 
_software.dependencies 
_software.hardware 
_software.language 
_software.location 
_software.mods 
_software.name 
_software.os 
_software.os_version 
_software.type 
_software.version 
_software.pdbx_ordinal 
? refinement       ? ? ? ? ? ? ? ? ? ? ? PHENIX  ? ? ? '(1.10.1_2155: ???)' 1 
? 'data reduction' ? ? ? ? ? ? ? ? ? ? ? XDS     ? ? ? .                    2 
? 'data scaling'   ? ? ? ? ? ? ? ? ? ? ? Aimless ? ? ? .                    3 
? phasing          ? ? ? ? ? ? ? ? ? ? ? SOLVE   ? ? ? .                    4 
# 
_cell.angle_alpha                  90.00 
_cell.angle_alpha_esd              ? 
_cell.angle_beta                   90.00 
_cell.angle_beta_esd               ? 
_cell.angle_gamma                  90.00 
_cell.angle_gamma_esd              ? 
_cell.entry_id                     5V23 
_cell.details                      ? 
_cell.formula_units_Z              ? 
_cell.length_a                     21.794 
_cell.length_a_esd                 ? 
_cell.length_b                     39.343 
_cell.length_b_esd                 ? 
_cell.length_c                     109.610 
_cell.length_c_esd                 ? 
_cell.volume                       ? 
_cell.volume_esd                   ? 
_cell.Z_PDB                        4 
_cell.reciprocal_angle_alpha       ? 
_cell.reciprocal_angle_beta        ? 
_cell.reciprocal_angle_gamma       ? 
_cell.reciprocal_angle_alpha_esd   ? 
_cell.reciprocal_angle_beta_esd    ? 
_cell.reciprocal_angle_gamma_esd   ? 
_cell.reciprocal_length_a          ? 
_cell.reciprocal_length_b          ? 
_cell.reciprocal_length_c          ? 
_cell.reciprocal_length_a_esd      ? 
_cell.reciprocal_length_b_esd      ? 
_cell.reciprocal_length_c_esd      ? 
_cell.pdbx_unique_axis             ? 
# 
_symmetry.entry_id                         5V23 
_symmetry.cell_setting                     ? 
_symmetry.Int_Tables_number                19 
_symmetry.space_group_name_Hall            ? 
_symmetry.space_group_name_H-M             'P 21 21 21' 
_symmetry.pdbx_full_space_group_name_H-M   ? 
# 
_exptl.absorpt_coefficient_mu     ? 
_exptl.absorpt_correction_T_max   ? 
_exptl.absorpt_correction_T_min   ? 
_exptl.absorpt_correction_type    ? 
_exptl.absorpt_process_details    ? 
_exptl.entry_id                   5V23 
_exptl.crystals_number            1 
_exptl.details                    ? 
_exptl.method                     'X-RAY DIFFRACTION' 
_exptl.method_details             ? 
# 
_exptl_crystal.colour                      ? 
_exptl_crystal.density_diffrn              ? 
_exptl_crystal.density_Matthews            2.12 
_exptl_crystal.density_method              ? 
_exptl_crystal.density_percent_sol         42.01 
_exptl_crystal.description                 ? 
_exptl_crystal.F_000                       ? 
_exptl_crystal.id                          1 
_exptl_crystal.preparation                 ? 
_exptl_crystal.size_max                    ? 
_exptl_crystal.size_mid                    ? 
_exptl_crystal.size_min                    ? 
_exptl_crystal.size_rad                    ? 
_exptl_crystal.colour_lustre               ? 
_exptl_crystal.colour_modifier             ? 
_exptl_crystal.colour_primary              ? 
_exptl_crystal.density_meas                ? 
_exptl_crystal.density_meas_esd            ? 
_exptl_crystal.density_meas_gt             ? 
_exptl_crystal.density_meas_lt             ? 
_exptl_crystal.density_meas_temp           ? 
_exptl_crystal.density_meas_temp_esd       ? 
_exptl_crystal.density_meas_temp_gt        ? 
_exptl_crystal.density_meas_temp_lt        ? 
_exptl_crystal.pdbx_crystal_image_url      ? 
_exptl_crystal.pdbx_crystal_image_format   ? 
_exptl_crystal.pdbx_mosaicity              ? 
_exptl_crystal.pdbx_mosaicity_esd          ? 
# 
_exptl_crystal_grow.apparatus       ? 
_exptl_crystal_grow.atmosphere      ? 
_exptl_crystal_grow.crystal_id      1 
_exptl_crystal_grow.details         ? 
_exptl_crystal_grow.method          'VAPOR DIFFUSION, HANGING DROP' 
_exptl_crystal_grow.method_ref      ? 
_exptl_crystal_grow.pH              5 
_exptl_crystal_grow.pressure        ? 
_exptl_crystal_grow.pressure_esd    ? 
_exptl_crystal_grow.seeding         ? 
_exptl_crystal_grow.seeding_ref     ? 
_exptl_crystal_grow.temp            293 
_exptl_crystal_grow.temp_details    ? 
_exptl_crystal_grow.temp_esd        ? 
_exptl_crystal_grow.time            ? 
_exptl_crystal_grow.pdbx_details    'PEG 8000, ammonium chloride,  sodium acetate pH 5.0' 
_exptl_crystal_grow.pdbx_pH_range   ? 
# 
_diffrn.ambient_environment    ? 
_diffrn.ambient_temp           100 
_diffrn.ambient_temp_details   ? 
_diffrn.ambient_temp_esd       ? 
_diffrn.crystal_id             1 
_diffrn.crystal_support        ? 
_diffrn.crystal_treatment      ? 
_diffrn.details                ? 
_diffrn.id                     1 
_diffrn.ambient_pressure       ? 
_diffrn.ambient_pressure_esd   ? 
_diffrn.ambient_pressure_gt    ? 
_diffrn.ambient_pressure_lt    ? 
_diffrn.ambient_temp_gt        ? 
_diffrn.ambient_temp_lt        ? 
# 
_diffrn_detector.details                      ? 
_diffrn_detector.detector                     CCD 
_diffrn_detector.diffrn_id                    1 
_diffrn_detector.type                         'ADSC QUANTUM 315r' 
_diffrn_detector.area_resol_mean              ? 
_diffrn_detector.dtime                        ? 
_diffrn_detector.pdbx_frames_total            ? 
_diffrn_detector.pdbx_collection_time_total   ? 
_diffrn_detector.pdbx_collection_date         2017-01-29 
# 
_diffrn_radiation.collimation                      ? 
_diffrn_radiation.diffrn_id                        1 
_diffrn_radiation.filter_edge                      ? 
_diffrn_radiation.inhomogeneity                    ? 
_diffrn_radiation.monochromator                    ? 
_diffrn_radiation.polarisn_norm                    ? 
_diffrn_radiation.polarisn_ratio                   ? 
_diffrn_radiation.probe                            ? 
_diffrn_radiation.type                             ? 
_diffrn_radiation.xray_symbol                      ? 
_diffrn_radiation.wavelength_id                    1 
_diffrn_radiation.pdbx_monochromatic_or_laue_m_l   M 
_diffrn_radiation.pdbx_wavelength_list             ? 
_diffrn_radiation.pdbx_wavelength                  ? 
_diffrn_radiation.pdbx_diffrn_protocol             MAD 
_diffrn_radiation.pdbx_analyzer                    ? 
_diffrn_radiation.pdbx_scattering_type             x-ray 
# 
loop_
_diffrn_radiation_wavelength.id 
_diffrn_radiation_wavelength.wavelength 
_diffrn_radiation_wavelength.wt 
1 0.976047 1.0 
2 0.979412 1.0 
# 
_diffrn_source.current                     ? 
_diffrn_source.details                     ? 
_diffrn_source.diffrn_id                   1 
_diffrn_source.power                       ? 
_diffrn_source.size                        ? 
_diffrn_source.source                      SYNCHROTRON 
_diffrn_source.target                      ? 
_diffrn_source.type                        'SSRL BEAMLINE BL7-1' 
_diffrn_source.voltage                     ? 
_diffrn_source.take-off_angle              ? 
_diffrn_source.pdbx_wavelength_list        '0.976047, 0.979412' 
_diffrn_source.pdbx_wavelength             ? 
_diffrn_source.pdbx_synchrotron_beamline   BL7-1 
_diffrn_source.pdbx_synchrotron_site       SSRL 
# 
_reflns.B_iso_Wilson_estimate            ? 
_reflns.entry_id                         5V23 
_reflns.data_reduction_details           ? 
_reflns.data_reduction_method            ? 
_reflns.d_resolution_high                1.956 
_reflns.d_resolution_low                 54.81 
_reflns.details                          ? 
_reflns.limit_h_max                      ? 
_reflns.limit_h_min                      ? 
_reflns.limit_k_max                      ? 
_reflns.limit_k_min                      ? 
_reflns.limit_l_max                      ? 
_reflns.limit_l_min                      ? 
_reflns.number_all                       ? 
_reflns.number_obs                       7263 
_reflns.observed_criterion               ? 
_reflns.observed_criterion_F_max         ? 
_reflns.observed_criterion_F_min         ? 
_reflns.observed_criterion_I_max         ? 
_reflns.observed_criterion_I_min         ? 
_reflns.observed_criterion_sigma_F       ? 
_reflns.observed_criterion_sigma_I       ? 
_reflns.percent_possible_obs             98.7 
_reflns.R_free_details                   ? 
_reflns.Rmerge_F_all                     ? 
_reflns.Rmerge_F_obs                     ? 
_reflns.Friedel_coverage                 ? 
_reflns.number_gt                        ? 
_reflns.threshold_expression             ? 
_reflns.pdbx_redundancy                  7.3 
_reflns.pdbx_Rmerge_I_obs                0.066 
_reflns.pdbx_Rmerge_I_all                ? 
_reflns.pdbx_Rsym_value                  ? 
_reflns.pdbx_netI_over_av_sigmaI         ? 
_reflns.pdbx_netI_over_sigmaI            23.9 
_reflns.pdbx_res_netI_over_av_sigmaI_2   ? 
_reflns.pdbx_res_netI_over_sigmaI_2      ? 
_reflns.pdbx_chi_squared                 ? 
_reflns.pdbx_scaling_rejects             ? 
_reflns.pdbx_d_res_high_opt              ? 
_reflns.pdbx_d_res_low_opt               ? 
_reflns.pdbx_d_res_opt_method            ? 
_reflns.phase_calculation_details        ? 
_reflns.pdbx_Rrim_I_all                  ? 
_reflns.pdbx_Rpim_I_all                  0.026 
_reflns.pdbx_d_opt                       ? 
_reflns.pdbx_number_measured_all         ? 
_reflns.pdbx_diffrn_id                   1 
_reflns.pdbx_ordinal                     1 
_reflns.pdbx_CC_half                     0.999 
_reflns.pdbx_R_split                     ? 
# 
_reflns_shell.d_res_high                  1.96 
_reflns_shell.d_res_low                   2.00 
_reflns_shell.meanI_over_sigI_all         ? 
_reflns_shell.meanI_over_sigI_obs         5.5 
_reflns_shell.number_measured_all         ? 
_reflns_shell.number_measured_obs         ? 
_reflns_shell.number_possible             ? 
_reflns_shell.number_unique_all           442 
_reflns_shell.number_unique_obs           ? 
_reflns_shell.percent_possible_all        89.2 
_reflns_shell.percent_possible_obs        ? 
_reflns_shell.Rmerge_F_all                ? 
_reflns_shell.Rmerge_F_obs                ? 
_reflns_shell.Rmerge_I_all                ? 
_reflns_shell.Rmerge_I_obs                0.288 
_reflns_shell.meanI_over_sigI_gt          ? 
_reflns_shell.meanI_over_uI_all           ? 
_reflns_shell.meanI_over_uI_gt            ? 
_reflns_shell.number_measured_gt          ? 
_reflns_shell.number_unique_gt            ? 
_reflns_shell.percent_possible_gt         ? 
_reflns_shell.Rmerge_F_gt                 ? 
_reflns_shell.Rmerge_I_gt                 ? 
_reflns_shell.pdbx_redundancy             5.7 
_reflns_shell.pdbx_Rsym_value             ? 
_reflns_shell.pdbx_chi_squared            ? 
_reflns_shell.pdbx_netI_over_sigmaI_all   ? 
_reflns_shell.pdbx_netI_over_sigmaI_obs   ? 
_reflns_shell.pdbx_Rrim_I_all             ? 
_reflns_shell.pdbx_Rpim_I_all             0.129 
_reflns_shell.pdbx_rejects                ? 
_reflns_shell.pdbx_ordinal                1 
_reflns_shell.pdbx_diffrn_id              1 
_reflns_shell.pdbx_CC_half                0.981 
_reflns_shell.pdbx_R_split                ? 
# 
_refine.aniso_B[1][1]                            ? 
_refine.aniso_B[1][2]                            ? 
_refine.aniso_B[1][3]                            ? 
_refine.aniso_B[2][2]                            ? 
_refine.aniso_B[2][3]                            ? 
_refine.aniso_B[3][3]                            ? 
_refine.B_iso_max                                ? 
_refine.B_iso_mean                               ? 
_refine.B_iso_min                                ? 
_refine.correlation_coeff_Fo_to_Fc               ? 
_refine.correlation_coeff_Fo_to_Fc_free          ? 
_refine.details                                  ? 
_refine.diff_density_max                         ? 
_refine.diff_density_max_esd                     ? 
_refine.diff_density_min                         ? 
_refine.diff_density_min_esd                     ? 
_refine.diff_density_rms                         ? 
_refine.diff_density_rms_esd                     ? 
_refine.entry_id                                 5V23 
_refine.pdbx_refine_id                           'X-RAY DIFFRACTION' 
_refine.ls_abs_structure_details                 ? 
_refine.ls_abs_structure_Flack                   ? 
_refine.ls_abs_structure_Flack_esd               ? 
_refine.ls_abs_structure_Rogers                  ? 
_refine.ls_abs_structure_Rogers_esd              ? 
_refine.ls_d_res_high                            1.956 
_refine.ls_d_res_low                             37.030 
_refine.ls_extinction_coef                       ? 
_refine.ls_extinction_coef_esd                   ? 
_refine.ls_extinction_expression                 ? 
_refine.ls_extinction_method                     ? 
_refine.ls_goodness_of_fit_all                   ? 
_refine.ls_goodness_of_fit_all_esd               ? 
_refine.ls_goodness_of_fit_obs                   ? 
_refine.ls_goodness_of_fit_obs_esd               ? 
_refine.ls_hydrogen_treatment                    ? 
_refine.ls_matrix_type                           ? 
_refine.ls_number_constraints                    ? 
_refine.ls_number_parameters                     ? 
_refine.ls_number_reflns_all                     ? 
_refine.ls_number_reflns_obs                     7217 
_refine.ls_number_reflns_R_free                  371 
_refine.ls_number_reflns_R_work                  ? 
_refine.ls_number_restraints                     ? 
_refine.ls_percent_reflns_obs                    98.53 
_refine.ls_percent_reflns_R_free                 5.14 
_refine.ls_R_factor_all                          ? 
_refine.ls_R_factor_obs                          0.1884 
_refine.ls_R_factor_R_free                       0.2545 
_refine.ls_R_factor_R_free_error                 ? 
_refine.ls_R_factor_R_free_error_details         ? 
_refine.ls_R_factor_R_work                       0.1846 
_refine.ls_R_Fsqd_factor_obs                     ? 
_refine.ls_R_I_factor_obs                        ? 
_refine.ls_redundancy_reflns_all                 ? 
_refine.ls_redundancy_reflns_obs                 ? 
_refine.ls_restrained_S_all                      ? 
_refine.ls_restrained_S_obs                      ? 
_refine.ls_shift_over_esd_max                    ? 
_refine.ls_shift_over_esd_mean                   ? 
_refine.ls_structure_factor_coef                 ? 
_refine.ls_weighting_details                     ? 
_refine.ls_weighting_scheme                      ? 
_refine.ls_wR_factor_all                         ? 
_refine.ls_wR_factor_obs                         ? 
_refine.ls_wR_factor_R_free                      ? 
_refine.ls_wR_factor_R_work                      ? 
_refine.occupancy_max                            ? 
_refine.occupancy_min                            ? 
_refine.solvent_model_details                    ? 
_refine.solvent_model_param_bsol                 ? 
_refine.solvent_model_param_ksol                 ? 
_refine.ls_R_factor_gt                           ? 
_refine.ls_goodness_of_fit_gt                    ? 
_refine.ls_goodness_of_fit_ref                   ? 
_refine.ls_shift_over_su_max                     ? 
_refine.ls_shift_over_su_max_lt                  ? 
_refine.ls_shift_over_su_mean                    ? 
_refine.ls_shift_over_su_mean_lt                 ? 
_refine.pdbx_ls_sigma_I                          ? 
_refine.pdbx_ls_sigma_F                          1.36 
_refine.pdbx_ls_sigma_Fsqd                       ? 
_refine.pdbx_data_cutoff_high_absF               ? 
_refine.pdbx_data_cutoff_high_rms_absF           ? 
_refine.pdbx_data_cutoff_low_absF                ? 
_refine.pdbx_isotropic_thermal_model             ? 
_refine.pdbx_ls_cross_valid_method               'FREE R-VALUE' 
_refine.pdbx_method_to_determine_struct          MAD 
_refine.pdbx_starting_model                      ? 
_refine.pdbx_stereochemistry_target_values       ? 
_refine.pdbx_R_Free_selection_details            ? 
_refine.pdbx_stereochem_target_val_spec_case     ? 
_refine.pdbx_overall_ESU_R                       ? 
_refine.pdbx_overall_ESU_R_Free                  ? 
_refine.pdbx_solvent_vdw_probe_radii             1.11 
_refine.pdbx_solvent_ion_probe_radii             ? 
_refine.pdbx_solvent_shrinkage_radii             0.90 
_refine.pdbx_real_space_R                        ? 
_refine.pdbx_density_correlation                 ? 
_refine.pdbx_pd_number_of_powder_patterns        ? 
_refine.pdbx_pd_number_of_points                 ? 
_refine.pdbx_pd_meas_number_of_points            ? 
_refine.pdbx_pd_proc_ls_prof_R_factor            ? 
_refine.pdbx_pd_proc_ls_prof_wR_factor           ? 
_refine.pdbx_pd_Marquardt_correlation_coeff      ? 
_refine.pdbx_pd_Fsqrd_R_factor                   ? 
_refine.pdbx_pd_ls_matrix_band_width             ? 
_refine.pdbx_overall_phase_error                 25.24 
_refine.pdbx_overall_SU_R_free_Cruickshank_DPI   ? 
_refine.pdbx_overall_SU_R_free_Blow_DPI          ? 
_refine.pdbx_overall_SU_R_Blow_DPI               ? 
_refine.pdbx_TLS_residual_ADP_flag               ? 
_refine.pdbx_diffrn_id                           1 
_refine.overall_SU_B                             ? 
_refine.overall_SU_ML                            0.10 
_refine.overall_SU_R_Cruickshank_DPI             ? 
_refine.overall_SU_R_free                        ? 
_refine.overall_FOM_free_R_set                   ? 
_refine.overall_FOM_work_R_set                   ? 
_refine.pdbx_average_fsc_overall                 ? 
_refine.pdbx_average_fsc_work                    ? 
_refine.pdbx_average_fsc_free                    ? 
# 
_refine_hist.pdbx_refine_id                   'X-RAY DIFFRACTION' 
_refine_hist.cycle_id                         LAST 
_refine_hist.pdbx_number_atoms_protein        773 
_refine_hist.pdbx_number_atoms_nucleic_acid   0 
_refine_hist.pdbx_number_atoms_ligand         18 
_refine_hist.number_atoms_solvent             73 
_refine_hist.number_atoms_total               864 
_refine_hist.d_res_high                       1.956 
_refine_hist.d_res_low                        37.030 
# 
loop_
_refine_ls_restr.pdbx_refine_id 
_refine_ls_restr.criterion 
_refine_ls_restr.dev_ideal 
_refine_ls_restr.dev_ideal_target 
_refine_ls_restr.number 
_refine_ls_restr.rejects 
_refine_ls_restr.type 
_refine_ls_restr.weight 
_refine_ls_restr.pdbx_restraint_function 
'X-RAY DIFFRACTION' ? 0.007  ? 824  ? f_bond_d           ? ? 
'X-RAY DIFFRACTION' ? 0.932  ? 1111 ? f_angle_d          ? ? 
'X-RAY DIFFRACTION' ? 16.705 ? 502  ? f_dihedral_angle_d ? ? 
'X-RAY DIFFRACTION' ? 0.048  ? 120  ? f_chiral_restr     ? ? 
'X-RAY DIFFRACTION' ? 0.005  ? 146  ? f_plane_restr      ? ? 
# 
loop_
_refine_ls_shell.pdbx_refine_id 
_refine_ls_shell.d_res_high 
_refine_ls_shell.d_res_low 
_refine_ls_shell.number_reflns_all 
_refine_ls_shell.number_reflns_obs 
_refine_ls_shell.number_reflns_R_free 
_refine_ls_shell.number_reflns_R_work 
_refine_ls_shell.percent_reflns_obs 
_refine_ls_shell.percent_reflns_R_free 
_refine_ls_shell.R_factor_all 
_refine_ls_shell.R_factor_obs 
_refine_ls_shell.R_factor_R_free 
_refine_ls_shell.R_factor_R_free_error 
_refine_ls_shell.R_factor_R_work 
_refine_ls_shell.redundancy_reflns_all 
_refine_ls_shell.redundancy_reflns_obs 
_refine_ls_shell.wR_factor_all 
_refine_ls_shell.wR_factor_obs 
_refine_ls_shell.wR_factor_R_free 
_refine_ls_shell.wR_factor_R_work 
_refine_ls_shell.pdbx_total_number_of_bins_used 
_refine_ls_shell.pdbx_phase_error 
_refine_ls_shell.pdbx_fsc_work 
_refine_ls_shell.pdbx_fsc_free 
'X-RAY DIFFRACTION' 1.9556 2.2385  . . 108 2181 97.00  . . . 0.2656 . 0.1805 . . . . . . . . . . 
'X-RAY DIFFRACTION' 2.2385 2.8201  . . 125 2273 99.00  . . . 0.2888 . 0.2028 . . . . . . . . . . 
'X-RAY DIFFRACTION' 2.8201 37.0365 . . 138 2392 100.00 . . . 0.2374 . 0.1775 . . . . . . . . . . 
# 
_struct.entry_id                     5V23 
_struct.title                        
'SeMet crystal structure of the Neisseria meningitidis non-core minor pilin PilV in the orthorhombic form' 
_struct.pdbx_model_details           ? 
_struct.pdbx_formula_weight          ? 
_struct.pdbx_formula_weight_method   ? 
_struct.pdbx_model_type_details      ? 
_struct.pdbx_CASP_flag               N 
# 
_struct_keywords.entry_id        5V23 
_struct_keywords.text            'pilin, minor pilin, type IV pili, Neisseria meningitidis, CELL ADHESION' 
_struct_keywords.pdbx_keywords   'CELL ADHESION' 
# 
loop_
_struct_asym.id 
_struct_asym.pdbx_blank_PDB_chainid_flag 
_struct_asym.pdbx_modified 
_struct_asym.entity_id 
_struct_asym.details 
A N N 1 ? 
B N N 2 ? 
C N N 2 ? 
D N N 2 ? 
E N N 3 ? 
# 
_struct_ref.id                         1 
_struct_ref.db_name                    UNP 
_struct_ref.db_code                    A0A1B1ZB31_NEIME 
_struct_ref.pdbx_db_accession          A0A1B1ZB31 
_struct_ref.pdbx_db_isoform            ? 
_struct_ref.entity_id                  1 
_struct_ref.pdbx_seq_one_letter_code   
;RRVRLSEVRTTLLHNAQTMERYYRQKGTFKTYDKNKLKQNKYFNVTLSKVSPDHFTLQADPNPTTNDGETCVVTLNDGGT
IAASGTNQSCPGFD
;
_struct_ref.pdbx_align_begin           36 
# 
_struct_ref_seq.align_id                      1 
_struct_ref_seq.ref_id                        1 
_struct_ref_seq.pdbx_PDB_id_code              5V23 
_struct_ref_seq.pdbx_strand_id                A 
_struct_ref_seq.seq_align_beg                 5 
_struct_ref_seq.pdbx_seq_align_beg_ins_code   ? 
_struct_ref_seq.seq_align_end                 98 
_struct_ref_seq.pdbx_seq_align_end_ins_code   ? 
_struct_ref_seq.pdbx_db_accession             A0A1B1ZB31 
_struct_ref_seq.db_align_beg                  36 
_struct_ref_seq.pdbx_db_align_beg_ins_code    ? 
_struct_ref_seq.db_align_end                  129 
_struct_ref_seq.pdbx_db_align_end_ins_code    ? 
_struct_ref_seq.pdbx_auth_seq_align_beg       29 
_struct_ref_seq.pdbx_auth_seq_align_end       122 
# 
loop_
_struct_ref_seq_dif.align_id 
_struct_ref_seq_dif.pdbx_pdb_id_code 
_struct_ref_seq_dif.mon_id 
_struct_ref_seq_dif.pdbx_pdb_strand_id 
_struct_ref_seq_dif.seq_num 
_struct_ref_seq_dif.pdbx_pdb_ins_code 
_struct_ref_seq_dif.pdbx_seq_db_name 
_struct_ref_seq_dif.pdbx_seq_db_accession_code 
_struct_ref_seq_dif.db_mon_id 
_struct_ref_seq_dif.pdbx_seq_db_seq_num 
_struct_ref_seq_dif.details 
_struct_ref_seq_dif.pdbx_auth_seq_num 
_struct_ref_seq_dif.pdbx_ordinal 
1 5V23 GLY A 1 ? UNP A0A1B1ZB31 ? ? 'expression tag' 25 1 
1 5V23 SER A 2 ? UNP A0A1B1ZB31 ? ? 'expression tag' 26 2 
1 5V23 HIS A 3 ? UNP A0A1B1ZB31 ? ? 'expression tag' 27 3 
1 5V23 MSE A 4 ? UNP A0A1B1ZB31 ? ? 'expression tag' 28 4 
# 
_pdbx_struct_assembly.id                   1 
_pdbx_struct_assembly.details              author_and_software_defined_assembly 
_pdbx_struct_assembly.method_details       PISA 
_pdbx_struct_assembly.oligomeric_details   monomeric 
_pdbx_struct_assembly.oligomeric_count     1 
# 
_pdbx_struct_assembly_gen.assembly_id       1 
_pdbx_struct_assembly_gen.oper_expression   1 
_pdbx_struct_assembly_gen.asym_id_list      A,B,C,D,E 
# 
_pdbx_struct_assembly_auth_evidence.id                     1 
_pdbx_struct_assembly_auth_evidence.assembly_id            1 
_pdbx_struct_assembly_auth_evidence.experimental_support   'gel filtration' 
_pdbx_struct_assembly_auth_evidence.details                ? 
# 
_pdbx_struct_oper_list.id                   1 
_pdbx_struct_oper_list.type                 'identity operation' 
_pdbx_struct_oper_list.name                 1_555 
_pdbx_struct_oper_list.symmetry_operation   x,y,z 
_pdbx_struct_oper_list.matrix[1][1]         1.0000000000 
_pdbx_struct_oper_list.matrix[1][2]         0.0000000000 
_pdbx_struct_oper_list.matrix[1][3]         0.0000000000 
_pdbx_struct_oper_list.vector[1]            0.0000000000 
_pdbx_struct_oper_list.matrix[2][1]         0.0000000000 
_pdbx_struct_oper_list.matrix[2][2]         1.0000000000 
_pdbx_struct_oper_list.matrix[2][3]         0.0000000000 
_pdbx_struct_oper_list.vector[2]            0.0000000000 
_pdbx_struct_oper_list.matrix[3][1]         0.0000000000 
_pdbx_struct_oper_list.matrix[3][2]         0.0000000000 
_pdbx_struct_oper_list.matrix[3][3]         1.0000000000 
_pdbx_struct_oper_list.vector[3]            0.0000000000 
# 
loop_
_struct_conf.conf_type_id 
_struct_conf.id 
_struct_conf.pdbx_PDB_helix_id 
_struct_conf.beg_label_comp_id 
_struct_conf.beg_label_asym_id 
_struct_conf.beg_label_seq_id 
_struct_conf.pdbx_beg_PDB_ins_code 
_struct_conf.end_label_comp_id 
_struct_conf.end_label_asym_id 
_struct_conf.end_label_seq_id 
_struct_conf.pdbx_end_PDB_ins_code 
_struct_conf.beg_auth_comp_id 
_struct_conf.beg_auth_asym_id 
_struct_conf.beg_auth_seq_id 
_struct_conf.end_auth_comp_id 
_struct_conf.end_auth_asym_id 
_struct_conf.end_auth_seq_id 
_struct_conf.pdbx_PDB_helix_class 
_struct_conf.details 
_struct_conf.pdbx_PDB_helix_length 
HELX_P HELX_P1 AA1 GLY A 1  ? GLY A 31 ? GLY A 25 GLY A 55 1 ? 31 
HELX_P HELX_P2 AA2 ASP A 37 ? LEU A 41 ? ASP A 61 LEU A 65 5 ? 5  
# 
_struct_conf_type.id          HELX_P 
_struct_conf_type.criteria    ? 
_struct_conf_type.reference   ? 
# 
loop_
_struct_conn.id 
_struct_conn.conn_type_id 
_struct_conn.pdbx_leaving_atom_flag 
_struct_conn.pdbx_PDB_id 
_struct_conn.ptnr1_label_asym_id 
_struct_conn.ptnr1_label_comp_id 
_struct_conn.ptnr1_label_seq_id 
_struct_conn.ptnr1_label_atom_id 
_struct_conn.pdbx_ptnr1_label_alt_id 
_struct_conn.pdbx_ptnr1_PDB_ins_code 
_struct_conn.pdbx_ptnr1_standard_comp_id 
_struct_conn.ptnr1_symmetry 
_struct_conn.ptnr2_label_asym_id 
_struct_conn.ptnr2_label_comp_id 
_struct_conn.ptnr2_label_seq_id 
_struct_conn.ptnr2_label_atom_id 
_struct_conn.pdbx_ptnr2_label_alt_id 
_struct_conn.pdbx_ptnr2_PDB_ins_code 
_struct_conn.ptnr1_auth_asym_id 
_struct_conn.ptnr1_auth_comp_id 
_struct_conn.ptnr1_auth_seq_id 
_struct_conn.ptnr2_auth_asym_id 
_struct_conn.ptnr2_auth_comp_id 
_struct_conn.ptnr2_auth_seq_id 
_struct_conn.ptnr2_symmetry 
_struct_conn.pdbx_ptnr3_label_atom_id 
_struct_conn.pdbx_ptnr3_label_seq_id 
_struct_conn.pdbx_ptnr3_label_comp_id 
_struct_conn.pdbx_ptnr3_label_asym_id 
_struct_conn.pdbx_ptnr3_label_alt_id 
_struct_conn.pdbx_ptnr3_PDB_ins_code 
_struct_conn.details 
_struct_conn.pdbx_dist_value 
_struct_conn.pdbx_value_order 
_struct_conn.pdbx_role 
disulf1 disulf ?    ? A CYS 75 SG ? ? ? 1_555 A CYS 94 SG ? ? A CYS 99 A CYS 118 1_555 ? ? ? ? ? ? ? 2.045 ? ? 
covale1 covale both ? A HIS 3  C  ? ? ? 1_555 A MSE 4  N  ? ? A HIS 27 A MSE 28  1_555 ? ? ? ? ? ? ? 1.332 ? ? 
covale2 covale both ? A MSE 4  C  ? ? ? 1_555 A ARG 5  N  ? ? A MSE 28 A ARG 29  1_555 ? ? ? ? ? ? ? 1.335 ? ? 
covale3 covale both ? A THR 22 C  ? ? ? 1_555 A MSE 23 N  A ? A THR 46 A MSE 47  1_555 ? ? ? ? ? ? ? 1.325 ? ? 
covale4 covale both ? A THR 22 C  ? ? ? 1_555 A MSE 23 N  B ? A THR 46 A MSE 47  1_555 ? ? ? ? ? ? ? 1.331 ? ? 
covale5 covale both ? A MSE 23 C  A ? ? 1_555 A GLU 24 N  ? ? A MSE 47 A GLU 48  1_555 ? ? ? ? ? ? ? 1.339 ? ? 
covale6 covale both ? A MSE 23 C  B ? ? 1_555 A GLU 24 N  ? ? A MSE 47 A GLU 48  1_555 ? ? ? ? ? ? ? 1.337 ? ? 
# 
loop_
_struct_conn_type.id 
_struct_conn_type.criteria 
_struct_conn_type.reference 
disulf ? ? 
covale ? ? 
# 
loop_
_pdbx_modification_feature.ordinal 
_pdbx_modification_feature.label_comp_id 
_pdbx_modification_feature.label_asym_id 
_pdbx_modification_feature.label_seq_id 
_pdbx_modification_feature.label_alt_id 
_pdbx_modification_feature.modified_residue_label_comp_id 
_pdbx_modification_feature.modified_residue_label_asym_id 
_pdbx_modification_feature.modified_residue_label_seq_id 
_pdbx_modification_feature.modified_residue_label_alt_id 
_pdbx_modification_feature.auth_comp_id 
_pdbx_modification_feature.auth_asym_id 
_pdbx_modification_feature.auth_seq_id 
_pdbx_modification_feature.PDB_ins_code 
_pdbx_modification_feature.symmetry 
_pdbx_modification_feature.modified_residue_auth_comp_id 
_pdbx_modification_feature.modified_residue_auth_asym_id 
_pdbx_modification_feature.modified_residue_auth_seq_id 
_pdbx_modification_feature.modified_residue_PDB_ins_code 
_pdbx_modification_feature.modified_residue_symmetry 
_pdbx_modification_feature.comp_id_linking_atom 
_pdbx_modification_feature.modified_residue_id_linking_atom 
_pdbx_modification_feature.modified_residue_id 
_pdbx_modification_feature.ref_pcm_id 
_pdbx_modification_feature.ref_comp_id 
_pdbx_modification_feature.type 
_pdbx_modification_feature.category 
1 MSE A 4  ? .   . .  . MSE A 28 ? 1_555 .   . .   . .     .  .  MET 1 MSE Selenomethionine 'Named protein modification' 
2 MSE A 23 A .   . .  . MSE A 47 ? 1_555 .   . .   . .     .  .  MET 1 MSE Selenomethionine 'Named protein modification' 
3 MSE A 23 B .   . .  . MSE A 47 ? 1_555 .   . .   . .     .  .  MET 1 MSE Selenomethionine 'Named protein modification' 
4 CYS A 75 ? CYS A 94 ? CYS A 99 ? 1_555 CYS A 118 ? 1_555 SG SG .   . .   None             'Disulfide bridge'           
# 
_struct_sheet.id               AA1 
_struct_sheet.type             ? 
_struct_sheet.number_strands   4 
_struct_sheet.details          ? 
# 
loop_
_struct_sheet_order.sheet_id 
_struct_sheet_order.range_id_1 
_struct_sheet_order.range_id_2 
_struct_sheet_order.offset 
_struct_sheet_order.sense 
AA1 1 2 ? anti-parallel 
AA1 2 3 ? anti-parallel 
AA1 3 4 ? anti-parallel 
# 
loop_
_struct_sheet_range.sheet_id 
_struct_sheet_range.id 
_struct_sheet_range.beg_label_comp_id 
_struct_sheet_range.beg_label_asym_id 
_struct_sheet_range.beg_label_seq_id 
_struct_sheet_range.pdbx_beg_PDB_ins_code 
_struct_sheet_range.end_label_comp_id 
_struct_sheet_range.end_label_asym_id 
_struct_sheet_range.end_label_seq_id 
_struct_sheet_range.pdbx_end_PDB_ins_code 
_struct_sheet_range.beg_auth_comp_id 
_struct_sheet_range.beg_auth_asym_id 
_struct_sheet_range.beg_auth_seq_id 
_struct_sheet_range.end_auth_comp_id 
_struct_sheet_range.end_auth_asym_id 
_struct_sheet_range.end_auth_seq_id 
AA1 1 PHE A 47 ? VAL A 54 ? PHE A 71  VAL A 78  
AA1 2 PHE A 59 ? PRO A 65 ? PHE A 83  PRO A 89  
AA1 3 VAL A 76 ? ASN A 80 ? VAL A 100 ASN A 104 
AA1 4 ILE A 85 ? SER A 88 ? ILE A 109 SER A 112 
# 
loop_
_pdbx_struct_sheet_hbond.sheet_id 
_pdbx_struct_sheet_hbond.range_id_1 
_pdbx_struct_sheet_hbond.range_id_2 
_pdbx_struct_sheet_hbond.range_1_label_atom_id 
_pdbx_struct_sheet_hbond.range_1_label_comp_id 
_pdbx_struct_sheet_hbond.range_1_label_asym_id 
_pdbx_struct_sheet_hbond.range_1_label_seq_id 
_pdbx_struct_sheet_hbond.range_1_PDB_ins_code 
_pdbx_struct_sheet_hbond.range_1_auth_atom_id 
_pdbx_struct_sheet_hbond.range_1_auth_comp_id 
_pdbx_struct_sheet_hbond.range_1_auth_asym_id 
_pdbx_struct_sheet_hbond.range_1_auth_seq_id 
_pdbx_struct_sheet_hbond.range_2_label_atom_id 
_pdbx_struct_sheet_hbond.range_2_label_comp_id 
_pdbx_struct_sheet_hbond.range_2_label_asym_id 
_pdbx_struct_sheet_hbond.range_2_label_seq_id 
_pdbx_struct_sheet_hbond.range_2_PDB_ins_code 
_pdbx_struct_sheet_hbond.range_2_auth_atom_id 
_pdbx_struct_sheet_hbond.range_2_auth_comp_id 
_pdbx_struct_sheet_hbond.range_2_auth_asym_id 
_pdbx_struct_sheet_hbond.range_2_auth_seq_id 
AA1 1 2 N ASN A 48 ? N ASN A 72  O ASP A 64 ? O ASP A 88  
AA1 2 3 N LEU A 61 ? N LEU A 85  O LEU A 79 ? O LEU A 103 
AA1 3 4 N THR A 78 ? N THR A 102 O ALA A 86 ? O ALA A 110 
# 
loop_
_struct_site.id 
_struct_site.pdbx_evidence_code 
_struct_site.pdbx_auth_asym_id 
_struct_site.pdbx_auth_comp_id 
_struct_site.pdbx_auth_seq_id 
_struct_site.pdbx_auth_ins_code 
_struct_site.pdbx_num_residues 
_struct_site.details 
AC1 Software A GOL 201 ? 7 'binding site for residue GOL A 201' 
AC2 Software A GOL 202 ? 5 'binding site for residue GOL A 202' 
AC3 Software A GOL 203 ? 5 'binding site for residue GOL A 203' 
# 
loop_
_struct_site_gen.id 
_struct_site_gen.site_id 
_struct_site_gen.pdbx_num_res 
_struct_site_gen.label_comp_id 
_struct_site_gen.label_asym_id 
_struct_site_gen.label_seq_id 
_struct_site_gen.pdbx_auth_ins_code 
_struct_site_gen.auth_comp_id 
_struct_site_gen.auth_asym_id 
_struct_site_gen.auth_seq_id 
_struct_site_gen.label_atom_id 
_struct_site_gen.label_alt_id 
_struct_site_gen.symmetry 
_struct_site_gen.details 
1  AC1 7 GLY A 1  ? GLY A 25  . ? 1_555 ? 
2  AC1 7 MSE A 4  ? MSE A 28  . ? 1_555 ? 
3  AC1 7 ASP A 71 ? ASP A 95  . ? 1_555 ? 
4  AC1 7 VAL A 76 ? VAL A 100 . ? 3_646 ? 
5  AC1 7 THR A 78 ? THR A 102 . ? 3_646 ? 
6  AC1 7 SER A 88 ? SER A 112 . ? 3_646 ? 
7  AC1 7 HOH E .  ? HOH A 306 . ? 1_555 ? 
8  AC2 5 THR A 78 ? THR A 102 . ? 1_555 ? 
9  AC2 5 ASN A 80 ? ASN A 104 . ? 1_555 ? 
10 AC2 5 THR A 84 ? THR A 108 . ? 1_555 ? 
11 AC2 5 HOH E .  ? HOH A 307 . ? 1_555 ? 
12 AC2 5 HOH E .  ? HOH A 348 . ? 1_555 ? 
13 AC3 5 MSE A 4  ? MSE A 28  . ? 1_555 ? 
14 AC3 5 ARG A 8  ? ARG A 32  . ? 1_555 ? 
15 AC3 5 TYR A 46 ? TYR A 70  . ? 1_555 ? 
16 AC3 5 THR A 90 ? THR A 114 . ? 3_646 ? 
17 AC3 5 HOH E .  ? HOH A 308 . ? 1_555 ? 
# 
_pdbx_entry_details.entry_id                   5V23 
_pdbx_entry_details.compound_details           ? 
_pdbx_entry_details.source_details             ? 
_pdbx_entry_details.nonpolymer_details         ? 
_pdbx_entry_details.sequence_details           ? 
_pdbx_entry_details.has_ligand_of_interest     ? 
_pdbx_entry_details.has_protein_modification   Y 
# 
_pdbx_validate_close_contact.id               1 
_pdbx_validate_close_contact.PDB_model_num    1 
_pdbx_validate_close_contact.auth_atom_id_1   O 
_pdbx_validate_close_contact.auth_asym_id_1   A 
_pdbx_validate_close_contact.auth_comp_id_1   LYS 
_pdbx_validate_close_contact.auth_seq_id_1    58 
_pdbx_validate_close_contact.PDB_ins_code_1   ? 
_pdbx_validate_close_contact.label_alt_id_1   ? 
_pdbx_validate_close_contact.auth_atom_id_2   O 
_pdbx_validate_close_contact.auth_asym_id_2   A 
_pdbx_validate_close_contact.auth_comp_id_2   HOH 
_pdbx_validate_close_contact.auth_seq_id_2    301 
_pdbx_validate_close_contact.PDB_ins_code_2   ? 
_pdbx_validate_close_contact.label_alt_id_2   ? 
_pdbx_validate_close_contact.dist             2.06 
# 
_pdbx_validate_symm_contact.id                1 
_pdbx_validate_symm_contact.PDB_model_num     1 
_pdbx_validate_symm_contact.auth_atom_id_1    NH2 
_pdbx_validate_symm_contact.auth_asym_id_1    A 
_pdbx_validate_symm_contact.auth_comp_id_1    ARG 
_pdbx_validate_symm_contact.auth_seq_id_1     52 
_pdbx_validate_symm_contact.PDB_ins_code_1    ? 
_pdbx_validate_symm_contact.label_alt_id_1    ? 
_pdbx_validate_symm_contact.site_symmetry_1   1_555 
_pdbx_validate_symm_contact.auth_atom_id_2    O 
_pdbx_validate_symm_contact.auth_asym_id_2    A 
_pdbx_validate_symm_contact.auth_comp_id_2    HOH 
_pdbx_validate_symm_contact.auth_seq_id_2     301 
_pdbx_validate_symm_contact.PDB_ins_code_2    ? 
_pdbx_validate_symm_contact.label_alt_id_2    ? 
_pdbx_validate_symm_contact.site_symmetry_2   1_655 
_pdbx_validate_symm_contact.dist              2.16 
# 
_pdbx_struct_mod_residue.id               1 
_pdbx_struct_mod_residue.label_asym_id    A 
_pdbx_struct_mod_residue.label_comp_id    MSE 
_pdbx_struct_mod_residue.label_seq_id     23 
_pdbx_struct_mod_residue.auth_asym_id     A 
_pdbx_struct_mod_residue.auth_comp_id     MSE 
_pdbx_struct_mod_residue.auth_seq_id      47 
_pdbx_struct_mod_residue.PDB_ins_code     ? 
_pdbx_struct_mod_residue.parent_comp_id   MET 
_pdbx_struct_mod_residue.details          'modified residue' 
# 
_pdbx_refine_tls.pdbx_refine_id   'X-RAY DIFFRACTION' 
_pdbx_refine_tls.id               1 
_pdbx_refine_tls.details          ? 
_pdbx_refine_tls.method           refined 
_pdbx_refine_tls.origin_x         -0.2968 
_pdbx_refine_tls.origin_y         -0.0341 
_pdbx_refine_tls.origin_z         0.3955 
_pdbx_refine_tls.T[1][1]          0.1466 
_pdbx_refine_tls.T[2][2]          0.1296 
_pdbx_refine_tls.T[3][3]          0.1537 
_pdbx_refine_tls.T[1][2]          -0.0017 
_pdbx_refine_tls.T[1][3]          0.0404 
_pdbx_refine_tls.T[2][3]          -0.0204 
_pdbx_refine_tls.L[1][1]          0.6218 
_pdbx_refine_tls.L[2][2]          2.3668 
_pdbx_refine_tls.L[3][3]          0.6816 
_pdbx_refine_tls.L[1][2]          -0.5305 
_pdbx_refine_tls.L[1][3]          -0.1548 
_pdbx_refine_tls.L[2][3]          0.2154 
_pdbx_refine_tls.S[1][1]          0.0237 
_pdbx_refine_tls.S[1][2]          -0.0479 
_pdbx_refine_tls.S[1][3]          -0.0460 
_pdbx_refine_tls.S[2][1]          0.4006 
_pdbx_refine_tls.S[2][2]          -0.0030 
_pdbx_refine_tls.S[2][3]          0.3160 
_pdbx_refine_tls.S[3][1]          -0.0760 
_pdbx_refine_tls.S[3][2]          0.0147 
_pdbx_refine_tls.S[3][3]          -0.0698 
# 
_pdbx_refine_tls_group.pdbx_refine_id      'X-RAY DIFFRACTION' 
_pdbx_refine_tls_group.id                  1 
_pdbx_refine_tls_group.refine_tls_id       1 
_pdbx_refine_tls_group.beg_auth_asym_id    ? 
_pdbx_refine_tls_group.beg_auth_seq_id     ? 
_pdbx_refine_tls_group.beg_label_asym_id   ? 
_pdbx_refine_tls_group.beg_label_seq_id    ? 
_pdbx_refine_tls_group.end_auth_asym_id    ? 
_pdbx_refine_tls_group.end_auth_seq_id     ? 
_pdbx_refine_tls_group.end_label_asym_id   ? 
_pdbx_refine_tls_group.end_label_seq_id    ? 
_pdbx_refine_tls_group.selection           ? 
_pdbx_refine_tls_group.selection_details   
;chain 'A' and (resid 25 through 122 )
;
# 
loop_
_chem_comp_atom.comp_id 
_chem_comp_atom.atom_id 
_chem_comp_atom.type_symbol 
_chem_comp_atom.pdbx_aromatic_flag 
_chem_comp_atom.pdbx_stereo_config 
_chem_comp_atom.pdbx_ordinal 
ALA N    N  N N 1   
ALA CA   C  N S 2   
ALA C    C  N N 3   
ALA O    O  N N 4   
ALA CB   C  N N 5   
ALA OXT  O  N N 6   
ALA H    H  N N 7   
ALA H2   H  N N 8   
ALA HA   H  N N 9   
ALA HB1  H  N N 10  
ALA HB2  H  N N 11  
ALA HB3  H  N N 12  
ALA HXT  H  N N 13  
ARG N    N  N N 14  
ARG CA   C  N S 15  
ARG C    C  N N 16  
ARG O    O  N N 17  
ARG CB   C  N N 18  
ARG CG   C  N N 19  
ARG CD   C  N N 20  
ARG NE   N  N N 21  
ARG CZ   C  N N 22  
ARG NH1  N  N N 23  
ARG NH2  N  N N 24  
ARG OXT  O  N N 25  
ARG H    H  N N 26  
ARG H2   H  N N 27  
ARG HA   H  N N 28  
ARG HB2  H  N N 29  
ARG HB3  H  N N 30  
ARG HG2  H  N N 31  
ARG HG3  H  N N 32  
ARG HD2  H  N N 33  
ARG HD3  H  N N 34  
ARG HE   H  N N 35  
ARG HH11 H  N N 36  
ARG HH12 H  N N 37  
ARG HH21 H  N N 38  
ARG HH22 H  N N 39  
ARG HXT  H  N N 40  
ASN N    N  N N 41  
ASN CA   C  N S 42  
ASN C    C  N N 43  
ASN O    O  N N 44  
ASN CB   C  N N 45  
ASN CG   C  N N 46  
ASN OD1  O  N N 47  
ASN ND2  N  N N 48  
ASN OXT  O  N N 49  
ASN H    H  N N 50  
ASN H2   H  N N 51  
ASN HA   H  N N 52  
ASN HB2  H  N N 53  
ASN HB3  H  N N 54  
ASN HD21 H  N N 55  
ASN HD22 H  N N 56  
ASN HXT  H  N N 57  
ASP N    N  N N 58  
ASP CA   C  N S 59  
ASP C    C  N N 60  
ASP O    O  N N 61  
ASP CB   C  N N 62  
ASP CG   C  N N 63  
ASP OD1  O  N N 64  
ASP OD2  O  N N 65  
ASP OXT  O  N N 66  
ASP H    H  N N 67  
ASP H2   H  N N 68  
ASP HA   H  N N 69  
ASP HB2  H  N N 70  
ASP HB3  H  N N 71  
ASP HD2  H  N N 72  
ASP HXT  H  N N 73  
CYS N    N  N N 74  
CYS CA   C  N R 75  
CYS C    C  N N 76  
CYS O    O  N N 77  
CYS CB   C  N N 78  
CYS SG   S  N N 79  
CYS OXT  O  N N 80  
CYS H    H  N N 81  
CYS H2   H  N N 82  
CYS HA   H  N N 83  
CYS HB2  H  N N 84  
CYS HB3  H  N N 85  
CYS HG   H  N N 86  
CYS HXT  H  N N 87  
GLN N    N  N N 88  
GLN CA   C  N S 89  
GLN C    C  N N 90  
GLN O    O  N N 91  
GLN CB   C  N N 92  
GLN CG   C  N N 93  
GLN CD   C  N N 94  
GLN OE1  O  N N 95  
GLN NE2  N  N N 96  
GLN OXT  O  N N 97  
GLN H    H  N N 98  
GLN H2   H  N N 99  
GLN HA   H  N N 100 
GLN HB2  H  N N 101 
GLN HB3  H  N N 102 
GLN HG2  H  N N 103 
GLN HG3  H  N N 104 
GLN HE21 H  N N 105 
GLN HE22 H  N N 106 
GLN HXT  H  N N 107 
GLU N    N  N N 108 
GLU CA   C  N S 109 
GLU C    C  N N 110 
GLU O    O  N N 111 
GLU CB   C  N N 112 
GLU CG   C  N N 113 
GLU CD   C  N N 114 
GLU OE1  O  N N 115 
GLU OE2  O  N N 116 
GLU OXT  O  N N 117 
GLU H    H  N N 118 
GLU H2   H  N N 119 
GLU HA   H  N N 120 
GLU HB2  H  N N 121 
GLU HB3  H  N N 122 
GLU HG2  H  N N 123 
GLU HG3  H  N N 124 
GLU HE2  H  N N 125 
GLU HXT  H  N N 126 
GLY N    N  N N 127 
GLY CA   C  N N 128 
GLY C    C  N N 129 
GLY O    O  N N 130 
GLY OXT  O  N N 131 
GLY H    H  N N 132 
GLY H2   H  N N 133 
GLY HA2  H  N N 134 
GLY HA3  H  N N 135 
GLY HXT  H  N N 136 
GOL C1   C  N N 137 
GOL O1   O  N N 138 
GOL C2   C  N N 139 
GOL O2   O  N N 140 
GOL C3   C  N N 141 
GOL O3   O  N N 142 
GOL H11  H  N N 143 
GOL H12  H  N N 144 
GOL HO1  H  N N 145 
GOL H2   H  N N 146 
GOL HO2  H  N N 147 
GOL H31  H  N N 148 
GOL H32  H  N N 149 
GOL HO3  H  N N 150 
HIS N    N  N N 151 
HIS CA   C  N S 152 
HIS C    C  N N 153 
HIS O    O  N N 154 
HIS CB   C  N N 155 
HIS CG   C  Y N 156 
HIS ND1  N  Y N 157 
HIS CD2  C  Y N 158 
HIS CE1  C  Y N 159 
HIS NE2  N  Y N 160 
HIS OXT  O  N N 161 
HIS H    H  N N 162 
HIS H2   H  N N 163 
HIS HA   H  N N 164 
HIS HB2  H  N N 165 
HIS HB3  H  N N 166 
HIS HD1  H  N N 167 
HIS HD2  H  N N 168 
HIS HE1  H  N N 169 
HIS HE2  H  N N 170 
HIS HXT  H  N N 171 
HOH O    O  N N 172 
HOH H1   H  N N 173 
HOH H2   H  N N 174 
ILE N    N  N N 175 
ILE CA   C  N S 176 
ILE C    C  N N 177 
ILE O    O  N N 178 
ILE CB   C  N S 179 
ILE CG1  C  N N 180 
ILE CG2  C  N N 181 
ILE CD1  C  N N 182 
ILE OXT  O  N N 183 
ILE H    H  N N 184 
ILE H2   H  N N 185 
ILE HA   H  N N 186 
ILE HB   H  N N 187 
ILE HG12 H  N N 188 
ILE HG13 H  N N 189 
ILE HG21 H  N N 190 
ILE HG22 H  N N 191 
ILE HG23 H  N N 192 
ILE HD11 H  N N 193 
ILE HD12 H  N N 194 
ILE HD13 H  N N 195 
ILE HXT  H  N N 196 
LEU N    N  N N 197 
LEU CA   C  N S 198 
LEU C    C  N N 199 
LEU O    O  N N 200 
LEU CB   C  N N 201 
LEU CG   C  N N 202 
LEU CD1  C  N N 203 
LEU CD2  C  N N 204 
LEU OXT  O  N N 205 
LEU H    H  N N 206 
LEU H2   H  N N 207 
LEU HA   H  N N 208 
LEU HB2  H  N N 209 
LEU HB3  H  N N 210 
LEU HG   H  N N 211 
LEU HD11 H  N N 212 
LEU HD12 H  N N 213 
LEU HD13 H  N N 214 
LEU HD21 H  N N 215 
LEU HD22 H  N N 216 
LEU HD23 H  N N 217 
LEU HXT  H  N N 218 
LYS N    N  N N 219 
LYS CA   C  N S 220 
LYS C    C  N N 221 
LYS O    O  N N 222 
LYS CB   C  N N 223 
LYS CG   C  N N 224 
LYS CD   C  N N 225 
LYS CE   C  N N 226 
LYS NZ   N  N N 227 
LYS OXT  O  N N 228 
LYS H    H  N N 229 
LYS H2   H  N N 230 
LYS HA   H  N N 231 
LYS HB2  H  N N 232 
LYS HB3  H  N N 233 
LYS HG2  H  N N 234 
LYS HG3  H  N N 235 
LYS HD2  H  N N 236 
LYS HD3  H  N N 237 
LYS HE2  H  N N 238 
LYS HE3  H  N N 239 
LYS HZ1  H  N N 240 
LYS HZ2  H  N N 241 
LYS HZ3  H  N N 242 
LYS HXT  H  N N 243 
MSE N    N  N N 244 
MSE CA   C  N S 245 
MSE C    C  N N 246 
MSE O    O  N N 247 
MSE OXT  O  N N 248 
MSE CB   C  N N 249 
MSE CG   C  N N 250 
MSE SE   SE N N 251 
MSE CE   C  N N 252 
MSE H    H  N N 253 
MSE H2   H  N N 254 
MSE HA   H  N N 255 
MSE HXT  H  N N 256 
MSE HB2  H  N N 257 
MSE HB3  H  N N 258 
MSE HG2  H  N N 259 
MSE HG3  H  N N 260 
MSE HE1  H  N N 261 
MSE HE2  H  N N 262 
MSE HE3  H  N N 263 
PHE N    N  N N 264 
PHE CA   C  N S 265 
PHE C    C  N N 266 
PHE O    O  N N 267 
PHE CB   C  N N 268 
PHE CG   C  Y N 269 
PHE CD1  C  Y N 270 
PHE CD2  C  Y N 271 
PHE CE1  C  Y N 272 
PHE CE2  C  Y N 273 
PHE CZ   C  Y N 274 
PHE OXT  O  N N 275 
PHE H    H  N N 276 
PHE H2   H  N N 277 
PHE HA   H  N N 278 
PHE HB2  H  N N 279 
PHE HB3  H  N N 280 
PHE HD1  H  N N 281 
PHE HD2  H  N N 282 
PHE HE1  H  N N 283 
PHE HE2  H  N N 284 
PHE HZ   H  N N 285 
PHE HXT  H  N N 286 
PRO N    N  N N 287 
PRO CA   C  N S 288 
PRO C    C  N N 289 
PRO O    O  N N 290 
PRO CB   C  N N 291 
PRO CG   C  N N 292 
PRO CD   C  N N 293 
PRO OXT  O  N N 294 
PRO H    H  N N 295 
PRO HA   H  N N 296 
PRO HB2  H  N N 297 
PRO HB3  H  N N 298 
PRO HG2  H  N N 299 
PRO HG3  H  N N 300 
PRO HD2  H  N N 301 
PRO HD3  H  N N 302 
PRO HXT  H  N N 303 
SER N    N  N N 304 
SER CA   C  N S 305 
SER C    C  N N 306 
SER O    O  N N 307 
SER CB   C  N N 308 
SER OG   O  N N 309 
SER OXT  O  N N 310 
SER H    H  N N 311 
SER H2   H  N N 312 
SER HA   H  N N 313 
SER HB2  H  N N 314 
SER HB3  H  N N 315 
SER HG   H  N N 316 
SER HXT  H  N N 317 
THR N    N  N N 318 
THR CA   C  N S 319 
THR C    C  N N 320 
THR O    O  N N 321 
THR CB   C  N R 322 
THR OG1  O  N N 323 
THR CG2  C  N N 324 
THR OXT  O  N N 325 
THR H    H  N N 326 
THR H2   H  N N 327 
THR HA   H  N N 328 
THR HB   H  N N 329 
THR HG1  H  N N 330 
THR HG21 H  N N 331 
THR HG22 H  N N 332 
THR HG23 H  N N 333 
THR HXT  H  N N 334 
TYR N    N  N N 335 
TYR CA   C  N S 336 
TYR C    C  N N 337 
TYR O    O  N N 338 
TYR CB   C  N N 339 
TYR CG   C  Y N 340 
TYR CD1  C  Y N 341 
TYR CD2  C  Y N 342 
TYR CE1  C  Y N 343 
TYR CE2  C  Y N 344 
TYR CZ   C  Y N 345 
TYR OH   O  N N 346 
TYR OXT  O  N N 347 
TYR H    H  N N 348 
TYR H2   H  N N 349 
TYR HA   H  N N 350 
TYR HB2  H  N N 351 
TYR HB3  H  N N 352 
TYR HD1  H  N N 353 
TYR HD2  H  N N 354 
TYR HE1  H  N N 355 
TYR HE2  H  N N 356 
TYR HH   H  N N 357 
TYR HXT  H  N N 358 
VAL N    N  N N 359 
VAL CA   C  N S 360 
VAL C    C  N N 361 
VAL O    O  N N 362 
VAL CB   C  N N 363 
VAL CG1  C  N N 364 
VAL CG2  C  N N 365 
VAL OXT  O  N N 366 
VAL H    H  N N 367 
VAL H2   H  N N 368 
VAL HA   H  N N 369 
VAL HB   H  N N 370 
VAL HG11 H  N N 371 
VAL HG12 H  N N 372 
VAL HG13 H  N N 373 
VAL HG21 H  N N 374 
VAL HG22 H  N N 375 
VAL HG23 H  N N 376 
VAL HXT  H  N N 377 
# 
loop_
_chem_comp_bond.comp_id 
_chem_comp_bond.atom_id_1 
_chem_comp_bond.atom_id_2 
_chem_comp_bond.value_order 
_chem_comp_bond.pdbx_aromatic_flag 
_chem_comp_bond.pdbx_stereo_config 
_chem_comp_bond.pdbx_ordinal 
ALA N   CA   sing N N 1   
ALA N   H    sing N N 2   
ALA N   H2   sing N N 3   
ALA CA  C    sing N N 4   
ALA CA  CB   sing N N 5   
ALA CA  HA   sing N N 6   
ALA C   O    doub N N 7   
ALA C   OXT  sing N N 8   
ALA CB  HB1  sing N N 9   
ALA CB  HB2  sing N N 10  
ALA CB  HB3  sing N N 11  
ALA OXT HXT  sing N N 12  
ARG N   CA   sing N N 13  
ARG N   H    sing N N 14  
ARG N   H2   sing N N 15  
ARG CA  C    sing N N 16  
ARG CA  CB   sing N N 17  
ARG CA  HA   sing N N 18  
ARG C   O    doub N N 19  
ARG C   OXT  sing N N 20  
ARG CB  CG   sing N N 21  
ARG CB  HB2  sing N N 22  
ARG CB  HB3  sing N N 23  
ARG CG  CD   sing N N 24  
ARG CG  HG2  sing N N 25  
ARG CG  HG3  sing N N 26  
ARG CD  NE   sing N N 27  
ARG CD  HD2  sing N N 28  
ARG CD  HD3  sing N N 29  
ARG NE  CZ   sing N N 30  
ARG NE  HE   sing N N 31  
ARG CZ  NH1  sing N N 32  
ARG CZ  NH2  doub N N 33  
ARG NH1 HH11 sing N N 34  
ARG NH1 HH12 sing N N 35  
ARG NH2 HH21 sing N N 36  
ARG NH2 HH22 sing N N 37  
ARG OXT HXT  sing N N 38  
ASN N   CA   sing N N 39  
ASN N   H    sing N N 40  
ASN N   H2   sing N N 41  
ASN CA  C    sing N N 42  
ASN CA  CB   sing N N 43  
ASN CA  HA   sing N N 44  
ASN C   O    doub N N 45  
ASN C   OXT  sing N N 46  
ASN CB  CG   sing N N 47  
ASN CB  HB2  sing N N 48  
ASN CB  HB3  sing N N 49  
ASN CG  OD1  doub N N 50  
ASN CG  ND2  sing N N 51  
ASN ND2 HD21 sing N N 52  
ASN ND2 HD22 sing N N 53  
ASN OXT HXT  sing N N 54  
ASP N   CA   sing N N 55  
ASP N   H    sing N N 56  
ASP N   H2   sing N N 57  
ASP CA  C    sing N N 58  
ASP CA  CB   sing N N 59  
ASP CA  HA   sing N N 60  
ASP C   O    doub N N 61  
ASP C   OXT  sing N N 62  
ASP CB  CG   sing N N 63  
ASP CB  HB2  sing N N 64  
ASP CB  HB3  sing N N 65  
ASP CG  OD1  doub N N 66  
ASP CG  OD2  sing N N 67  
ASP OD2 HD2  sing N N 68  
ASP OXT HXT  sing N N 69  
CYS N   CA   sing N N 70  
CYS N   H    sing N N 71  
CYS N   H2   sing N N 72  
CYS CA  C    sing N N 73  
CYS CA  CB   sing N N 74  
CYS CA  HA   sing N N 75  
CYS C   O    doub N N 76  
CYS C   OXT  sing N N 77  
CYS CB  SG   sing N N 78  
CYS CB  HB2  sing N N 79  
CYS CB  HB3  sing N N 80  
CYS SG  HG   sing N N 81  
CYS OXT HXT  sing N N 82  
GLN N   CA   sing N N 83  
GLN N   H    sing N N 84  
GLN N   H2   sing N N 85  
GLN CA  C    sing N N 86  
GLN CA  CB   sing N N 87  
GLN CA  HA   sing N N 88  
GLN C   O    doub N N 89  
GLN C   OXT  sing N N 90  
GLN CB  CG   sing N N 91  
GLN CB  HB2  sing N N 92  
GLN CB  HB3  sing N N 93  
GLN CG  CD   sing N N 94  
GLN CG  HG2  sing N N 95  
GLN CG  HG3  sing N N 96  
GLN CD  OE1  doub N N 97  
GLN CD  NE2  sing N N 98  
GLN NE2 HE21 sing N N 99  
GLN NE2 HE22 sing N N 100 
GLN OXT HXT  sing N N 101 
GLU N   CA   sing N N 102 
GLU N   H    sing N N 103 
GLU N   H2   sing N N 104 
GLU CA  C    sing N N 105 
GLU CA  CB   sing N N 106 
GLU CA  HA   sing N N 107 
GLU C   O    doub N N 108 
GLU C   OXT  sing N N 109 
GLU CB  CG   sing N N 110 
GLU CB  HB2  sing N N 111 
GLU CB  HB3  sing N N 112 
GLU CG  CD   sing N N 113 
GLU CG  HG2  sing N N 114 
GLU CG  HG3  sing N N 115 
GLU CD  OE1  doub N N 116 
GLU CD  OE2  sing N N 117 
GLU OE2 HE2  sing N N 118 
GLU OXT HXT  sing N N 119 
GLY N   CA   sing N N 120 
GLY N   H    sing N N 121 
GLY N   H2   sing N N 122 
GLY CA  C    sing N N 123 
GLY CA  HA2  sing N N 124 
GLY CA  HA3  sing N N 125 
GLY C   O    doub N N 126 
GLY C   OXT  sing N N 127 
GLY OXT HXT  sing N N 128 
GOL C1  O1   sing N N 129 
GOL C1  C2   sing N N 130 
GOL C1  H11  sing N N 131 
GOL C1  H12  sing N N 132 
GOL O1  HO1  sing N N 133 
GOL C2  O2   sing N N 134 
GOL C2  C3   sing N N 135 
GOL C2  H2   sing N N 136 
GOL O2  HO2  sing N N 137 
GOL C3  O3   sing N N 138 
GOL C3  H31  sing N N 139 
GOL C3  H32  sing N N 140 
GOL O3  HO3  sing N N 141 
HIS N   CA   sing N N 142 
HIS N   H    sing N N 143 
HIS N   H2   sing N N 144 
HIS CA  C    sing N N 145 
HIS CA  CB   sing N N 146 
HIS CA  HA   sing N N 147 
HIS C   O    doub N N 148 
HIS C   OXT  sing N N 149 
HIS CB  CG   sing N N 150 
HIS CB  HB2  sing N N 151 
HIS CB  HB3  sing N N 152 
HIS CG  ND1  sing Y N 153 
HIS CG  CD2  doub Y N 154 
HIS ND1 CE1  doub Y N 155 
HIS ND1 HD1  sing N N 156 
HIS CD2 NE2  sing Y N 157 
HIS CD2 HD2  sing N N 158 
HIS CE1 NE2  sing Y N 159 
HIS CE1 HE1  sing N N 160 
HIS NE2 HE2  sing N N 161 
HIS OXT HXT  sing N N 162 
HOH O   H1   sing N N 163 
HOH O   H2   sing N N 164 
ILE N   CA   sing N N 165 
ILE N   H    sing N N 166 
ILE N   H2   sing N N 167 
ILE CA  C    sing N N 168 
ILE CA  CB   sing N N 169 
ILE CA  HA   sing N N 170 
ILE C   O    doub N N 171 
ILE C   OXT  sing N N 172 
ILE CB  CG1  sing N N 173 
ILE CB  CG2  sing N N 174 
ILE CB  HB   sing N N 175 
ILE CG1 CD1  sing N N 176 
ILE CG1 HG12 sing N N 177 
ILE CG1 HG13 sing N N 178 
ILE CG2 HG21 sing N N 179 
ILE CG2 HG22 sing N N 180 
ILE CG2 HG23 sing N N 181 
ILE CD1 HD11 sing N N 182 
ILE CD1 HD12 sing N N 183 
ILE CD1 HD13 sing N N 184 
ILE OXT HXT  sing N N 185 
LEU N   CA   sing N N 186 
LEU N   H    sing N N 187 
LEU N   H2   sing N N 188 
LEU CA  C    sing N N 189 
LEU CA  CB   sing N N 190 
LEU CA  HA   sing N N 191 
LEU C   O    doub N N 192 
LEU C   OXT  sing N N 193 
LEU CB  CG   sing N N 194 
LEU CB  HB2  sing N N 195 
LEU CB  HB3  sing N N 196 
LEU CG  CD1  sing N N 197 
LEU CG  CD2  sing N N 198 
LEU CG  HG   sing N N 199 
LEU CD1 HD11 sing N N 200 
LEU CD1 HD12 sing N N 201 
LEU CD1 HD13 sing N N 202 
LEU CD2 HD21 sing N N 203 
LEU CD2 HD22 sing N N 204 
LEU CD2 HD23 sing N N 205 
LEU OXT HXT  sing N N 206 
LYS N   CA   sing N N 207 
LYS N   H    sing N N 208 
LYS N   H2   sing N N 209 
LYS CA  C    sing N N 210 
LYS CA  CB   sing N N 211 
LYS CA  HA   sing N N 212 
LYS C   O    doub N N 213 
LYS C   OXT  sing N N 214 
LYS CB  CG   sing N N 215 
LYS CB  HB2  sing N N 216 
LYS CB  HB3  sing N N 217 
LYS CG  CD   sing N N 218 
LYS CG  HG2  sing N N 219 
LYS CG  HG3  sing N N 220 
LYS CD  CE   sing N N 221 
LYS CD  HD2  sing N N 222 
LYS CD  HD3  sing N N 223 
LYS CE  NZ   sing N N 224 
LYS CE  HE2  sing N N 225 
LYS CE  HE3  sing N N 226 
LYS NZ  HZ1  sing N N 227 
LYS NZ  HZ2  sing N N 228 
LYS NZ  HZ3  sing N N 229 
LYS OXT HXT  sing N N 230 
MSE N   CA   sing N N 231 
MSE N   H    sing N N 232 
MSE N   H2   sing N N 233 
MSE CA  C    sing N N 234 
MSE CA  CB   sing N N 235 
MSE CA  HA   sing N N 236 
MSE C   O    doub N N 237 
MSE C   OXT  sing N N 238 
MSE OXT HXT  sing N N 239 
MSE CB  CG   sing N N 240 
MSE CB  HB2  sing N N 241 
MSE CB  HB3  sing N N 242 
MSE CG  SE   sing N N 243 
MSE CG  HG2  sing N N 244 
MSE CG  HG3  sing N N 245 
MSE SE  CE   sing N N 246 
MSE CE  HE1  sing N N 247 
MSE CE  HE2  sing N N 248 
MSE CE  HE3  sing N N 249 
PHE N   CA   sing N N 250 
PHE N   H    sing N N 251 
PHE N   H2   sing N N 252 
PHE CA  C    sing N N 253 
PHE CA  CB   sing N N 254 
PHE CA  HA   sing N N 255 
PHE C   O    doub N N 256 
PHE C   OXT  sing N N 257 
PHE CB  CG   sing N N 258 
PHE CB  HB2  sing N N 259 
PHE CB  HB3  sing N N 260 
PHE CG  CD1  doub Y N 261 
PHE CG  CD2  sing Y N 262 
PHE CD1 CE1  sing Y N 263 
PHE CD1 HD1  sing N N 264 
PHE CD2 CE2  doub Y N 265 
PHE CD2 HD2  sing N N 266 
PHE CE1 CZ   doub Y N 267 
PHE CE1 HE1  sing N N 268 
PHE CE2 CZ   sing Y N 269 
PHE CE2 HE2  sing N N 270 
PHE CZ  HZ   sing N N 271 
PHE OXT HXT  sing N N 272 
PRO N   CA   sing N N 273 
PRO N   CD   sing N N 274 
PRO N   H    sing N N 275 
PRO CA  C    sing N N 276 
PRO CA  CB   sing N N 277 
PRO CA  HA   sing N N 278 
PRO C   O    doub N N 279 
PRO C   OXT  sing N N 280 
PRO CB  CG   sing N N 281 
PRO CB  HB2  sing N N 282 
PRO CB  HB3  sing N N 283 
PRO CG  CD   sing N N 284 
PRO CG  HG2  sing N N 285 
PRO CG  HG3  sing N N 286 
PRO CD  HD2  sing N N 287 
PRO CD  HD3  sing N N 288 
PRO OXT HXT  sing N N 289 
SER N   CA   sing N N 290 
SER N   H    sing N N 291 
SER N   H2   sing N N 292 
SER CA  C    sing N N 293 
SER CA  CB   sing N N 294 
SER CA  HA   sing N N 295 
SER C   O    doub N N 296 
SER C   OXT  sing N N 297 
SER CB  OG   sing N N 298 
SER CB  HB2  sing N N 299 
SER CB  HB3  sing N N 300 
SER OG  HG   sing N N 301 
SER OXT HXT  sing N N 302 
THR N   CA   sing N N 303 
THR N   H    sing N N 304 
THR N   H2   sing N N 305 
THR CA  C    sing N N 306 
THR CA  CB   sing N N 307 
THR CA  HA   sing N N 308 
THR C   O    doub N N 309 
THR C   OXT  sing N N 310 
THR CB  OG1  sing N N 311 
THR CB  CG2  sing N N 312 
THR CB  HB   sing N N 313 
THR OG1 HG1  sing N N 314 
THR CG2 HG21 sing N N 315 
THR CG2 HG22 sing N N 316 
THR CG2 HG23 sing N N 317 
THR OXT HXT  sing N N 318 
TYR N   CA   sing N N 319 
TYR N   H    sing N N 320 
TYR N   H2   sing N N 321 
TYR CA  C    sing N N 322 
TYR CA  CB   sing N N 323 
TYR CA  HA   sing N N 324 
TYR C   O    doub N N 325 
TYR C   OXT  sing N N 326 
TYR CB  CG   sing N N 327 
TYR CB  HB2  sing N N 328 
TYR CB  HB3  sing N N 329 
TYR CG  CD1  doub Y N 330 
TYR CG  CD2  sing Y N 331 
TYR CD1 CE1  sing Y N 332 
TYR CD1 HD1  sing N N 333 
TYR CD2 CE2  doub Y N 334 
TYR CD2 HD2  sing N N 335 
TYR CE1 CZ   doub Y N 336 
TYR CE1 HE1  sing N N 337 
TYR CE2 CZ   sing Y N 338 
TYR CE2 HE2  sing N N 339 
TYR CZ  OH   sing N N 340 
TYR OH  HH   sing N N 341 
TYR OXT HXT  sing N N 342 
VAL N   CA   sing N N 343 
VAL N   H    sing N N 344 
VAL N   H2   sing N N 345 
VAL CA  C    sing N N 346 
VAL CA  CB   sing N N 347 
VAL CA  HA   sing N N 348 
VAL C   O    doub N N 349 
VAL C   OXT  sing N N 350 
VAL CB  CG1  sing N N 351 
VAL CB  CG2  sing N N 352 
VAL CB  HB   sing N N 353 
VAL CG1 HG11 sing N N 354 
VAL CG1 HG12 sing N N 355 
VAL CG1 HG13 sing N N 356 
VAL CG2 HG21 sing N N 357 
VAL CG2 HG22 sing N N 358 
VAL CG2 HG23 sing N N 359 
VAL OXT HXT  sing N N 360 
# 
_pdbx_audit_support.funding_organization   'Canadian Institutes of Health Research (CIHR)' 
_pdbx_audit_support.country                Canada 
_pdbx_audit_support.grant_number           MOP125959 
_pdbx_audit_support.ordinal                1 
# 
_atom_sites.entry_id                    5V23 
_atom_sites.fract_transf_matrix[1][1]   -0.04367630 
_atom_sites.fract_transf_matrix[1][2]   0.00302636 
_atom_sites.fract_transf_matrix[1][3]   -0.01373183 
_atom_sites.fract_transf_matrix[2][1]   0.00260656 
_atom_sites.fract_transf_matrix[2][2]   0.02513282 
_atom_sites.fract_transf_matrix[2][3]   -0.00275156 
_atom_sites.fract_transf_matrix[3][1]   0.00263460 
_atom_sites.fract_transf_matrix[3][2]   -0.00122010 
_atom_sites.fract_transf_matrix[3][3]   -0.00864866 
_atom_sites.fract_transf_vector[1]      0.604026 
_atom_sites.fract_transf_vector[2]      0.389091 
_atom_sites.fract_transf_vector[3]      0.648282 
# 
loop_
_atom_type.symbol 
C  
N  
O  
S  
SE 
# 
loop_
_atom_site.group_PDB 
_atom_site.id 
_atom_site.type_symbol 
_atom_site.label_atom_id 
_atom_site.label_alt_id 
_atom_site.label_comp_id 
_atom_site.label_asym_id 
_atom_site.label_entity_id 
_atom_site.label_seq_id 
_atom_site.pdbx_PDB_ins_code 
_atom_site.Cartn_x 
_atom_site.Cartn_y 
_atom_site.Cartn_z 
_atom_site.occupancy 
_atom_site.B_iso_or_equiv 
_atom_site.pdbx_formal_charge 
_atom_site.auth_seq_id 
_atom_site.auth_comp_id 
_atom_site.auth_asym_id 
_atom_site.auth_atom_id 
_atom_site.pdbx_PDB_model_num 
ATOM   1   N  N   . GLY A 1 1  ? 2.149   -16.906 -11.911 1.00 20.52 ? 25  GLY A N   1 
ATOM   2   C  CA  . GLY A 1 1  ? 1.563   -16.552 -13.187 1.00 28.62 ? 25  GLY A CA  1 
ATOM   3   C  C   . GLY A 1 1  ? 0.688   -15.324 -13.064 1.00 27.08 ? 25  GLY A C   1 
ATOM   4   O  O   . GLY A 1 1  ? 0.407   -14.854 -11.956 1.00 18.14 ? 25  GLY A O   1 
ATOM   5   N  N   . SER A 1 2  ? 0.253   -14.806 -14.212 1.00 27.44 ? 26  SER A N   1 
ATOM   6   C  CA  . SER A 1 2  ? -0.443  -13.521 -14.226 1.00 34.86 ? 26  SER A CA  1 
ATOM   7   C  C   . SER A 1 2  ? -1.734  -13.563 -13.422 1.00 26.29 ? 26  SER A C   1 
ATOM   8   O  O   . SER A 1 2  ? -2.111  -12.561 -12.803 1.00 27.45 ? 26  SER A O   1 
ATOM   9   C  CB  . SER A 1 2  ? -0.731  -13.105 -15.668 1.00 46.30 ? 26  SER A CB  1 
ATOM   10  O  OG  . SER A 1 2  ? 0.483   -12.951 -16.384 1.00 55.55 ? 26  SER A OG  1 
ATOM   11  N  N   . HIS A 1 3  ? -2.425  -14.707 -13.420 1.00 25.28 ? 27  HIS A N   1 
ATOM   12  C  CA  . HIS A 1 3  ? -3.697  -14.802 -12.710 1.00 19.45 ? 27  HIS A CA  1 
ATOM   13  C  C   . HIS A 1 3  ? -3.499  -14.611 -11.216 1.00 23.49 ? 27  HIS A C   1 
ATOM   14  O  O   . HIS A 1 3  ? -4.217  -13.841 -10.564 1.00 21.59 ? 27  HIS A O   1 
ATOM   15  C  CB  . HIS A 1 3  ? -4.350  -16.160 -12.965 1.00 29.88 ? 27  HIS A CB  1 
ATOM   16  C  CG  . HIS A 1 3  ? -5.760  -16.215 -12.489 1.00 34.90 ? 27  HIS A CG  1 
ATOM   17  N  ND1 . HIS A 1 3  ? -6.092  -16.309 -11.154 1.00 33.46 ? 27  HIS A ND1 1 
ATOM   18  C  CD2 . HIS A 1 3  ? -6.929  -16.095 -13.163 1.00 41.48 ? 27  HIS A CD2 1 
ATOM   19  C  CE1 . HIS A 1 3  ? -7.407  -16.274 -11.029 1.00 30.06 ? 27  HIS A CE1 1 
ATOM   20  N  NE2 . HIS A 1 3  ? -7.938  -16.156 -12.232 1.00 37.11 ? 27  HIS A NE2 1 
HETATM 21  N  N   . MSE A 1 4  ? -2.538  -15.342 -10.655 1.00 16.73 ? 28  MSE A N   1 
HETATM 22  C  CA  . MSE A 1 4  ? -2.180  -15.259 -9.252  1.00 16.50 ? 28  MSE A CA  1 
HETATM 23  C  C   . MSE A 1 4  ? -1.859  -13.805 -8.888  1.00 13.46 ? 28  MSE A C   1 
HETATM 24  O  O   . MSE A 1 4  ? -2.344  -13.247 -7.887  1.00 17.91 ? 28  MSE A O   1 
HETATM 25  C  CB  . MSE A 1 4  ? -0.974  -16.172 -9.007  1.00 15.91 ? 28  MSE A CB  1 
HETATM 26  C  CG  . MSE A 1 4  ? -1.320  -17.591 -8.546  1.00 21.96 ? 28  MSE A CG  1 
HETATM 27  SE SE  . MSE A 1 4  ? 0.466   -18.382 -8.313  1.00 29.91 ? 28  MSE A SE  1 
HETATM 28  C  CE  . MSE A 1 4  ? 0.676   -18.813 -10.131 1.00 44.53 ? 28  MSE A CE  1 
ATOM   29  N  N   . ARG A 1 5  ? -1.029  -13.195 -9.738  1.00 17.92 ? 29  ARG A N   1 
ATOM   30  C  CA  . ARG A 1 5  ? -0.609  -11.816 -9.516  1.00 16.42 ? 29  ARG A CA  1 
ATOM   31  C  C   . ARG A 1 5  ? -1.791  -10.861 -9.557  1.00 18.93 ? 29  ARG A C   1 
ATOM   32  O  O   . ARG A 1 5  ? -1.852  -9.907  -8.767  1.00 17.19 ? 29  ARG A O   1 
ATOM   33  C  CB  . ARG A 1 5  ? 0.438   -11.414 -10.555 1.00 14.12 ? 29  ARG A CB  1 
ATOM   34  C  CG  . ARG A 1 5  ? 1.743   -12.213 -10.506 1.00 11.89 ? 29  ARG A CG  1 
ATOM   35  C  CD  . ARG A 1 5  ? 2.725   -11.708 -11.558 1.00 26.79 ? 29  ARG A CD  1 
ATOM   36  N  NE  . ARG A 1 5  ? 2.900   -10.259 -11.448 1.00 24.04 ? 29  ARG A NE  1 
ATOM   37  C  CZ  . ARG A 1 5  ? 2.845   -9.439  -12.488 1.00 22.72 ? 29  ARG A CZ  1 
ATOM   38  N  NH1 . ARG A 1 5  ? 2.660   -9.945  -13.702 1.00 24.78 ? 29  ARG A NH1 1 
ATOM   39  N  NH2 . ARG A 1 5  ? 2.984   -8.123  -12.330 1.00 18.13 ? 29  ARG A NH2 1 
ATOM   40  N  N   . ARG A 1 6  ? -2.747  -11.098 -10.462 1.00 25.26 ? 30  ARG A N   1 
ATOM   41  C  CA  . ARG A 1 6  ? -3.869  -10.173 -10.570 1.00 25.08 ? 30  ARG A CA  1 
ATOM   42  C  C   . ARG A 1 6  ? -4.717  -10.183 -9.303  1.00 23.87 ? 30  ARG A C   1 
ATOM   43  O  O   . ARG A 1 6  ? -5.113  -9.122  -8.800  1.00 19.62 ? 30  ARG A O   1 
ATOM   44  C  CB  . ARG A 1 6  ? -4.714  -10.496 -11.795 1.00 15.22 ? 30  ARG A CB  1 
ATOM   45  C  CG  . ARG A 1 6  ? -5.999  -9.655  -11.852 1.00 28.31 ? 30  ARG A CG  1 
ATOM   46  C  CD  . ARG A 1 6  ? -6.836  -9.909  -13.098 1.00 29.91 ? 30  ARG A CD  1 
ATOM   47  N  NE  . ARG A 1 6  ? -6.027  -10.128 -14.279 1.00 31.75 ? 30  ARG A NE  1 
ATOM   48  C  CZ  . ARG A 1 6  ? -5.901  -9.254  -15.281 1.00 35.89 ? 30  ARG A CZ  1 
ATOM   49  N  NH1 . ARG A 1 6  ? -5.130  -9.554  -16.325 1.00 42.44 ? 30  ARG A NH1 1 
ATOM   50  N  NH2 . ARG A 1 6  ? -6.501  -8.061  -15.235 1.00 34.00 ? 30  ARG A NH2 1 
ATOM   51  N  N   . VAL A 1 7  ? -4.968  -11.367 -8.752  1.00 19.40 ? 31  VAL A N   1 
ATOM   52  C  CA  . VAL A 1 7  ? -5.727  -11.477 -7.509  1.00 15.23 ? 31  VAL A CA  1 
ATOM   53  C  C   . VAL A 1 7  ? -4.988  -10.794 -6.367  1.00 16.78 ? 31  VAL A C   1 
ATOM   54  O  O   . VAL A 1 7  ? -5.580  -10.036 -5.589  1.00 17.75 ? 31  VAL A O   1 
ATOM   55  C  CB  . VAL A 1 7  ? -6.002  -12.957 -7.185  1.00 16.79 ? 31  VAL A CB  1 
ATOM   56  C  CG1 . VAL A 1 7  ? -6.625  -13.078 -5.805  1.00 17.99 ? 31  VAL A CG1 1 
ATOM   57  C  CG2 . VAL A 1 7  ? -6.879  -13.593 -8.268  1.00 16.61 ? 31  VAL A CG2 1 
ATOM   58  N  N   . ARG A 1 8  ? -3.690  -11.079 -6.229  1.00 14.39 ? 32  ARG A N   1 
ATOM   59  C  CA  . ARG A 1 8  ? -2.904  -10.522 -5.131  1.00 11.85 ? 32  ARG A CA  1 
ATOM   60  C  C   . ARG A 1 8  ? -2.793  -9.004  -5.243  1.00 14.06 ? 32  ARG A C   1 
ATOM   61  O  O   . ARG A 1 8  ? -2.847  -8.294  -4.230  1.00 15.89 ? 32  ARG A O   1 
ATOM   62  C  CB  . ARG A 1 8  ? -1.517  -11.171 -5.110  1.00 11.33 ? 32  ARG A CB  1 
ATOM   63  C  CG  . ARG A 1 8  ? -1.614  -12.703 -4.960  1.00 22.70 ? 32  ARG A CG  1 
ATOM   64  C  CD  . ARG A 1 8  ? -0.282  -13.413 -4.958  1.00 17.80 ? 32  ARG A CD  1 
ATOM   65  N  NE  . ARG A 1 8  ? -0.501  -14.833 -4.760  1.00 12.89 ? 32  ARG A NE  1 
ATOM   66  C  CZ  . ARG A 1 8  ? 0.436   -15.755 -4.950  1.00 18.01 ? 32  ARG A CZ  1 
ATOM   67  N  NH1 . ARG A 1 8  ? 1.642   -15.386 -5.343  1.00 12.71 ? 32  ARG A NH1 1 
ATOM   68  N  NH2 . ARG A 1 8  ? 0.179   -17.045 -4.744  1.00 15.39 ? 32  ARG A NH2 1 
ATOM   69  N  N   . LEU A 1 9  ? -2.660  -8.487  -6.463  1.00 11.98 ? 33  LEU A N   1 
ATOM   70  C  CA  . LEU A 1 9  ? -2.629  -7.036  -6.614  1.00 13.70 ? 33  LEU A CA  1 
ATOM   71  C  C   . LEU A 1 9  ? -3.983  -6.428  -6.263  1.00 19.77 ? 33  LEU A C   1 
ATOM   72  O  O   . LEU A 1 9  ? -4.047  -5.370  -5.630  1.00 17.18 ? 33  LEU A O   1 
ATOM   73  C  CB  . LEU A 1 9  ? -2.190  -6.654  -8.030  1.00 19.08 ? 33  LEU A CB  1 
ATOM   74  C  CG  . LEU A 1 9  ? -0.676  -6.722  -8.296  1.00 15.11 ? 33  LEU A CG  1 
ATOM   75  C  CD1 . LEU A 1 9  ? -0.370  -6.930  -9.767  1.00 17.31 ? 33  LEU A CD1 1 
ATOM   76  C  CD2 . LEU A 1 9  ? 0.028   -5.480  -7.789  1.00 17.16 ? 33  LEU A CD2 1 
ATOM   77  N  N   . SER A 1 10 ? -5.080  -7.094  -6.632  1.00 23.00 ? 34  SER A N   1 
ATOM   78  C  CA  . SER A 1 10 ? -6.384  -6.552  -6.271  1.00 24.25 ? 34  SER A CA  1 
ATOM   79  C  C   . SER A 1 10 ? -6.586  -6.559  -4.762  1.00 26.30 ? 34  SER A C   1 
ATOM   80  O  O   . SER A 1 10 ? -7.128  -5.604  -4.200  1.00 24.58 ? 34  SER A O   1 
ATOM   81  C  CB  . SER A 1 10 ? -7.498  -7.329  -6.965  1.00 27.53 ? 34  SER A CB  1 
ATOM   82  O  OG  . SER A 1 10 ? -8.763  -6.956  -6.441  1.00 32.96 ? 34  SER A OG  1 
ATOM   83  N  N   . GLU A 1 11 ? -6.144  -7.616  -4.082  1.00 23.00 ? 35  GLU A N   1 
ATOM   84  C  CA  . GLU A 1 11 ? -6.371  -7.686  -2.645  1.00 16.18 ? 35  GLU A CA  1 
ATOM   85  C  C   . GLU A 1 11 ? -5.460  -6.740  -1.866  1.00 23.16 ? 35  GLU A C   1 
ATOM   86  O  O   . GLU A 1 11 ? -5.862  -6.239  -0.808  1.00 20.28 ? 35  GLU A O   1 
ATOM   87  C  CB  . GLU A 1 11 ? -6.189  -9.122  -2.154  1.00 29.80 ? 35  GLU A CB  1 
ATOM   88  C  CG  . GLU A 1 11 ? -7.321  -10.035 -2.596  1.00 26.62 ? 35  GLU A CG  1 
ATOM   89  C  CD  . GLU A 1 11 ? -7.133  -11.471 -2.153  1.00 27.73 ? 35  GLU A CD  1 
ATOM   90  O  OE1 . GLU A 1 11 ? -5.997  -11.871 -1.810  1.00 35.36 ? 35  GLU A OE1 1 
ATOM   91  O  OE2 . GLU A 1 11 ? -8.136  -12.205 -2.156  1.00 25.99 ? 35  GLU A OE2 1 
ATOM   92  N  N   . VAL A 1 12 ? -4.238  -6.478  -2.343  1.00 21.44 ? 36  VAL A N   1 
ATOM   93  C  CA  . VAL A 1 12 ? -3.407  -5.536  -1.592  1.00 17.61 ? 36  VAL A CA  1 
ATOM   94  C  C   . VAL A 1 12 ? -3.944  -4.121  -1.733  1.00 20.81 ? 36  VAL A C   1 
ATOM   95  O  O   . VAL A 1 12 ? -3.664  -3.270  -0.875  1.00 19.62 ? 36  VAL A O   1 
ATOM   96  C  CB  . VAL A 1 12 ? -1.917  -5.597  -1.983  1.00 19.64 ? 36  VAL A CB  1 
ATOM   97  C  CG1 . VAL A 1 12 ? -1.630  -4.827  -3.261  1.00 17.36 ? 36  VAL A CG1 1 
ATOM   98  C  CG2 . VAL A 1 12 ? -1.073  -5.061  -0.850  1.00 17.56 ? 36  VAL A CG2 1 
ATOM   99  N  N   A ARG A 1 13 ? -4.702  -3.838  -2.801  0.47 23.59 ? 37  ARG A N   1 
ATOM   100 N  N   B ARG A 1 13 ? -4.718  -3.845  -2.786  0.53 23.48 ? 37  ARG A N   1 
ATOM   101 C  CA  A ARG A 1 13 ? -5.449  -2.586  -2.877  0.47 25.98 ? 37  ARG A CA  1 
ATOM   102 C  CA  B ARG A 1 13 ? -5.425  -2.572  -2.866  0.53 25.84 ? 37  ARG A CA  1 
ATOM   103 C  C   A ARG A 1 13 ? -6.314  -2.416  -1.638  0.47 25.17 ? 37  ARG A C   1 
ATOM   104 C  C   B ARG A 1 13 ? -6.355  -2.399  -1.670  0.53 25.41 ? 37  ARG A C   1 
ATOM   105 O  O   A ARG A 1 13 ? -6.333  -1.349  -1.012  0.47 22.44 ? 37  ARG A O   1 
ATOM   106 O  O   B ARG A 1 13 ? -6.447  -1.307  -1.096  0.53 23.48 ? 37  ARG A O   1 
ATOM   107 C  CB  A ARG A 1 13 ? -6.327  -2.565  -4.133  0.47 29.82 ? 37  ARG A CB  1 
ATOM   108 C  CB  B ARG A 1 13 ? -6.201  -2.495  -4.180  0.53 29.70 ? 37  ARG A CB  1 
ATOM   109 C  CG  A ARG A 1 13 ? -5.668  -2.046  -5.398  0.47 30.32 ? 37  ARG A CG  1 
ATOM   110 C  CG  B ARG A 1 13 ? -7.268  -1.430  -4.214  0.53 30.40 ? 37  ARG A CG  1 
ATOM   111 C  CD  A ARG A 1 13 ? -6.555  -2.285  -6.622  0.47 30.96 ? 37  ARG A CD  1 
ATOM   112 C  CD  B ARG A 1 13 ? -7.298  -0.707  -5.547  0.53 37.77 ? 37  ARG A CD  1 
ATOM   113 N  NE  A ARG A 1 13 ? -6.757  -1.067  -7.401  0.47 40.39 ? 37  ARG A NE  1 
ATOM   114 N  NE  B ARG A 1 13 ? -7.731  0.679   -5.389  0.53 38.99 ? 37  ARG A NE  1 
ATOM   115 C  CZ  A ARG A 1 13 ? -7.071  -1.038  -8.693  0.47 41.90 ? 37  ARG A CZ  1 
ATOM   116 C  CZ  B ARG A 1 13 ? -8.973  1.110   -5.587  0.53 45.19 ? 37  ARG A CZ  1 
ATOM   117 N  NH1 A ARG A 1 13 ? -7.205  -2.165  -9.374  0.47 40.95 ? 37  ARG A NH1 1 
ATOM   118 N  NH1 B ARG A 1 13 ? -9.266  2.390   -5.410  0.53 45.27 ? 37  ARG A NH1 1 
ATOM   119 N  NH2 A ARG A 1 13 ? -7.238  0.126   -9.309  0.47 42.59 ? 37  ARG A NH2 1 
ATOM   120 N  NH2 B ARG A 1 13 ? -9.921  0.268   -5.969  0.53 53.01 ? 37  ARG A NH2 1 
ATOM   121 N  N   . THR A 1 14 ? -7.033  -3.479  -1.269  1.00 20.47 ? 38  THR A N   1 
ATOM   122 C  CA  . THR A 1 14 ? -7.883  -3.435  -0.085  1.00 19.50 ? 38  THR A CA  1 
ATOM   123 C  C   . THR A 1 14 ? -7.067  -3.160  1.163   1.00 21.34 ? 38  THR A C   1 
ATOM   124 O  O   . THR A 1 14 ? -7.456  -2.329  1.996   1.00 24.35 ? 38  THR A O   1 
ATOM   125 C  CB  . THR A 1 14 ? -8.635  -4.756  0.062   1.00 25.18 ? 38  THR A CB  1 
ATOM   126 O  OG1 . THR A 1 14 ? -9.553  -4.897  -1.027  1.00 40.68 ? 38  THR A OG1 1 
ATOM   127 C  CG2 . THR A 1 14 ? -9.406  -4.800  1.383   1.00 20.59 ? 38  THR A CG2 1 
ATOM   128 N  N   . THR A 1 15 ? -5.927  -3.841  1.303   1.00 19.24 ? 39  THR A N   1 
ATOM   129 C  CA  . THR A 1 15 ? -5.066  -3.625  2.461   1.00 21.74 ? 39  THR A CA  1 
ATOM   130 C  C   . THR A 1 15 ? -4.599  -2.175  2.545   1.00 25.26 ? 39  THR A C   1 
ATOM   131 O  O   . THR A 1 15 ? -4.645  -1.559  3.615   1.00 26.77 ? 39  THR A O   1 
ATOM   132 C  CB  . THR A 1 15 ? -3.874  -4.571  2.397   1.00 19.48 ? 39  THR A CB  1 
ATOM   133 O  OG1 . THR A 1 15 ? -4.352  -5.909  2.190   1.00 21.83 ? 39  THR A OG1 1 
ATOM   134 C  CG2 . THR A 1 15 ? -3.059  -4.509  3.699   1.00 17.30 ? 39  THR A CG2 1 
ATOM   135 N  N   . LEU A 1 16 ? -4.136  -1.613  1.426   1.00 19.60 ? 40  LEU A N   1 
ATOM   136 C  CA  . LEU A 1 16 ? -3.712  -0.218  1.438   1.00 21.64 ? 40  LEU A CA  1 
ATOM   137 C  C   . LEU A 1 16 ? -4.869  0.688   1.830   1.00 23.33 ? 40  LEU A C   1 
ATOM   138 O  O   . LEU A 1 16 ? -4.716  1.582   2.673   1.00 25.44 ? 40  LEU A O   1 
ATOM   139 C  CB  . LEU A 1 16 ? -3.144  0.172   0.070   1.00 22.17 ? 40  LEU A CB  1 
ATOM   140 C  CG  . LEU A 1 16 ? -1.788  -0.456  -0.270  1.00 12.40 ? 40  LEU A CG  1 
ATOM   141 C  CD1 . LEU A 1 16 ? -1.463  -0.241  -1.731  1.00 16.15 ? 40  LEU A CD1 1 
ATOM   142 C  CD2 . LEU A 1 16 ? -0.675  0.109   0.571   1.00 25.30 ? 40  LEU A CD2 1 
ATOM   143 N  N   . LEU A 1 17 ? -6.053  0.446   1.251   1.00 23.73 ? 41  LEU A N   1 
ATOM   144 C  CA  . LEU A 1 17 ? -7.215  1.264   1.571   1.00 29.71 ? 41  LEU A CA  1 
ATOM   145 C  C   . LEU A 1 17 ? -7.556  1.181   3.053   1.00 24.46 ? 41  LEU A C   1 
ATOM   146 O  O   . LEU A 1 17 ? -7.873  2.198   3.682   1.00 24.52 ? 41  LEU A O   1 
ATOM   147 C  CB  . LEU A 1 17 ? -8.399  0.828   0.711   1.00 30.21 ? 41  LEU A CB  1 
ATOM   148 C  CG  . LEU A 1 17 ? -8.304  1.318   -0.736  1.00 36.29 ? 41  LEU A CG  1 
ATOM   149 C  CD1 . LEU A 1 17 ? -9.393  0.689   -1.586  1.00 39.37 ? 41  LEU A CD1 1 
ATOM   150 C  CD2 . LEU A 1 17 ? -8.371  2.862   -0.808  1.00 27.87 ? 41  LEU A CD2 1 
ATOM   151 N  N   . HIS A 1 18 ? -7.491  -0.016  3.634   1.00 26.06 ? 42  HIS A N   1 
ATOM   152 C  CA  . HIS A 1 18 ? -7.812  -0.151  5.051   1.00 31.79 ? 42  HIS A CA  1 
ATOM   153 C  C   . HIS A 1 18 ? -6.840  0.646   5.911   1.00 28.68 ? 42  HIS A C   1 
ATOM   154 O  O   . HIS A 1 18 ? -7.252  1.326   6.859   1.00 27.38 ? 42  HIS A O   1 
ATOM   155 C  CB  . HIS A 1 18 ? -7.823  -1.626  5.445   1.00 28.09 ? 42  HIS A CB  1 
ATOM   156 C  CG  . HIS A 1 18 ? -9.028  -2.367  4.953   1.00 34.80 ? 42  HIS A CG  1 
ATOM   157 N  ND1 . HIS A 1 18 ? -10.172 -1.723  4.533   1.00 39.33 ? 42  HIS A ND1 1 
ATOM   158 C  CD2 . HIS A 1 18 ? -9.270  -3.693  4.812   1.00 40.50 ? 42  HIS A CD2 1 
ATOM   159 C  CE1 . HIS A 1 18 ? -11.068 -2.617  4.157   1.00 38.69 ? 42  HIS A CE1 1 
ATOM   160 N  NE2 . HIS A 1 18 ? -10.548 -3.822  4.321   1.00 35.32 ? 42  HIS A NE2 1 
ATOM   161 N  N   . ASN A 1 19 ? -5.551  0.606   5.574   1.00 25.69 ? 43  ASN A N   1 
ATOM   162 C  CA  . ASN A 1 19 ? -4.587  1.417   6.304   1.00 27.02 ? 43  ASN A CA  1 
ATOM   163 C  C   . ASN A 1 19 ? -4.866  2.901   6.123   1.00 31.13 ? 43  ASN A C   1 
ATOM   164 O  O   . ASN A 1 19 ? -4.731  3.682   7.074   1.00 33.27 ? 43  ASN A O   1 
ATOM   165 C  CB  . ASN A 1 19 ? -3.167  1.083   5.857   1.00 21.16 ? 43  ASN A CB  1 
ATOM   166 C  CG  . ASN A 1 19 ? -2.661  -0.208  6.460   1.00 27.00 ? 43  ASN A CG  1 
ATOM   167 O  OD1 . ASN A 1 19 ? -2.508  -0.319  7.674   1.00 24.53 ? 43  ASN A OD1 1 
ATOM   168 N  ND2 . ASN A 1 19 ? -2.383  -1.191  5.612   1.00 33.31 ? 43  ASN A ND2 1 
ATOM   169 N  N   . ALA A 1 20 ? -5.264  3.314   4.914   1.00 28.02 ? 44  ALA A N   1 
ATOM   170 C  CA  . ALA A 1 20 ? -5.515  4.733   4.672   1.00 28.09 ? 44  ALA A CA  1 
ATOM   171 C  C   . ALA A 1 20 ? -6.684  5.234   5.507   1.00 27.62 ? 44  ALA A C   1 
ATOM   172 O  O   . ALA A 1 20 ? -6.637  6.343   6.051   1.00 28.75 ? 44  ALA A O   1 
ATOM   173 C  CB  . ALA A 1 20 ? -5.768  4.991   3.187   1.00 21.13 ? 44  ALA A CB  1 
ATOM   174 N  N   . GLN A 1 21 ? -7.742  4.433   5.628   1.00 32.42 ? 45  GLN A N   1 
ATOM   175 C  CA  . GLN A 1 21 ? -8.859  4.835   6.477   1.00 40.88 ? 45  GLN A CA  1 
ATOM   176 C  C   . GLN A 1 21 ? -8.417  4.962   7.928   1.00 39.11 ? 45  GLN A C   1 
ATOM   177 O  O   . GLN A 1 21 ? -8.774  5.930   8.613   1.00 35.01 ? 45  GLN A O   1 
ATOM   178 C  CB  . GLN A 1 21 ? -10.006 3.834   6.342   1.00 33.19 ? 45  GLN A CB  1 
ATOM   179 C  CG  . GLN A 1 21 ? -10.547 3.754   4.931   1.00 37.71 ? 45  GLN A CG  1 
ATOM   180 C  CD  . GLN A 1 21 ? -11.220 2.434   4.634   1.00 49.04 ? 45  GLN A CD  1 
ATOM   181 O  OE1 . GLN A 1 21 ? -11.294 1.551   5.492   1.00 49.86 ? 45  GLN A OE1 1 
ATOM   182 N  NE2 . GLN A 1 21 ? -11.712 2.289   3.411   1.00 57.39 ? 45  GLN A NE2 1 
ATOM   183 N  N   . THR A 1 22 ? -7.625  3.998   8.404   1.00 31.41 ? 46  THR A N   1 
ATOM   184 C  CA  . THR A 1 22 ? -7.106  4.069   9.765   1.00 31.44 ? 46  THR A CA  1 
ATOM   185 C  C   . THR A 1 22 ? -6.360  5.373   9.992   1.00 30.81 ? 46  THR A C   1 
ATOM   186 O  O   . THR A 1 22 ? -6.520  6.014   11.037  1.00 30.91 ? 46  THR A O   1 
ATOM   187 C  CB  . THR A 1 22 ? -6.194  2.876   10.045  1.00 30.84 ? 46  THR A CB  1 
ATOM   188 O  OG1 . THR A 1 22 ? -6.956  1.670   9.971   1.00 36.69 ? 46  THR A OG1 1 
ATOM   189 C  CG2 . THR A 1 22 ? -5.583  2.984   11.423  1.00 35.02 ? 46  THR A CG2 1 
HETATM 190 N  N   A MSE A 1 23 ? -5.564  5.801   9.023   0.64 30.87 ? 47  MSE A N   1 
HETATM 191 N  N   B MSE A 1 23 ? -5.530  5.775   9.031   0.36 30.78 ? 47  MSE A N   1 
HETATM 192 C  CA  A MSE A 1 23 ? -4.782  7.016   9.194   0.64 31.16 ? 47  MSE A CA  1 
HETATM 193 C  CA  B MSE A 1 23 ? -4.781  7.025   9.119   0.36 31.10 ? 47  MSE A CA  1 
HETATM 194 C  C   A MSE A 1 23 ? -5.667  8.262   9.100   0.64 29.45 ? 47  MSE A C   1 
HETATM 195 C  C   B MSE A 1 23 ? -5.734  8.209   9.184   0.36 29.83 ? 47  MSE A C   1 
HETATM 196 O  O   A MSE A 1 23 ? -5.385  9.265   9.752   0.64 30.44 ? 47  MSE A O   1 
HETATM 197 O  O   B MSE A 1 23 ? -5.554  9.115   9.998   0.36 29.07 ? 47  MSE A O   1 
HETATM 198 C  CB  A MSE A 1 23 ? -3.638  7.058   8.175   0.64 32.37 ? 47  MSE A CB  1 
HETATM 199 C  CB  B MSE A 1 23 ? -3.838  7.198   7.922   0.36 32.11 ? 47  MSE A CB  1 
HETATM 200 C  CG  A MSE A 1 23 ? -2.661  5.884   8.339   0.64 33.48 ? 47  MSE A CG  1 
HETATM 201 C  CG  B MSE A 1 23 ? -2.886  6.041   7.645   0.36 31.59 ? 47  MSE A CG  1 
HETATM 202 SE SE  A MSE A 1 23 ? -1.008  5.958   7.290   0.64 29.29 ? 47  MSE A SE  1 
HETATM 203 SE SE  B MSE A 1 23 ? -1.365  5.914   8.858   0.36 37.47 ? 47  MSE A SE  1 
HETATM 204 C  CE  A MSE A 1 23 ? -0.337  7.689   7.911   0.64 27.01 ? 47  MSE A CE  1 
HETATM 205 C  CE  B MSE A 1 23 ? -0.510  7.619   8.438   0.36 31.45 ? 47  MSE A CE  1 
ATOM   206 N  N   . GLU A 1 24 ? -6.745  8.188   8.309   1.00 31.83 ? 48  GLU A N   1 
ATOM   207 C  CA  . GLU A 1 24 ? -7.700  9.297   8.246   1.00 34.80 ? 48  GLU A CA  1 
ATOM   208 C  C   . GLU A 1 24 ? -8.407  9.481   9.579   1.00 38.34 ? 48  GLU A C   1 
ATOM   209 O  O   . GLU A 1 24 ? -8.598  10.613  10.037  1.00 34.38 ? 48  GLU A O   1 
ATOM   210 C  CB  . GLU A 1 24 ? -8.733  9.067   7.138   1.00 36.36 ? 48  GLU A CB  1 
ATOM   211 C  CG  . GLU A 1 24 ? -8.187  9.139   5.722   1.00 30.00 ? 48  GLU A CG  1 
ATOM   212 C  CD  . GLU A 1 24 ? -9.201  8.721   4.654   1.00 44.95 ? 48  GLU A CD  1 
ATOM   213 O  OE1 . GLU A 1 24 ? -10.274 8.190   5.009   1.00 52.13 ? 48  GLU A OE1 1 
ATOM   214 O  OE2 . GLU A 1 24 ? -8.921  8.930   3.450   1.00 50.85 ? 48  GLU A OE2 1 
ATOM   215 N  N   . ARG A 1 25 ? -8.801  8.381   10.221  1.00 35.30 ? 49  ARG A N   1 
ATOM   216 C  CA  . ARG A 1 25 ? -9.368  8.487   11.558  1.00 33.24 ? 49  ARG A CA  1 
ATOM   217 C  C   . ARG A 1 25 ? -8.350  9.064   12.529  1.00 39.52 ? 49  ARG A C   1 
ATOM   218 O  O   . ARG A 1 25 ? -8.684  9.919   13.357  1.00 41.15 ? 49  ARG A O   1 
ATOM   219 C  CB  . ARG A 1 25 ? -9.843  7.122   12.041  1.00 36.07 ? 49  ARG A CB  1 
ATOM   220 C  CG  . ARG A 1 25 ? -11.158 6.662   11.457  1.00 45.82 ? 49  ARG A CG  1 
ATOM   221 C  CD  . ARG A 1 25 ? -11.434 5.237   11.905  1.00 52.87 ? 49  ARG A CD  1 
ATOM   222 N  NE  . ARG A 1 25 ? -12.302 4.513   10.996  1.00 54.94 ? 49  ARG A NE  1 
ATOM   223 C  CZ  . ARG A 1 25 ? -11.924 3.408   10.360  1.00 55.22 ? 49  ARG A CZ  1 
ATOM   224 N  NH1 . ARG A 1 25 ? -10.699 2.928   10.545  1.00 47.87 ? 49  ARG A NH1 1 
ATOM   225 N  NH2 . ARG A 1 25 ? -12.761 2.784   9.537   1.00 60.91 ? 49  ARG A NH2 1 
ATOM   226 N  N   . TYR A 1 26 ? -7.099  8.610   12.432  1.00 36.20 ? 50  TYR A N   1 
ATOM   227 C  CA  . TYR A 1 26 ? -6.054  9.113   13.316  1.00 33.17 ? 50  TYR A CA  1 
ATOM   228 C  C   . TYR A 1 26 ? -5.835  10.606  13.125  1.00 30.43 ? 50  TYR A C   1 
ATOM   229 O  O   . TYR A 1 26 ? -5.597  11.332  14.095  1.00 36.38 ? 50  TYR A O   1 
ATOM   230 C  CB  . TYR A 1 26 ? -4.756  8.353   13.067  1.00 31.55 ? 50  TYR A CB  1 
ATOM   231 C  CG  . TYR A 1 26 ? -3.634  8.754   13.988  1.00 34.51 ? 50  TYR A CG  1 
ATOM   232 C  CD1 . TYR A 1 26 ? -3.443  8.100   15.194  1.00 40.03 ? 50  TYR A CD1 1 
ATOM   233 C  CD2 . TYR A 1 26 ? -2.756  9.778   13.649  1.00 34.53 ? 50  TYR A CD2 1 
ATOM   234 C  CE1 . TYR A 1 26 ? -2.421  8.453   16.039  1.00 43.43 ? 50  TYR A CE1 1 
ATOM   235 C  CE2 . TYR A 1 26 ? -1.731  10.139  14.490  1.00 31.36 ? 50  TYR A CE2 1 
ATOM   236 C  CZ  . TYR A 1 26 ? -1.573  9.476   15.686  1.00 32.79 ? 50  TYR A CZ  1 
ATOM   237 O  OH  . TYR A 1 26 ? -0.549  9.818   16.532  1.00 38.57 ? 50  TYR A OH  1 
ATOM   238 N  N   . TYR A 1 27 ? -5.887  11.081  11.879  1.00 28.47 ? 51  TYR A N   1 
ATOM   239 C  CA  . TYR A 1 27 ? -5.649  12.501  11.630  1.00 22.81 ? 51  TYR A CA  1 
ATOM   240 C  C   . TYR A 1 27 ? -6.700  13.373  12.310  1.00 32.67 ? 51  TYR A C   1 
ATOM   241 O  O   . TYR A 1 27 ? -6.380  14.448  12.838  1.00 30.52 ? 51  TYR A O   1 
ATOM   242 C  CB  . TYR A 1 27 ? -5.615  12.770  10.126  1.00 25.44 ? 51  TYR A CB  1 
ATOM   243 C  CG  . TYR A 1 27 ? -5.228  14.189  9.780   1.00 23.44 ? 51  TYR A CG  1 
ATOM   244 C  CD1 . TYR A 1 27 ? -6.197  15.141  9.502   1.00 34.53 ? 51  TYR A CD1 1 
ATOM   245 C  CD2 . TYR A 1 27 ? -3.894  14.578  9.738   1.00 29.11 ? 51  TYR A CD2 1 
ATOM   246 C  CE1 . TYR A 1 27 ? -5.849  16.450  9.193   1.00 28.53 ? 51  TYR A CE1 1 
ATOM   247 C  CE2 . TYR A 1 27 ? -3.532  15.899  9.420   1.00 29.40 ? 51  TYR A CE2 1 
ATOM   248 C  CZ  . TYR A 1 27 ? -4.518  16.819  9.155   1.00 23.52 ? 51  TYR A CZ  1 
ATOM   249 O  OH  . TYR A 1 27 ? -4.185  18.120  8.839   1.00 35.81 ? 51  TYR A OH  1 
ATOM   250 N  N   . ARG A 1 28 ? -7.958  12.931  12.311  1.00 36.55 ? 52  ARG A N   1 
ATOM   251 C  CA  . ARG A 1 28 ? -9.013  13.702  12.961  1.00 38.78 ? 52  ARG A CA  1 
ATOM   252 C  C   . ARG A 1 28 ? -8.915  13.673  14.468  1.00 39.14 ? 52  ARG A C   1 
ATOM   253 O  O   . ARG A 1 28 ? -9.408  14.596  15.124  1.00 42.58 ? 52  ARG A O   1 
ATOM   254 C  CB  . ARG A 1 28 ? -10.369 13.170  12.557  1.00 31.43 ? 52  ARG A CB  1 
ATOM   255 C  CG  . ARG A 1 28 ? -10.387 12.918  11.125  1.00 34.35 ? 52  ARG A CG  1 
ATOM   256 C  CD  . ARG A 1 28 ? -11.731 13.068  10.555  1.00 40.66 ? 52  ARG A CD  1 
ATOM   257 N  NE  . ARG A 1 28 ? -11.578 13.054  9.117   1.00 54.09 ? 52  ARG A NE  1 
ATOM   258 C  CZ  . ARG A 1 28 ? -12.580 13.082  8.259   1.00 59.74 ? 52  ARG A CZ  1 
ATOM   259 N  NH1 . ARG A 1 28 ? -13.830 13.123  8.697   1.00 64.94 ? 52  ARG A NH1 1 
ATOM   260 N  NH2 . ARG A 1 28 ? -12.324 13.073  6.960   1.00 61.97 ? 52  ARG A NH2 1 
ATOM   261 N  N   . GLN A 1 29 ? -8.336  12.617  15.029  1.00 39.57 ? 53  GLN A N   1 
ATOM   262 C  CA  . GLN A 1 29 ? -8.142  12.576  16.467  1.00 39.52 ? 53  GLN A CA  1 
ATOM   263 C  C   . GLN A 1 29 ? -6.964  13.443  16.883  1.00 35.55 ? 53  GLN A C   1 
ATOM   264 O  O   . GLN A 1 29 ? -7.026  14.102  17.923  1.00 36.59 ? 53  GLN A O   1 
ATOM   265 C  CB  . GLN A 1 29 ? -7.943  11.132  16.932  1.00 33.31 ? 53  GLN A CB  1 
ATOM   266 C  CG  . GLN A 1 29 ? -9.191  10.277  16.785  1.00 38.38 ? 53  GLN A CG  1 
ATOM   267 C  CD  . GLN A 1 29 ? -10.300 10.700  17.734  1.00 47.03 ? 53  GLN A CD  1 
ATOM   268 O  OE1 . GLN A 1 29 ? -11.437 10.918  17.310  1.00 52.88 ? 53  GLN A OE1 1 
ATOM   269 N  NE2 . GLN A 1 29 ? -9.982  10.805  19.020  1.00 51.91 ? 53  GLN A NE2 1 
ATOM   270 N  N   . LYS A 1 30 ? -5.897  13.481  16.074  1.00 26.67 ? 54  LYS A N   1 
ATOM   271 C  CA  . LYS A 1 30 ? -4.660  14.118  16.501  1.00 31.45 ? 54  LYS A CA  1 
ATOM   272 C  C   . LYS A 1 30 ? -4.302  15.390  15.748  1.00 29.04 ? 54  LYS A C   1 
ATOM   273 O  O   . LYS A 1 30 ? -3.537  16.194  16.281  1.00 33.29 ? 54  LYS A O   1 
ATOM   274 C  CB  . LYS A 1 30 ? -3.486  13.135  16.396  1.00 27.29 ? 54  LYS A CB  1 
ATOM   275 C  CG  . LYS A 1 30 ? -3.685  11.884  17.243  1.00 34.90 ? 54  LYS A CG  1 
ATOM   276 C  CD  . LYS A 1 30 ? -3.424  12.183  18.709  1.00 44.15 ? 54  LYS A CD  1 
ATOM   277 C  CE  . LYS A 1 30 ? -4.492  11.552  19.585  1.00 54.54 ? 54  LYS A CE  1 
ATOM   278 N  NZ  . LYS A 1 30 ? -3.980  11.037  20.885  1.00 59.55 ? 54  LYS A NZ  1 
ATOM   279 N  N   . GLY A 1 31 ? -4.817  15.596  14.542  1.00 30.28 ? 55  GLY A N   1 
ATOM   280 C  CA  . GLY A 1 31 ? -4.430  16.762  13.765  1.00 29.75 ? 55  GLY A CA  1 
ATOM   281 C  C   . GLY A 1 31 ? -3.078  16.672  13.089  1.00 28.97 ? 55  GLY A C   1 
ATOM   282 O  O   . GLY A 1 31 ? -2.590  17.689  12.579  1.00 31.84 ? 55  GLY A O   1 
ATOM   283 N  N   . THR A 1 32 ? -2.456  15.496  13.063  1.00 25.00 ? 56  THR A N   1 
ATOM   284 C  CA  . THR A 1 32 ? -1.166  15.331  12.401  1.00 25.92 ? 56  THR A CA  1 
ATOM   285 C  C   . THR A 1 32 ? -0.919  13.854  12.141  1.00 36.33 ? 56  THR A C   1 
ATOM   286 O  O   . THR A 1 32 ? -1.447  12.990  12.850  1.00 32.26 ? 56  THR A O   1 
ATOM   287 C  CB  . THR A 1 32 ? -0.019  15.902  13.243  1.00 30.76 ? 56  THR A CB  1 
ATOM   288 O  OG1 . THR A 1 32 ? 1.204   15.781  12.516  1.00 34.02 ? 56  THR A OG1 1 
ATOM   289 C  CG2 . THR A 1 32 ? 0.111   15.130  14.561  1.00 30.66 ? 56  THR A CG2 1 
ATOM   290 N  N   . PHE A 1 33 ? -0.099  13.574  11.120  1.00 38.18 ? 57  PHE A N   1 
ATOM   291 C  CA  . PHE A 1 33 ? 0.409   12.223  10.901  1.00 30.14 ? 57  PHE A CA  1 
ATOM   292 C  C   . PHE A 1 33 ? 1.802   12.013  11.478  1.00 34.53 ? 57  PHE A C   1 
ATOM   293 O  O   . PHE A 1 33 ? 2.266   10.869  11.527  1.00 36.68 ? 57  PHE A O   1 
ATOM   294 C  CB  . PHE A 1 33 ? 0.449   11.874  9.405   1.00 21.79 ? 57  PHE A CB  1 
ATOM   295 C  CG  . PHE A 1 33 ? -0.899  11.808  8.750   1.00 28.10 ? 57  PHE A CG  1 
ATOM   296 C  CD1 . PHE A 1 33 ? -1.840  10.883  9.168   1.00 22.81 ? 57  PHE A CD1 1 
ATOM   297 C  CD2 . PHE A 1 33 ? -1.212  12.650  7.693   1.00 28.02 ? 57  PHE A CD2 1 
ATOM   298 C  CE1 . PHE A 1 33 ? -3.074  10.812  8.559   1.00 19.62 ? 57  PHE A CE1 1 
ATOM   299 C  CE2 . PHE A 1 33 ? -2.454  12.590  7.083   1.00 28.69 ? 57  PHE A CE2 1 
ATOM   300 C  CZ  . PHE A 1 33 ? -3.384  11.665  7.515   1.00 27.35 ? 57  PHE A CZ  1 
ATOM   301 N  N   . LYS A 1 34 ? 2.478   13.081  11.910  1.00 31.49 ? 58  LYS A N   1 
ATOM   302 C  CA  . LYS A 1 34 ? 3.853   12.948  12.384  1.00 32.17 ? 58  LYS A CA  1 
ATOM   303 C  C   . LYS A 1 34 ? 3.957   11.982  13.558  1.00 43.25 ? 58  LYS A C   1 
ATOM   304 O  O   . LYS A 1 34 ? 4.918   11.213  13.653  1.00 62.27 ? 58  LYS A O   1 
ATOM   305 C  CB  . LYS A 1 34 ? 4.418   14.321  12.768  1.00 34.23 ? 58  LYS A CB  1 
ATOM   306 C  CG  . LYS A 1 34 ? 4.675   15.249  11.589  1.00 36.23 ? 58  LYS A CG  1 
ATOM   307 C  CD  . LYS A 1 34 ? 5.745   14.693  10.639  1.00 37.81 ? 58  LYS A CD  1 
ATOM   308 C  CE  . LYS A 1 34 ? 7.070   14.480  11.360  1.00 37.72 ? 58  LYS A CE  1 
ATOM   309 N  NZ  . LYS A 1 34 ? 8.222   14.387  10.411  1.00 40.06 ? 58  LYS A NZ  1 
ATOM   310 N  N   . THR A 1 35 ? 2.979   11.988  14.457  1.00 44.02 ? 59  THR A N   1 
ATOM   311 C  CA  . THR A 1 35 ? 3.046   11.129  15.632  1.00 37.00 ? 59  THR A CA  1 
ATOM   312 C  C   . THR A 1 35 ? 2.627   9.686   15.366  1.00 35.96 ? 59  THR A C   1 
ATOM   313 O  O   . THR A 1 35 ? 2.625   8.881   16.307  1.00 33.29 ? 59  THR A O   1 
ATOM   314 C  CB  . THR A 1 35 ? 2.171   11.705  16.743  1.00 25.37 ? 59  THR A CB  1 
ATOM   315 O  OG1 . THR A 1 35 ? 0.894   12.037  16.191  1.00 27.42 ? 59  THR A OG1 1 
ATOM   316 C  CG2 . THR A 1 35 ? 2.814   12.956  17.351  1.00 26.40 ? 59  THR A CG2 1 
ATOM   317 N  N   . TYR A 1 36 ? 2.269   9.328   14.136  1.00 36.52 ? 60  TYR A N   1 
ATOM   318 C  CA  . TYR A 1 36 ? 1.742   7.990   13.889  1.00 38.59 ? 60  TYR A CA  1 
ATOM   319 C  C   . TYR A 1 36 ? 2.856   6.952   13.958  1.00 31.85 ? 60  TYR A C   1 
ATOM   320 O  O   . TYR A 1 36 ? 3.932   7.131   13.379  1.00 33.72 ? 60  TYR A O   1 
ATOM   321 C  CB  . TYR A 1 36 ? 1.032   7.925   12.535  1.00 32.85 ? 60  TYR A CB  1 
ATOM   322 C  CG  . TYR A 1 36 ? 0.244   6.651   12.331  1.00 32.35 ? 60  TYR A CG  1 
ATOM   323 C  CD1 . TYR A 1 36 ? 0.786   5.568   11.636  1.00 30.94 ? 60  TYR A CD1 1 
ATOM   324 C  CD2 . TYR A 1 36 ? -1.035  6.524   12.851  1.00 26.91 ? 60  TYR A CD2 1 
ATOM   325 C  CE1 . TYR A 1 36 ? 0.060   4.408   11.459  1.00 28.37 ? 60  TYR A CE1 1 
ATOM   326 C  CE2 . TYR A 1 36 ? -1.764  5.373   12.685  1.00 37.84 ? 60  TYR A CE2 1 
ATOM   327 C  CZ  . TYR A 1 36 ? -1.217  4.314   11.994  1.00 40.75 ? 60  TYR A CZ  1 
ATOM   328 O  OH  . TYR A 1 36 ? -1.965  3.165   11.839  1.00 49.29 ? 60  TYR A OH  1 
ATOM   329 N  N   . ASP A 1 37 ? 2.599   5.873   14.689  1.00 36.72 ? 61  ASP A N   1 
ATOM   330 C  CA  . ASP A 1 37 ? 3.573   4.801   14.859  1.00 30.57 ? 61  ASP A CA  1 
ATOM   331 C  C   . ASP A 1 37 ? 3.519   3.902   13.628  1.00 31.60 ? 61  ASP A C   1 
ATOM   332 O  O   . ASP A 1 37 ? 2.538   3.179   13.413  1.00 32.00 ? 61  ASP A O   1 
ATOM   333 C  CB  . ASP A 1 37 ? 3.277   4.044   16.152  1.00 33.94 ? 61  ASP A CB  1 
ATOM   334 C  CG  . ASP A 1 37 ? 4.054   2.744   16.278  1.00 45.79 ? 61  ASP A CG  1 
ATOM   335 O  OD1 . ASP A 1 37 ? 5.071   2.548   15.579  1.00 45.17 ? 61  ASP A OD1 1 
ATOM   336 O  OD2 . ASP A 1 37 ? 3.643   1.917   17.114  1.00 55.42 ? 61  ASP A OD2 1 
ATOM   337 N  N   . LYS A 1 38 ? 4.577   3.948   12.816  1.00 37.89 ? 62  LYS A N   1 
ATOM   338 C  CA  . LYS A 1 38 ? 4.580   3.289   11.514  1.00 43.77 ? 62  LYS A CA  1 
ATOM   339 C  C   . LYS A 1 38 ? 4.511   1.772   11.635  1.00 49.33 ? 62  LYS A C   1 
ATOM   340 O  O   . LYS A 1 38 ? 4.403   1.074   10.622  1.00 62.13 ? 62  LYS A O   1 
ATOM   341 C  CB  . LYS A 1 38 ? 5.818   3.705   10.713  1.00 44.82 ? 62  LYS A CB  1 
ATOM   342 C  CG  . LYS A 1 38 ? 6.104   5.199   10.754  1.00 48.32 ? 62  LYS A CG  1 
ATOM   343 C  CD  . LYS A 1 38 ? 6.709   5.701   9.451   1.00 46.93 ? 62  LYS A CD  1 
ATOM   344 C  CE  . LYS A 1 38 ? 8.152   5.241   9.299   1.00 53.73 ? 62  LYS A CE  1 
ATOM   345 N  NZ  . LYS A 1 38 ? 8.740   5.688   8.009   1.00 60.68 ? 62  LYS A NZ  1 
ATOM   346 N  N   . ASN A 1 39 ? 4.568   1.246   12.857  1.00 46.80 ? 63  ASN A N   1 
ATOM   347 C  CA  . ASN A 1 39 ? 4.430   -0.183  13.083  1.00 52.82 ? 63  ASN A CA  1 
ATOM   348 C  C   . ASN A 1 39 ? 3.018   -0.564  13.512  1.00 51.64 ? 63  ASN A C   1 
ATOM   349 O  O   . ASN A 1 39 ? 2.825   -1.616  14.133  1.00 54.10 ? 63  ASN A O   1 
ATOM   350 C  CB  . ASN A 1 39 ? 5.459   -0.661  14.111  1.00 60.89 ? 63  ASN A CB  1 
ATOM   351 C  CG  . ASN A 1 39 ? 6.781   -1.059  13.466  1.00 66.54 ? 63  ASN A CG  1 
ATOM   352 O  OD1 . ASN A 1 39 ? 6.810   -1.857  12.524  1.00 70.85 ? 63  ASN A OD1 1 
ATOM   353 N  ND2 . ASN A 1 39 ? 7.876   -0.501  13.964  1.00 64.17 ? 63  ASN A ND2 1 
ATOM   354 N  N   . LYS A 1 40 ? 2.031   0.272   13.196  1.00 43.14 ? 64  LYS A N   1 
ATOM   355 C  CA  . LYS A 1 40 ? 0.625   -0.064  13.368  1.00 42.74 ? 64  LYS A CA  1 
ATOM   356 C  C   . LYS A 1 40 ? -0.056  -0.358  12.033  1.00 38.53 ? 64  LYS A C   1 
ATOM   357 O  O   . LYS A 1 40 ? -1.286  -0.467  11.979  1.00 44.43 ? 64  LYS A O   1 
ATOM   358 C  CB  . LYS A 1 40 ? -0.106  1.065   14.103  1.00 47.18 ? 64  LYS A CB  1 
ATOM   359 C  CG  . LYS A 1 40 ? -1.359  0.620   14.871  1.00 58.60 ? 64  LYS A CG  1 
ATOM   360 C  CD  . LYS A 1 40 ? -2.180  1.815   15.376  1.00 65.95 ? 64  LYS A CD  1 
ATOM   361 C  CE  . LYS A 1 40 ? -3.532  1.924   14.665  1.00 64.29 ? 64  LYS A CE  1 
ATOM   362 N  NZ  . LYS A 1 40 ? -4.460  0.801   15.023  1.00 63.06 ? 64  LYS A NZ  1 
ATOM   363 N  N   . LEU A 1 41 ? 0.717   -0.505  10.964  1.00 30.06 ? 65  LEU A N   1 
ATOM   364 C  CA  . LEU A 1 41 ? 0.153   -0.774  9.649   1.00 25.86 ? 65  LEU A CA  1 
ATOM   365 C  C   . LEU A 1 41 ? -0.245  -2.236  9.508   1.00 26.28 ? 65  LEU A C   1 
ATOM   366 O  O   . LEU A 1 41 ? 0.511   -3.141  9.873   1.00 27.85 ? 65  LEU A O   1 
ATOM   367 C  CB  . LEU A 1 41 ? 1.150   -0.405  8.549   1.00 25.22 ? 65  LEU A CB  1 
ATOM   368 C  CG  . LEU A 1 41 ? 1.608   1.052   8.636   1.00 21.58 ? 65  LEU A CG  1 
ATOM   369 C  CD1 . LEU A 1 41 ? 2.847   1.315   7.774   1.00 23.93 ? 65  LEU A CD1 1 
ATOM   370 C  CD2 . LEU A 1 41 ? 0.456   1.924   8.207   1.00 21.79 ? 65  LEU A CD2 1 
ATOM   371 N  N   . LYS A 1 42 ? -1.438  -2.454  8.964   1.00 22.90 ? 66  LYS A N   1 
ATOM   372 C  CA  . LYS A 1 42 ? -1.893  -3.796  8.632   1.00 30.49 ? 66  LYS A CA  1 
ATOM   373 C  C   . LYS A 1 42 ? -1.114  -4.311  7.426   1.00 30.68 ? 66  LYS A C   1 
ATOM   374 O  O   . LYS A 1 42 ? -0.972  -3.615  6.416   1.00 27.97 ? 66  LYS A O   1 
ATOM   375 C  CB  . LYS A 1 42 ? -3.398  -3.770  8.360   1.00 35.50 ? 66  LYS A CB  1 
ATOM   376 C  CG  . LYS A 1 42 ? -3.983  -4.983  7.639   1.00 46.26 ? 66  LYS A CG  1 
ATOM   377 C  CD  . LYS A 1 42 ? -3.786  -6.291  8.394   1.00 49.48 ? 66  LYS A CD  1 
ATOM   378 C  CE  . LYS A 1 42 ? -4.771  -7.344  7.890   1.00 52.34 ? 66  LYS A CE  1 
ATOM   379 N  NZ  . LYS A 1 42 ? -4.369  -8.738  8.241   1.00 49.25 ? 66  LYS A NZ  1 
ATOM   380 N  N   . GLN A 1 43 ? -0.577  -5.519  7.548   1.00 29.48 ? 67  GLN A N   1 
ATOM   381 C  CA  . GLN A 1 43 ? 0.233   -6.114  6.501   1.00 25.46 ? 67  GLN A CA  1 
ATOM   382 C  C   . GLN A 1 43 ? -0.636  -6.953  5.565   1.00 19.57 ? 67  GLN A C   1 
ATOM   383 O  O   . GLN A 1 43 ? -1.832  -7.160  5.793   1.00 21.91 ? 67  GLN A O   1 
ATOM   384 C  CB  . GLN A 1 43 ? 1.353   -6.950  7.121   1.00 29.97 ? 67  GLN A CB  1 
ATOM   385 C  CG  . GLN A 1 43 ? 2.344   -6.126  7.933   1.00 32.72 ? 67  GLN A CG  1 
ATOM   386 C  CD  . GLN A 1 43 ? 3.047   -5.086  7.077   1.00 22.95 ? 67  GLN A CD  1 
ATOM   387 O  OE1 . GLN A 1 43 ? 3.528   -5.394  5.988   1.00 22.59 ? 67  GLN A OE1 1 
ATOM   388 N  NE2 . GLN A 1 43 ? 3.084   -3.846  7.553   1.00 25.27 ? 67  GLN A NE2 1 
ATOM   389 N  N   . ASN A 1 44 ? -0.018  -7.449  4.495   1.00 21.75 ? 68  ASN A N   1 
ATOM   390 C  CA  . ASN A 1 44 ? -0.659  -8.314  3.516   1.00 23.62 ? 68  ASN A CA  1 
ATOM   391 C  C   . ASN A 1 44 ? 0.241   -9.520  3.321   1.00 20.09 ? 68  ASN A C   1 
ATOM   392 O  O   . ASN A 1 44 ? 1.464   -9.405  3.423   1.00 21.56 ? 68  ASN A O   1 
ATOM   393 C  CB  . ASN A 1 44 ? -0.890  -7.560  2.188   1.00 24.54 ? 68  ASN A CB  1 
ATOM   394 C  CG  . ASN A 1 44 ? -1.583  -8.404  1.123   1.00 24.01 ? 68  ASN A CG  1 
ATOM   395 O  OD1 . ASN A 1 44 ? -0.940  -9.184  0.422   1.00 24.90 ? 68  ASN A OD1 1 
ATOM   396 N  ND2 . ASN A 1 44 ? -2.903  -8.232  0.980   1.00 20.29 ? 68  ASN A ND2 1 
ATOM   397 N  N   . LYS A 1 45 ? -0.362  -10.685 3.072   1.00 20.86 ? 69  LYS A N   1 
ATOM   398 C  CA  . LYS A 1 45 ? 0.441   -11.899 2.938   1.00 24.47 ? 69  LYS A CA  1 
ATOM   399 C  C   . LYS A 1 45 ? 1.434   -11.807 1.787   1.00 20.24 ? 69  LYS A C   1 
ATOM   400 O  O   . LYS A 1 45 ? 2.535   -12.368 1.870   1.00 20.83 ? 69  LYS A O   1 
ATOM   401 C  CB  . LYS A 1 45 ? -0.449  -13.124 2.735   1.00 18.31 ? 69  LYS A CB  1 
ATOM   402 C  CG  . LYS A 1 45 ? 0.329   -14.407 2.590   1.00 18.29 ? 69  LYS A CG  1 
ATOM   403 C  CD  . LYS A 1 45 ? -0.614  -15.586 2.299   1.00 27.00 ? 69  LYS A CD  1 
ATOM   404 C  CE  . LYS A 1 45 ? 0.147   -16.920 2.284   1.00 30.99 ? 69  LYS A CE  1 
ATOM   405 N  NZ  . LYS A 1 45 ? -0.756  -18.069 1.998   1.00 28.71 ? 69  LYS A NZ  1 
ATOM   406 N  N   . TYR A 1 46 ? 1.071   -11.122 0.706   1.00 16.09 ? 70  TYR A N   1 
ATOM   407 C  CA  . TYR A 1 46 ? 1.888   -11.123 -0.500  1.00 14.93 ? 70  TYR A CA  1 
ATOM   408 C  C   . TYR A 1 46 ? 2.654   -9.823  -0.708  1.00 19.03 ? 70  TYR A C   1 
ATOM   409 O  O   . TYR A 1 46 ? 3.392   -9.702  -1.694  1.00 14.61 ? 70  TYR A O   1 
ATOM   410 C  CB  . TYR A 1 46 ? 1.005   -11.439 -1.711  1.00 12.77 ? 70  TYR A CB  1 
ATOM   411 C  CG  . TYR A 1 46 ? 0.341   -12.796 -1.554  1.00 17.81 ? 70  TYR A CG  1 
ATOM   412 C  CD1 . TYR A 1 46 ? 1.047   -13.965 -1.830  1.00 16.49 ? 70  TYR A CD1 1 
ATOM   413 C  CD2 . TYR A 1 46 ? -0.965  -12.909 -1.096  1.00 19.95 ? 70  TYR A CD2 1 
ATOM   414 C  CE1 . TYR A 1 46 ? 0.467   -15.219 -1.668  1.00 25.03 ? 70  TYR A CE1 1 
ATOM   415 C  CE2 . TYR A 1 46 ? -1.562  -14.169 -0.940  1.00 22.05 ? 70  TYR A CE2 1 
ATOM   416 C  CZ  . TYR A 1 46 ? -0.833  -15.314 -1.225  1.00 28.12 ? 70  TYR A CZ  1 
ATOM   417 O  OH  . TYR A 1 46 ? -1.402  -16.559 -1.077  1.00 25.68 ? 70  TYR A OH  1 
ATOM   418 N  N   . PHE A 1 47 ? 2.526   -8.869  0.213   1.00 15.03 ? 71  PHE A N   1 
ATOM   419 C  CA  . PHE A 1 47 ? 3.114   -7.540  0.069   1.00 14.88 ? 71  PHE A CA  1 
ATOM   420 C  C   . PHE A 1 47 ? 3.432   -6.998  1.449   1.00 14.42 ? 71  PHE A C   1 
ATOM   421 O  O   . PHE A 1 47 ? 2.576   -7.030  2.336   1.00 19.57 ? 71  PHE A O   1 
ATOM   422 C  CB  . PHE A 1 47 ? 2.155   -6.563  -0.614  1.00 10.91 ? 71  PHE A CB  1 
ATOM   423 C  CG  . PHE A 1 47 ? 1.947   -6.818  -2.065  1.00 13.97 ? 71  PHE A CG  1 
ATOM   424 C  CD1 . PHE A 1 47 ? 2.733   -6.171  -3.013  1.00 11.02 ? 71  PHE A CD1 1 
ATOM   425 C  CD2 . PHE A 1 47 ? 0.953   -7.688  -2.491  1.00 13.14 ? 71  PHE A CD2 1 
ATOM   426 C  CE1 . PHE A 1 47 ? 2.544   -6.408  -4.370  1.00 14.37 ? 71  PHE A CE1 1 
ATOM   427 C  CE2 . PHE A 1 47 ? 0.753   -7.928  -3.840  1.00 13.40 ? 71  PHE A CE2 1 
ATOM   428 C  CZ  . PHE A 1 47 ? 1.547   -7.286  -4.782  1.00 14.37 ? 71  PHE A CZ  1 
ATOM   429 N  N   . ASN A 1 48 ? 4.632   -6.459  1.618   1.00 20.63 ? 72  ASN A N   1 
ATOM   430 C  CA  . ASN A 1 48 ? 4.966   -5.720  2.824   1.00 15.15 ? 72  ASN A CA  1 
ATOM   431 C  C   . ASN A 1 48 ? 4.528   -4.269  2.660   1.00 21.52 ? 72  ASN A C   1 
ATOM   432 O  O   . ASN A 1 48 ? 4.804   -3.643  1.631   1.00 22.90 ? 72  ASN A O   1 
ATOM   433 C  CB  . ASN A 1 48 ? 6.460   -5.837  3.120   1.00 19.49 ? 72  ASN A CB  1 
ATOM   434 C  CG  . ASN A 1 48 ? 6.917   -7.280  3.165   1.00 29.65 ? 72  ASN A CG  1 
ATOM   435 O  OD1 . ASN A 1 48 ? 6.274   -8.113  3.799   1.00 42.82 ? 72  ASN A OD1 1 
ATOM   436 N  ND2 . ASN A 1 48 ? 8.028   -7.584  2.505   1.00 29.57 ? 72  ASN A ND2 1 
ATOM   437 N  N   . VAL A 1 49 ? 3.809   -3.759  3.659   1.00 25.28 ? 73  VAL A N   1 
ATOM   438 C  CA  . VAL A 1 49 ? 3.205   -2.430  3.622   1.00 20.86 ? 73  VAL A CA  1 
ATOM   439 C  C   . VAL A 1 49 ? 3.997   -1.508  4.537   1.00 27.47 ? 73  VAL A C   1 
ATOM   440 O  O   . VAL A 1 49 ? 4.222   -1.832  5.707   1.00 25.29 ? 73  VAL A O   1 
ATOM   441 C  CB  . VAL A 1 49 ? 1.724   -2.478  4.042   1.00 17.73 ? 73  VAL A CB  1 
ATOM   442 C  CG1 . VAL A 1 49 ? 1.137   -1.082  4.089   1.00 12.85 ? 73  VAL A CG1 1 
ATOM   443 C  CG2 . VAL A 1 49 ? 0.932   -3.355  3.080   1.00 18.42 ? 73  VAL A CG2 1 
ATOM   444 N  N   . THR A 1 50 ? 4.402   -0.352  4.010   1.00 21.21 ? 74  THR A N   1 
ATOM   445 C  CA  . THR A 1 50 ? 5.197   0.612   4.751   1.00 21.58 ? 74  THR A CA  1 
ATOM   446 C  C   . THR A 1 50 ? 4.661   2.007   4.474   1.00 27.57 ? 74  THR A C   1 
ATOM   447 O  O   . THR A 1 50 ? 3.863   2.226   3.554   1.00 20.02 ? 74  THR A O   1 
ATOM   448 C  CB  . THR A 1 50 ? 6.679   0.559   4.352   1.00 20.98 ? 74  THR A CB  1 
ATOM   449 O  OG1 . THR A 1 50 ? 6.791   0.733   2.933   1.00 20.66 ? 74  THR A OG1 1 
ATOM   450 C  CG2 . THR A 1 50 ? 7.321   -0.762  4.756   1.00 26.63 ? 74  THR A CG2 1 
ATOM   451 N  N   . LEU A 1 51 ? 5.111   2.961   5.278   1.00 19.20 ? 75  LEU A N   1 
ATOM   452 C  CA  . LEU A 1 51 ? 4.871   4.378   5.007   1.00 22.16 ? 75  LEU A CA  1 
ATOM   453 C  C   . LEU A 1 51 ? 6.110   4.899   4.289   1.00 18.68 ? 75  LEU A C   1 
ATOM   454 O  O   . LEU A 1 51 ? 7.159   5.095   4.902   1.00 25.88 ? 75  LEU A O   1 
ATOM   455 C  CB  . LEU A 1 51 ? 4.572   5.145   6.290   1.00 26.31 ? 75  LEU A CB  1 
ATOM   456 C  CG  . LEU A 1 51 ? 3.104   4.960   6.687   1.00 28.12 ? 75  LEU A CG  1 
ATOM   457 C  CD1 . LEU A 1 51 ? 2.826   5.365   8.129   1.00 24.12 ? 75  LEU A CD1 1 
ATOM   458 C  CD2 . LEU A 1 51 ? 2.235   5.766   5.746   1.00 22.62 ? 75  LEU A CD2 1 
ATOM   459 N  N   . SER A 1 52 ? 5.996   5.074   2.972   1.00 15.99 ? 76  SER A N   1 
ATOM   460 C  CA  . SER A 1 52 ? 7.111   5.603   2.191   1.00 15.62 ? 76  SER A CA  1 
ATOM   461 C  C   . SER A 1 52 ? 7.305   7.098   2.438   1.00 19.77 ? 76  SER A C   1 
ATOM   462 O  O   . SER A 1 52 ? 8.444   7.588   2.447   1.00 21.55 ? 76  SER A O   1 
ATOM   463 C  CB  . SER A 1 52 ? 6.880   5.331   0.707   1.00 19.98 ? 76  SER A CB  1 
ATOM   464 O  OG  . SER A 1 52 ? 5.618   5.843   0.302   1.00 22.88 ? 76  SER A OG  1 
ATOM   465 N  N   . LYS A 1 53 ? 6.213   7.840   2.634   1.00 22.40 ? 77  LYS A N   1 
ATOM   466 C  CA  . LYS A 1 53 ? 6.296   9.267   2.926   1.00 21.04 ? 77  LYS A CA  1 
ATOM   467 C  C   . LYS A 1 53 ? 5.264   9.612   3.987   1.00 28.56 ? 77  LYS A C   1 
ATOM   468 O  O   . LYS A 1 53 ? 4.120   9.158   3.911   1.00 28.46 ? 77  LYS A O   1 
ATOM   469 C  CB  . LYS A 1 53 ? 6.064   10.119  1.662   1.00 26.93 ? 77  LYS A CB  1 
ATOM   470 C  CG  . LYS A 1 53 ? 7.106   9.932   0.548   1.00 31.41 ? 77  LYS A CG  1 
ATOM   471 C  CD  . LYS A 1 53 ? 6.683   10.649  -0.736  1.00 35.64 ? 77  LYS A CD  1 
ATOM   472 C  CE  . LYS A 1 53 ? 7.856   10.907  -1.690  1.00 49.78 ? 77  LYS A CE  1 
ATOM   473 N  NZ  . LYS A 1 53 ? 7.626   12.099  -2.595  1.00 51.42 ? 77  LYS A NZ  1 
ATOM   474 N  N   . VAL A 1 54 ? 5.657   10.411  4.971   1.00 30.17 ? 78  VAL A N   1 
ATOM   475 C  CA  . VAL A 1 54 ? 4.724   10.871  5.990   1.00 28.01 ? 78  VAL A CA  1 
ATOM   476 C  C   . VAL A 1 54 ? 5.066   12.312  6.346   1.00 28.06 ? 78  VAL A C   1 
ATOM   477 O  O   . VAL A 1 54 ? 6.225   12.631  6.627   1.00 25.83 ? 78  VAL A O   1 
ATOM   478 C  CB  . VAL A 1 54 ? 4.737   9.964   7.236   1.00 33.78 ? 78  VAL A CB  1 
ATOM   479 C  CG1 . VAL A 1 54 ? 6.149   9.768   7.758   1.00 38.54 ? 78  VAL A CG1 1 
ATOM   480 C  CG2 . VAL A 1 54 ? 3.840   10.548  8.315   1.00 33.48 ? 78  VAL A CG2 1 
ATOM   481 N  N   . SER A 1 55 ? 4.061   13.169  6.307   1.00 27.37 ? 79  SER A N   1 
ATOM   482 C  CA  . SER A 1 55 ? 4.162   14.595  6.614   1.00 25.17 ? 79  SER A CA  1 
ATOM   483 C  C   . SER A 1 55 ? 3.011   14.940  7.543   1.00 25.12 ? 79  SER A C   1 
ATOM   484 O  O   . SER A 1 55 ? 2.143   14.104  7.799   1.00 28.32 ? 79  SER A O   1 
ATOM   485 C  CB  . SER A 1 55 ? 4.099   15.413  5.316   1.00 22.16 ? 79  SER A CB  1 
ATOM   486 O  OG  . SER A 1 55 ? 2.809   15.383  4.744   1.00 25.01 ? 79  SER A OG  1 
ATOM   487 N  N   . PRO A 1 56 ? 2.990   16.154  8.110   1.00 27.27 ? 80  PRO A N   1 
ATOM   488 C  CA  . PRO A 1 56 ? 1.891   16.491  9.036   1.00 25.33 ? 80  PRO A CA  1 
ATOM   489 C  C   . PRO A 1 56 ? 0.497   16.274  8.468   1.00 21.24 ? 80  PRO A C   1 
ATOM   490 O  O   . PRO A 1 56 ? -0.389  15.805  9.193   1.00 30.26 ? 80  PRO A O   1 
ATOM   491 C  CB  . PRO A 1 56 ? 2.147   17.984  9.366   1.00 21.12 ? 80  PRO A CB  1 
ATOM   492 C  CG  . PRO A 1 56 ? 3.602   18.167  9.157   1.00 26.36 ? 80  PRO A CG  1 
ATOM   493 C  CD  . PRO A 1 56 ? 3.982   17.238  8.036   1.00 26.05 ? 80  PRO A CD  1 
ATOM   494 N  N   . ASP A 1 57 ? 0.271   16.595  7.195   1.00 24.89 ? 81  ASP A N   1 
ATOM   495 C  CA  . ASP A 1 57 ? -1.066  16.521  6.619   1.00 26.30 ? 81  ASP A CA  1 
ATOM   496 C  C   . ASP A 1 57 ? -1.204  15.544  5.465   1.00 26.86 ? 81  ASP A C   1 
ATOM   497 O  O   . ASP A 1 57 ? -2.295  15.468  4.883   1.00 23.04 ? 81  ASP A O   1 
ATOM   498 C  CB  . ASP A 1 57 ? -1.525  17.911  6.147   1.00 22.80 ? 81  ASP A CB  1 
ATOM   499 C  CG  . ASP A 1 57 ? -1.420  18.949  7.239   1.00 30.38 ? 81  ASP A CG  1 
ATOM   500 O  OD1 . ASP A 1 57 ? -1.840  18.645  8.377   1.00 29.80 ? 81  ASP A OD1 1 
ATOM   501 O  OD2 . ASP A 1 57 ? -0.929  20.062  6.961   1.00 28.79 ? 81  ASP A OD2 1 
ATOM   502 N  N   . HIS A 1 58 ? -0.154  14.795  5.121   1.00 27.37 ? 82  HIS A N   1 
ATOM   503 C  CA  . HIS A 1 58 ? -0.205  13.869  3.996   1.00 19.19 ? 82  HIS A CA  1 
ATOM   504 C  C   . HIS A 1 58 ? 0.644   12.641  4.296   1.00 21.41 ? 82  HIS A C   1 
ATOM   505 O  O   . HIS A 1 58 ? 1.506   12.652  5.183   1.00 27.91 ? 82  HIS A O   1 
ATOM   506 C  CB  . HIS A 1 58 ? 0.288   14.527  2.698   1.00 14.81 ? 82  HIS A CB  1 
ATOM   507 C  CG  . HIS A 1 58 ? -0.372  15.842  2.401   1.00 30.01 ? 82  HIS A CG  1 
ATOM   508 N  ND1 . HIS A 1 58 ? -1.738  15.976  2.266   1.00 25.82 ? 82  HIS A ND1 1 
ATOM   509 C  CD2 . HIS A 1 58 ? 0.148   17.086  2.253   1.00 33.21 ? 82  HIS A CD2 1 
ATOM   510 C  CE1 . HIS A 1 58 ? -2.030  17.246  2.033   1.00 32.54 ? 82  HIS A CE1 1 
ATOM   511 N  NE2 . HIS A 1 58 ? -0.904  17.938  2.018   1.00 26.12 ? 82  HIS A NE2 1 
ATOM   512 N  N   . PHE A 1 59 ? 0.407   11.589  3.513   1.00 20.09 ? 83  PHE A N   1 
ATOM   513 C  CA  . PHE A 1 59 ? 1.148   10.342  3.646   1.00 21.43 ? 83  PHE A CA  1 
ATOM   514 C  C   . PHE A 1 59 ? 1.101   9.616   2.312   1.00 24.75 ? 83  PHE A C   1 
ATOM   515 O  O   . PHE A 1 59 ? 0.174   9.803   1.519   1.00 18.51 ? 83  PHE A O   1 
ATOM   516 C  CB  . PHE A 1 59 ? 0.583   9.452   4.770   1.00 21.06 ? 83  PHE A CB  1 
ATOM   517 C  CG  . PHE A 1 59 ? -0.840  8.963   4.538   1.00 29.15 ? 83  PHE A CG  1 
ATOM   518 C  CD1 . PHE A 1 59 ? -1.902  9.520   5.236   1.00 21.57 ? 83  PHE A CD1 1 
ATOM   519 C  CD2 . PHE A 1 59 ? -1.114  7.921   3.648   1.00 30.57 ? 83  PHE A CD2 1 
ATOM   520 C  CE1 . PHE A 1 59 ? -3.212  9.058   5.046   1.00 26.64 ? 83  PHE A CE1 1 
ATOM   521 C  CE2 . PHE A 1 59 ? -2.421  7.466   3.438   1.00 19.32 ? 83  PHE A CE2 1 
ATOM   522 C  CZ  . PHE A 1 59 ? -3.469  8.035   4.138   1.00 25.62 ? 83  PHE A CZ  1 
ATOM   523 N  N   . THR A 1 60 ? 2.104   8.768   2.082   1.00 19.31 ? 84  THR A N   1 
ATOM   524 C  CA  . THR A 1 60 ? 2.049   7.795   0.997   1.00 19.17 ? 84  THR A CA  1 
ATOM   525 C  C   . THR A 1 60 ? 2.311   6.417   1.585   1.00 19.16 ? 84  THR A C   1 
ATOM   526 O  O   . THR A 1 60 ? 3.353   6.192   2.212   1.00 19.51 ? 84  THR A O   1 
ATOM   527 C  CB  . THR A 1 60 ? 3.061   8.103   -0.114  1.00 19.50 ? 84  THR A CB  1 
ATOM   528 O  OG1 . THR A 1 60 ? 2.802   9.402   -0.659  1.00 21.87 ? 84  THR A OG1 1 
ATOM   529 C  CG2 . THR A 1 60 ? 2.931   7.077   -1.246  1.00 14.64 ? 84  THR A CG2 1 
ATOM   530 N  N   . LEU A 1 61 ? 1.363   5.510   1.402   1.00 18.52 ? 85  LEU A N   1 
ATOM   531 C  CA  . LEU A 1 61 ? 1.551   4.108   1.740   1.00 16.74 ? 85  LEU A CA  1 
ATOM   532 C  C   . LEU A 1 61 ? 2.106   3.364   0.534   1.00 20.43 ? 85  LEU A C   1 
ATOM   533 O  O   . LEU A 1 61 ? 1.812   3.706   -0.616  1.00 22.53 ? 85  LEU A O   1 
ATOM   534 C  CB  . LEU A 1 61 ? 0.232   3.483   2.181   1.00 23.33 ? 85  LEU A CB  1 
ATOM   535 C  CG  . LEU A 1 61 ? -0.299  3.913   3.551   1.00 21.19 ? 85  LEU A CG  1 
ATOM   536 C  CD1 . LEU A 1 61 ? -1.805  3.754   3.597   1.00 23.51 ? 85  LEU A CD1 1 
ATOM   537 C  CD2 . LEU A 1 61 ? 0.360   3.080   4.636   1.00 19.09 ? 85  LEU A CD2 1 
ATOM   538 N  N   . GLN A 1 62 ? 2.920   2.344   0.808   1.00 20.24 ? 86  GLN A N   1 
ATOM   539 C  CA  . GLN A 1 62 ? 3.605   1.606   -0.242  1.00 17.08 ? 86  GLN A CA  1 
ATOM   540 C  C   . GLN A 1 62 ? 3.584   0.122   0.070   1.00 17.27 ? 86  GLN A C   1 
ATOM   541 O  O   . GLN A 1 62 ? 3.837   -0.279  1.211   1.00 17.81 ? 86  GLN A O   1 
ATOM   542 C  CB  . GLN A 1 62 ? 5.048   2.091   -0.420  1.00 13.48 ? 86  GLN A CB  1 
ATOM   543 C  CG  . GLN A 1 62 ? 5.807   1.386   -1.536  1.00 13.03 ? 86  GLN A CG  1 
ATOM   544 C  CD  . GLN A 1 62 ? 7.177   1.987   -1.775  1.00 17.75 ? 86  GLN A CD  1 
ATOM   545 O  OE1 . GLN A 1 62 ? 8.210   1.311   -1.641  1.00 27.25 ? 86  GLN A OE1 1 
ATOM   546 N  NE2 . GLN A 1 62 ? 7.198   3.252   -2.154  1.00 16.75 ? 86  GLN A NE2 1 
ATOM   547 N  N   . ALA A 1 63 ? 3.263   -0.679  -0.946  1.00 18.35 ? 87  ALA A N   1 
ATOM   548 C  CA  . ALA A 1 63 ? 3.251   -2.138  -0.849  1.00 18.17 ? 87  ALA A CA  1 
ATOM   549 C  C   . ALA A 1 63 ? 4.334   -2.685  -1.759  1.00 16.67 ? 87  ALA A C   1 
ATOM   550 O  O   . ALA A 1 63 ? 4.296   -2.462  -2.973  1.00 14.45 ? 87  ALA A O   1 
ATOM   551 C  CB  . ALA A 1 63 ? 1.891   -2.721  -1.244  1.00 15.10 ? 87  ALA A CB  1 
ATOM   552 N  N   . ASP A 1 64 ? 5.288   -3.389  -1.176  1.00 16.57 ? 88  ASP A N   1 
ATOM   553 C  CA  . ASP A 1 64 ? 6.348   -4.047  -1.915  1.00 15.10 ? 88  ASP A CA  1 
ATOM   554 C  C   . ASP A 1 64 ? 6.118   -5.554  -1.895  1.00 14.94 ? 88  ASP A C   1 
ATOM   555 O  O   . ASP A 1 64 ? 5.782   -6.108  -0.842  1.00 13.31 ? 88  ASP A O   1 
ATOM   556 C  CB  . ASP A 1 64 ? 7.726   -3.733  -1.307  1.00 12.34 ? 88  ASP A CB  1 
ATOM   557 C  CG  . ASP A 1 64 ? 8.161   -2.288  -1.542  1.00 18.10 ? 88  ASP A CG  1 
ATOM   558 O  OD1 . ASP A 1 64 ? 8.861   -2.040  -2.535  1.00 19.51 ? 88  ASP A OD1 1 
ATOM   559 O  OD2 . ASP A 1 64 ? 7.833   -1.410  -0.712  1.00 24.11 ? 88  ASP A OD2 1 
ATOM   560 N  N   . PRO A 1 65 ? 6.285   -6.244  -3.025  1.00 12.26 ? 89  PRO A N   1 
ATOM   561 C  CA  . PRO A 1 65 ? 5.949   -7.672  -3.062  1.00 17.34 ? 89  PRO A CA  1 
ATOM   562 C  C   . PRO A 1 65 ? 6.837   -8.503  -2.137  1.00 13.12 ? 89  PRO A C   1 
ATOM   563 O  O   . PRO A 1 65 ? 8.043   -8.275  -2.007  1.00 15.89 ? 89  PRO A O   1 
ATOM   564 C  CB  . PRO A 1 65 ? 6.140   -8.044  -4.537  1.00 15.27 ? 89  PRO A CB  1 
ATOM   565 C  CG  . PRO A 1 65 ? 6.929   -6.934  -5.138  1.00 16.02 ? 89  PRO A CG  1 
ATOM   566 C  CD  . PRO A 1 65 ? 6.678   -5.716  -4.340  1.00 12.70 ? 89  PRO A CD  1 
ATOM   567 N  N   . ASN A 1 66 ? 6.210   -9.447  -1.462  1.00 20.44 ? 90  ASN A N   1 
ATOM   568 C  CA  . ASN A 1 66 ? 6.913   -10.397 -0.609  1.00 14.48 ? 90  ASN A CA  1 
ATOM   569 C  C   . ASN A 1 66 ? 7.675   -11.387 -1.478  1.00 16.08 ? 90  ASN A C   1 
ATOM   570 O  O   . ASN A 1 66 ? 7.049   -12.149 -2.232  1.00 15.45 ? 90  ASN A O   1 
ATOM   571 C  CB  . ASN A 1 66 ? 5.903   -11.117 0.277   1.00 21.38 ? 90  ASN A CB  1 
ATOM   572 C  CG  . ASN A 1 66 ? 6.552   -12.017 1.289   1.00 19.84 ? 90  ASN A CG  1 
ATOM   573 O  OD1 . ASN A 1 66 ? 7.447   -12.795 0.961   1.00 17.43 ? 90  ASN A OD1 1 
ATOM   574 N  ND2 . ASN A 1 66 ? 6.112   -11.912 2.541   1.00 18.70 ? 90  ASN A ND2 1 
ATOM   575 N  N   . PRO A 1 67 ? 9.002   -11.437 -1.395  1.00 13.08 ? 91  PRO A N   1 
ATOM   576 C  CA  . PRO A 1 67 ? 9.763   -12.281 -2.322  1.00 15.35 ? 91  PRO A CA  1 
ATOM   577 C  C   . PRO A 1 67 ? 9.645   -13.770 -2.007  1.00 15.87 ? 91  PRO A C   1 
ATOM   578 O  O   . PRO A 1 67 ? 10.016  -14.606 -2.850  1.00 15.93 ? 91  PRO A O   1 
ATOM   579 C  CB  . PRO A 1 67 ? 11.196  -11.772 -2.132  1.00 26.19 ? 91  PRO A CB  1 
ATOM   580 C  CG  . PRO A 1 67 ? 11.232  -11.443 -0.676  1.00 22.11 ? 91  PRO A CG  1 
ATOM   581 C  CD  . PRO A 1 67 ? 9.868   -10.863 -0.346  1.00 24.66 ? 91  PRO A CD  1 
ATOM   582 N  N   . THR A 1 68 ? 9.129   -14.129 -0.836  1.00 18.71 ? 92  THR A N   1 
ATOM   583 C  CA  . THR A 1 68 ? 8.905   -15.534 -0.526  1.00 23.48 ? 92  THR A CA  1 
ATOM   584 C  C   . THR A 1 68 ? 7.518   -16.009 -0.965  1.00 20.22 ? 92  THR A C   1 
ATOM   585 O  O   . THR A 1 68 ? 7.406   -16.996 -1.698  1.00 21.76 ? 92  THR A O   1 
ATOM   586 C  CB  . THR A 1 68 ? 9.099   -15.782 0.974   1.00 29.64 ? 92  THR A CB  1 
ATOM   587 O  OG1 . THR A 1 68 ? 10.421  -15.390 1.362   1.00 28.22 ? 92  THR A OG1 1 
ATOM   588 C  CG2 . THR A 1 68 ? 8.917   -17.249 1.280   1.00 31.28 ? 92  THR A CG2 1 
ATOM   589 N  N   . THR A 1 69 ? 6.454   -15.321 -0.528  1.00 18.94 ? 93  THR A N   1 
ATOM   590 C  CA  . THR A 1 69 ? 5.092   -15.731 -0.863  1.00 19.54 ? 93  THR A CA  1 
ATOM   591 C  C   . THR A 1 69 ? 4.652   -15.269 -2.244  1.00 15.88 ? 93  THR A C   1 
ATOM   592 O  O   . THR A 1 69 ? 3.710   -15.838 -2.796  1.00 14.78 ? 93  THR A O   1 
ATOM   593 C  CB  . THR A 1 69 ? 4.091   -15.169 0.147   1.00 15.73 ? 93  THR A CB  1 
ATOM   594 O  OG1 . THR A 1 69 ? 4.209   -13.747 0.145   1.00 14.97 ? 93  THR A OG1 1 
ATOM   595 C  CG2 . THR A 1 69 ? 4.363   -15.698 1.550   1.00 18.34 ? 93  THR A CG2 1 
ATOM   596 N  N   . ASN A 1 70 ? 5.274   -14.230 -2.791  1.00 10.30 ? 94  ASN A N   1 
ATOM   597 C  CA  . ASN A 1 70 ? 4.871   -13.636 -4.060  1.00 9.87  ? 94  ASN A CA  1 
ATOM   598 C  C   . ASN A 1 70 ? 6.082   -13.503 -4.976  1.00 23.63 ? 94  ASN A C   1 
ATOM   599 O  O   . ASN A 1 70 ? 6.288   -12.468 -5.621  1.00 14.87 ? 94  ASN A O   1 
ATOM   600 C  CB  . ASN A 1 70 ? 4.218   -12.271 -3.832  1.00 12.44 ? 94  ASN A CB  1 
ATOM   601 C  CG  . ASN A 1 70 ? 3.256   -11.876 -4.949  1.00 12.56 ? 94  ASN A CG  1 
ATOM   602 O  OD1 . ASN A 1 70 ? 3.007   -12.650 -5.870  1.00 14.68 ? 94  ASN A OD1 1 
ATOM   603 N  ND2 . ASN A 1 70 ? 2.731   -10.647 -4.880  1.00 17.60 ? 94  ASN A ND2 1 
ATOM   604 N  N   . ASP A 1 71 ? 6.907   -14.553 -5.018  1.00 18.10 ? 95  ASP A N   1 
ATOM   605 C  CA  . ASP A 1 71 ? 8.081   -14.600 -5.878  1.00 15.87 ? 95  ASP A CA  1 
ATOM   606 C  C   . ASP A 1 71 ? 7.691   -14.369 -7.327  1.00 14.39 ? 95  ASP A C   1 
ATOM   607 O  O   . ASP A 1 71 ? 6.736   -14.969 -7.825  1.00 13.52 ? 95  ASP A O   1 
ATOM   608 C  CB  . ASP A 1 71 ? 8.762   -15.961 -5.713  1.00 12.06 ? 95  ASP A CB  1 
ATOM   609 C  CG  . ASP A 1 71 ? 10.061  -16.076 -6.479  1.00 23.51 ? 95  ASP A CG  1 
ATOM   610 O  OD1 . ASP A 1 71 ? 10.697  -15.033 -6.734  1.00 17.09 ? 95  ASP A OD1 1 
ATOM   611 O  OD2 . ASP A 1 71 ? 10.438  -17.226 -6.825  1.00 19.04 ? 95  ASP A OD2 1 
ATOM   612 N  N   . GLY A 1 72 ? 8.419   -13.470 -7.998  1.00 12.41 ? 96  GLY A N   1 
ATOM   613 C  CA  . GLY A 1 72 ? 8.154   -13.138 -9.383  1.00 11.59 ? 96  GLY A CA  1 
ATOM   614 C  C   . GLY A 1 72 ? 7.293   -11.913 -9.593  1.00 15.00 ? 96  GLY A C   1 
ATOM   615 O  O   . GLY A 1 72 ? 7.143   -11.464 -10.739 1.00 20.53 ? 96  GLY A O   1 
ATOM   616 N  N   . GLU A 1 73 ? 6.724   -11.360 -8.536  1.00 15.05 ? 97  GLU A N   1 
ATOM   617 C  CA  . GLU A 1 73 ? 6.033   -10.084 -8.621  1.00 11.61 ? 97  GLU A CA  1 
ATOM   618 C  C   . GLU A 1 73 ? 7.051   -8.971  -8.419  1.00 16.32 ? 97  GLU A C   1 
ATOM   619 O  O   . GLU A 1 73 ? 7.847   -9.032  -7.475  1.00 10.93 ? 97  GLU A O   1 
ATOM   620 C  CB  . GLU A 1 73 ? 4.933   -10.009 -7.565  1.00 13.15 ? 97  GLU A CB  1 
ATOM   621 C  CG  . GLU A 1 73 ? 4.170   -8.674  -7.587  1.00 15.10 ? 97  GLU A CG  1 
ATOM   622 C  CD  . GLU A 1 73 ? 3.487   -8.448  -8.915  1.00 17.80 ? 97  GLU A CD  1 
ATOM   623 O  OE1 . GLU A 1 73 ? 2.460   -9.107  -9.173  1.00 15.17 ? 97  GLU A OE1 1 
ATOM   624 O  OE2 . GLU A 1 73 ? 3.995   -7.627  -9.716  1.00 12.43 ? 97  GLU A OE2 1 
ATOM   625 N  N   . THR A 1 74 ? 7.056   -7.964  -9.321  1.00 12.82 ? 98  THR A N   1 
ATOM   626 C  CA  . THR A 1 74 ? 7.898   -6.783  -9.123  1.00 15.37 ? 98  THR A CA  1 
ATOM   627 C  C   . THR A 1 74 ? 7.114   -5.494  -8.928  1.00 17.11 ? 98  THR A C   1 
ATOM   628 O  O   . THR A 1 74 ? 7.718   -4.465  -8.599  1.00 12.65 ? 98  THR A O   1 
ATOM   629 C  CB  . THR A 1 74 ? 8.870   -6.566  -10.301 1.00 22.35 ? 98  THR A CB  1 
ATOM   630 O  OG1 . THR A 1 74 ? 8.153   -6.072  -11.442 1.00 16.05 ? 98  THR A OG1 1 
ATOM   631 C  CG2 . THR A 1 74 ? 9.585   -7.851  -10.663 1.00 21.49 ? 98  THR A CG2 1 
ATOM   632 N  N   . CYS A 1 75 ? 5.796   -5.526  -9.101  1.00 11.94 ? 99  CYS A N   1 
ATOM   633 C  CA  . CYS A 1 75 ? 4.979   -4.328  -9.022  1.00 16.58 ? 99  CYS A CA  1 
ATOM   634 C  C   . CYS A 1 75 ? 4.922   -3.814  -7.601  1.00 13.58 ? 99  CYS A C   1 
ATOM   635 O  O   . CYS A 1 75 ? 4.622   -4.553  -6.656  1.00 15.57 ? 99  CYS A O   1 
ATOM   636 C  CB  . CYS A 1 75 ? 3.566   -4.616  -9.533  1.00 16.90 ? 99  CYS A CB  1 
ATOM   637 S  SG  . CYS A 1 75 ? 3.545   -4.928  -11.291 1.00 17.18 ? 99  CYS A SG  1 
ATOM   638 N  N   . VAL A 1 76 ? 5.186   -2.523  -7.464  1.00 9.70  ? 100 VAL A N   1 
ATOM   639 C  CA  . VAL A 1 76 ? 5.096   -1.805  -6.208  1.00 11.38 ? 100 VAL A CA  1 
ATOM   640 C  C   . VAL A 1 76 ? 3.878   -0.901  -6.290  1.00 18.12 ? 100 VAL A C   1 
ATOM   641 O  O   . VAL A 1 76 ? 3.690   -0.180  -7.275  1.00 11.64 ? 100 VAL A O   1 
ATOM   642 C  CB  . VAL A 1 76 ? 6.384   -1.009  -5.959  1.00 19.69 ? 100 VAL A CB  1 
ATOM   643 C  CG1 . VAL A 1 76 ? 6.219   0.001   -4.821  1.00 15.03 ? 100 VAL A CG1 1 
ATOM   644 C  CG2 . VAL A 1 76 ? 7.531   -1.988  -5.715  1.00 18.53 ? 100 VAL A CG2 1 
ATOM   645 N  N   . VAL A 1 77 ? 3.029   -0.968  -5.278  1.00 15.32 ? 101 VAL A N   1 
ATOM   646 C  CA  . VAL A 1 77 ? 1.742   -0.285  -5.285  1.00 10.31 ? 101 VAL A CA  1 
ATOM   647 C  C   . VAL A 1 77 ? 1.774   0.804   -4.232  1.00 9.49  ? 101 VAL A C   1 
ATOM   648 O  O   . VAL A 1 77 ? 2.215   0.566   -3.102  1.00 16.67 ? 101 VAL A O   1 
ATOM   649 C  CB  . VAL A 1 77 ? 0.599   -1.271  -5.011  1.00 14.29 ? 101 VAL A CB  1 
ATOM   650 C  CG1 . VAL A 1 77 ? -0.740  -0.581  -5.157  1.00 16.46 ? 101 VAL A CG1 1 
ATOM   651 C  CG2 . VAL A 1 77 ? 0.713   -2.480  -5.942  1.00 13.77 ? 101 VAL A CG2 1 
ATOM   652 N  N   . THR A 1 78 ? 1.298   1.993   -4.585  1.00 14.11 ? 102 THR A N   1 
ATOM   653 C  CA  . THR A 1 78 ? 1.242   3.085   -3.626  1.00 14.75 ? 102 THR A CA  1 
ATOM   654 C  C   . THR A 1 78 ? -0.176  3.617   -3.540  1.00 14.43 ? 102 THR A C   1 
ATOM   655 O  O   . THR A 1 78 ? -0.985  3.462   -4.461  1.00 17.07 ? 102 THR A O   1 
ATOM   656 C  CB  . THR A 1 78 ? 2.176   4.240   -3.985  1.00 16.10 ? 102 THR A CB  1 
ATOM   657 O  OG1 . THR A 1 78 ? 1.934   4.653   -5.335  1.00 16.02 ? 102 THR A OG1 1 
ATOM   658 C  CG2 . THR A 1 78 ? 3.614   3.812   -3.829  1.00 13.12 ? 102 THR A CG2 1 
ATOM   659 N  N   . LEU A 1 79 ? -0.463  4.240   -2.406  1.00 17.47 ? 103 LEU A N   1 
ATOM   660 C  CA  . LEU A 1 79 ? -1.704  4.974   -2.214  1.00 14.76 ? 103 LEU A CA  1 
ATOM   661 C  C   . LEU A 1 79 ? -1.408  6.172   -1.319  1.00 18.67 ? 103 LEU A C   1 
ATOM   662 O  O   . LEU A 1 79 ? -0.796  6.019   -0.258  1.00 24.56 ? 103 LEU A O   1 
ATOM   663 C  CB  . LEU A 1 79 ? -2.782  4.081   -1.594  1.00 16.07 ? 103 LEU A CB  1 
ATOM   664 C  CG  . LEU A 1 79 ? -4.013  4.811   -1.047  1.00 16.62 ? 103 LEU A CG  1 
ATOM   665 C  CD1 . LEU A 1 79 ? -4.870  5.242   -2.210  1.00 22.50 ? 103 LEU A CD1 1 
ATOM   666 C  CD2 . LEU A 1 79 ? -4.799  3.900   -0.121  1.00 21.42 ? 103 LEU A CD2 1 
ATOM   667 N  N   . ASN A 1 80 ? -1.806  7.361   -1.745  1.00 21.06 ? 104 ASN A N   1 
ATOM   668 C  CA  . ASN A 1 80 ? -1.590  8.530   -0.904  1.00 17.28 ? 104 ASN A CA  1 
ATOM   669 C  C   . ASN A 1 80 ? -2.889  8.925   -0.208  1.00 25.42 ? 104 ASN A C   1 
ATOM   670 O  O   . ASN A 1 80 ? -3.958  8.356   -0.446  1.00 30.82 ? 104 ASN A O   1 
ATOM   671 C  CB  . ASN A 1 80 ? -1.009  9.694   -1.715  1.00 21.01 ? 104 ASN A CB  1 
ATOM   672 C  CG  . ASN A 1 80 ? -1.926  10.166  -2.835  1.00 25.20 ? 104 ASN A CG  1 
ATOM   673 O  OD1 . ASN A 1 80 ? -3.150  10.027  -2.779  1.00 26.76 ? 104 ASN A OD1 1 
ATOM   674 N  ND2 . ASN A 1 80 ? -1.321  10.754  -3.860  1.00 25.18 ? 104 ASN A ND2 1 
ATOM   675 N  N   . ASP A 1 81 ? -2.780  9.903   0.689   1.00 26.02 ? 105 ASP A N   1 
ATOM   676 C  CA  . ASP A 1 81 ? -3.952  10.360  1.424   1.00 24.20 ? 105 ASP A CA  1 
ATOM   677 C  C   . ASP A 1 81 ? -4.990  11.006  0.519   1.00 25.71 ? 105 ASP A C   1 
ATOM   678 O  O   . ASP A 1 81 ? -6.143  11.154  0.930   1.00 33.13 ? 105 ASP A O   1 
ATOM   679 C  CB  . ASP A 1 81 ? -3.525  11.353  2.499   1.00 23.39 ? 105 ASP A CB  1 
ATOM   680 C  CG  . ASP A 1 81 ? -2.905  12.574  1.920   1.00 22.94 ? 105 ASP A CG  1 
ATOM   681 O  OD1 . ASP A 1 81 ? -1.795  12.464  1.354   1.00 25.18 ? 105 ASP A OD1 1 
ATOM   682 O  OD2 . ASP A 1 81 ? -3.512  13.659  2.038   1.00 30.55 ? 105 ASP A OD2 1 
ATOM   683 N  N   . GLY A 1 82 ? -4.599  11.435  -0.674  1.00 22.54 ? 106 GLY A N   1 
ATOM   684 C  CA  . GLY A 1 82 ? -5.559  11.932  -1.632  1.00 28.02 ? 106 GLY A CA  1 
ATOM   685 C  C   . GLY A 1 82 ? -6.382  10.866  -2.314  1.00 33.43 ? 106 GLY A C   1 
ATOM   686 O  O   . GLY A 1 82 ? -7.292  11.200  -3.077  1.00 28.17 ? 106 GLY A O   1 
ATOM   687 N  N   . GLY A 1 83 ? -6.095  9.592   -2.061  1.00 31.56 ? 107 GLY A N   1 
ATOM   688 C  CA  . GLY A 1 83 ? -6.854  8.521   -2.664  1.00 29.00 ? 107 GLY A CA  1 
ATOM   689 C  C   . GLY A 1 83 ? -6.342  8.031   -4.000  1.00 23.83 ? 107 GLY A C   1 
ATOM   690 O  O   . GLY A 1 83 ? -7.014  7.211   -4.636  1.00 24.02 ? 107 GLY A O   1 
ATOM   691 N  N   . THR A 1 84 ? -5.174  8.489   -4.443  1.00 17.77 ? 108 THR A N   1 
ATOM   692 C  CA  . THR A 1 84 ? -4.621  8.089   -5.731  1.00 20.30 ? 108 THR A CA  1 
ATOM   693 C  C   . THR A 1 84 ? -3.854  6.787   -5.580  1.00 25.58 ? 108 THR A C   1 
ATOM   694 O  O   . THR A 1 84 ? -2.855  6.733   -4.855  1.00 18.64 ? 108 THR A O   1 
ATOM   695 C  CB  . THR A 1 84 ? -3.697  9.159   -6.291  1.00 21.67 ? 108 THR A CB  1 
ATOM   696 O  OG1 . THR A 1 84 ? -4.481  10.292  -6.673  1.00 20.22 ? 108 THR A OG1 1 
ATOM   697 C  CG2 . THR A 1 84 ? -2.936  8.608   -7.503  1.00 19.93 ? 108 THR A CG2 1 
ATOM   698 N  N   . ILE A 1 85 ? -4.305  5.747   -6.274  1.00 22.62 ? 109 ILE A N   1 
ATOM   699 C  CA  . ILE A 1 85 ? -3.630  4.454   -6.269  1.00 19.32 ? 109 ILE A CA  1 
ATOM   700 C  C   . ILE A 1 85 ? -2.789  4.359   -7.533  1.00 17.30 ? 109 ILE A C   1 
ATOM   701 O  O   . ILE A 1 85 ? -3.188  4.849   -8.599  1.00 24.68 ? 109 ILE A O   1 
ATOM   702 C  CB  . ILE A 1 85 ? -4.636  3.289   -6.182  1.00 28.77 ? 109 ILE A CB  1 
ATOM   703 C  CG1 . ILE A 1 85 ? -3.898  1.959   -6.031  1.00 26.88 ? 109 ILE A CG1 1 
ATOM   704 C  CG2 . ILE A 1 85 ? -5.535  3.247   -7.422  1.00 23.68 ? 109 ILE A CG2 1 
ATOM   705 C  CD1 . ILE A 1 85 ? -4.300  1.179   -4.803  1.00 31.85 ? 109 ILE A CD1 1 
ATOM   706 N  N   . ALA A 1 86 ? -1.611  3.751   -7.415  1.00 11.23 ? 110 ALA A N   1 
ATOM   707 C  CA  . ALA A 1 86 ? -0.700  3.645   -8.541  1.00 17.84 ? 110 ALA A CA  1 
ATOM   708 C  C   . ALA A 1 86 ? 0.134   2.385   -8.385  1.00 14.71 ? 110 ALA A C   1 
ATOM   709 O  O   . ALA A 1 86 ? 0.426   1.948   -7.264  1.00 11.60 ? 110 ALA A O   1 
ATOM   710 C  CB  . ALA A 1 86 ? 0.212   4.877   -8.635  1.00 23.35 ? 110 ALA A CB  1 
ATOM   711 N  N   . ALA A 1 87 ? 0.531   1.812   -9.519  1.00 12.24 ? 111 ALA A N   1 
ATOM   712 C  CA  . ALA A 1 87 ? 1.357   0.615   -9.510  1.00 13.45 ? 111 ALA A CA  1 
ATOM   713 C  C   . ALA A 1 87 ? 2.321   0.648   -10.680 1.00 14.65 ? 111 ALA A C   1 
ATOM   714 O  O   . ALA A 1 87 ? 1.933   0.994   -11.797 1.00 13.07 ? 111 ALA A O   1 
ATOM   715 C  CB  . ALA A 1 87 ? 0.521   -0.675  -9.601  1.00 12.99 ? 111 ALA A CB  1 
ATOM   716 N  N   . SER A 1 88 ? 3.559   0.228   -10.427 1.00 10.15 ? 112 SER A N   1 
ATOM   717 C  CA  . SER A 1 88 ? 4.514   0.071   -11.510 1.00 11.15 ? 112 SER A CA  1 
ATOM   718 C  C   . SER A 1 88 ? 5.455   -1.061  -11.151 1.00 12.95 ? 112 SER A C   1 
ATOM   719 O  O   . SER A 1 88 ? 5.818   -1.220  -9.979  1.00 12.84 ? 112 SER A O   1 
ATOM   720 C  CB  . SER A 1 88 ? 5.284   1.376   -11.760 1.00 10.32 ? 112 SER A CB  1 
ATOM   721 O  OG  . SER A 1 88 ? 5.957   1.319   -12.989 1.00 14.32 ? 112 SER A OG  1 
ATOM   722 N  N   . GLY A 1 89 ? 5.853   -1.839  -12.168 1.00 14.76 ? 113 GLY A N   1 
ATOM   723 C  CA  . GLY A 1 89 ? 6.788   -2.931  -11.997 1.00 14.43 ? 113 GLY A CA  1 
ATOM   724 C  C   . GLY A 1 89 ? 8.097   -2.711  -12.754 1.00 20.37 ? 113 GLY A C   1 
ATOM   725 O  O   . GLY A 1 89 ? 8.312   -1.682  -13.413 1.00 18.58 ? 113 GLY A O   1 
ATOM   726 N  N   . THR A 1 90 ? 8.980   -3.698  -12.642 1.00 14.62 ? 114 THR A N   1 
ATOM   727 C  CA  . THR A 1 90 ? 10.280  -3.635  -13.311 1.00 19.52 ? 114 THR A CA  1 
ATOM   728 C  C   . THR A 1 90 ? 10.194  -4.473  -14.580 1.00 26.94 ? 114 THR A C   1 
ATOM   729 O  O   . THR A 1 90 ? 10.161  -5.711  -14.516 1.00 19.22 ? 114 THR A O   1 
ATOM   730 C  CB  . THR A 1 90 ? 11.390  -4.112  -12.381 1.00 24.12 ? 114 THR A CB  1 
ATOM   731 O  OG1 . THR A 1 90 ? 11.482  -3.197  -11.286 1.00 27.08 ? 114 THR A OG1 1 
ATOM   732 C  CG2 . THR A 1 90 ? 12.730  -4.150  -13.115 1.00 30.64 ? 114 THR A CG2 1 
ATOM   733 N  N   . ASN A 1 91 ? 10.136  -3.785  -15.723 1.00 28.77 ? 115 ASN A N   1 
ATOM   734 C  CA  . ASN A 1 91 ? 9.933   -4.381  -17.047 1.00 29.59 ? 115 ASN A CA  1 
ATOM   735 C  C   . ASN A 1 91 ? 8.876   -5.482  -16.990 1.00 35.38 ? 115 ASN A C   1 
ATOM   736 O  O   . ASN A 1 91 ? 9.056   -6.598  -17.479 1.00 34.74 ? 115 ASN A O   1 
ATOM   737 C  CB  . ASN A 1 91 ? 11.260  -4.875  -17.624 1.00 28.43 ? 115 ASN A CB  1 
ATOM   738 C  CG  . ASN A 1 91 ? 12.277  -3.743  -17.761 1.00 37.91 ? 115 ASN A CG  1 
ATOM   739 O  OD1 . ASN A 1 91 ? 12.071  -2.787  -18.516 1.00 37.87 ? 115 ASN A OD1 1 
ATOM   740 N  ND2 . ASN A 1 91 ? 13.379  -3.845  -17.021 1.00 34.19 ? 115 ASN A ND2 1 
ATOM   741 N  N   . GLN A 1 92 ? 7.751   -5.134  -16.371 1.00 23.70 ? 116 GLN A N   1 
ATOM   742 C  CA  . GLN A 1 92 ? 6.684   -6.075  -16.075 1.00 20.68 ? 116 GLN A CA  1 
ATOM   743 C  C   . GLN A 1 92 ? 5.424   -5.254  -15.865 1.00 17.56 ? 116 GLN A C   1 
ATOM   744 O  O   . GLN A 1 92 ? 5.456   -4.267  -15.118 1.00 16.65 ? 116 GLN A O   1 
ATOM   745 C  CB  . GLN A 1 92 ? 7.007   -6.919  -14.826 1.00 22.75 ? 116 GLN A CB  1 
ATOM   746 C  CG  . GLN A 1 92 ? 5.916   -7.938  -14.443 1.00 25.04 ? 116 GLN A CG  1 
ATOM   747 C  CD  . GLN A 1 92 ? 6.206   -8.677  -13.126 1.00 20.88 ? 116 GLN A CD  1 
ATOM   748 O  OE1 . GLN A 1 92 ? 6.569   -8.062  -12.117 1.00 21.57 ? 116 GLN A OE1 1 
ATOM   749 N  NE2 . GLN A 1 92 ? 6.041   -9.998  -13.137 1.00 16.62 ? 116 GLN A NE2 1 
ATOM   750 N  N   . SER A 1 93 ? 4.351   -5.627  -16.564 1.00 18.81 ? 117 SER A N   1 
ATOM   751 C  CA  . SER A 1 93 ? 3.054   -4.981  -16.402 1.00 17.54 ? 117 SER A CA  1 
ATOM   752 C  C   . SER A 1 93 ? 2.435   -5.378  -15.067 1.00 23.12 ? 117 SER A C   1 
ATOM   753 O  O   . SER A 1 93 ? 2.822   -6.371  -14.445 1.00 17.05 ? 117 SER A O   1 
ATOM   754 C  CB  . SER A 1 93 ? 2.119   -5.368  -17.547 1.00 19.65 ? 117 SER A CB  1 
ATOM   755 O  OG  . SER A 1 93 ? 1.981   -6.774  -17.631 1.00 34.09 ? 117 SER A OG  1 
ATOM   756 N  N   . CYS A 1 94 ? 1.453   -4.597  -14.623 1.00 19.60 ? 118 CYS A N   1 
ATOM   757 C  CA  . CYS A 1 94 ? 0.840   -4.796  -13.310 1.00 20.03 ? 118 CYS A CA  1 
ATOM   758 C  C   . CYS A 1 94 ? -0.637  -5.094  -13.520 1.00 20.69 ? 118 CYS A C   1 
ATOM   759 O  O   . CYS A 1 94 ? -1.456  -4.171  -13.576 1.00 15.83 ? 118 CYS A O   1 
ATOM   760 C  CB  . CYS A 1 94 ? 1.041   -3.578  -12.410 1.00 12.31 ? 118 CYS A CB  1 
ATOM   761 S  SG  . CYS A 1 94 ? 2.783   -3.192  -12.058 1.00 15.33 ? 118 CYS A SG  1 
ATOM   762 N  N   . PRO A 1 95 ? -1.014  -6.369  -13.641 1.00 20.08 ? 119 PRO A N   1 
ATOM   763 C  CA  . PRO A 1 95 ? -2.388  -6.715  -14.023 1.00 24.32 ? 119 PRO A CA  1 
ATOM   764 C  C   . PRO A 1 95 ? -3.398  -6.087  -13.076 1.00 28.76 ? 119 PRO A C   1 
ATOM   765 O  O   . PRO A 1 95 ? -3.239  -6.136  -11.850 1.00 26.88 ? 119 PRO A O   1 
ATOM   766 C  CB  . PRO A 1 95 ? -2.418  -8.249  -13.937 1.00 35.59 ? 119 PRO A CB  1 
ATOM   767 C  CG  . PRO A 1 95 ? -1.075  -8.678  -13.431 1.00 34.15 ? 119 PRO A CG  1 
ATOM   768 C  CD  . PRO A 1 95 ? -0.127  -7.540  -13.600 1.00 25.18 ? 119 PRO A CD  1 
ATOM   769 N  N   . GLY A 1 96 ? -4.446  -5.494  -13.663 1.00 24.80 ? 120 GLY A N   1 
ATOM   770 C  CA  . GLY A 1 96 ? -5.404  -4.711  -12.923 1.00 20.09 ? 120 GLY A CA  1 
ATOM   771 C  C   . GLY A 1 96 ? -5.091  -3.232  -12.862 1.00 24.03 ? 120 GLY A C   1 
ATOM   772 O  O   . GLY A 1 96 ? -5.959  -2.451  -12.464 1.00 33.94 ? 120 GLY A O   1 
ATOM   773 N  N   . PHE A 1 97 ? -3.876  -2.822  -13.238 1.00 21.57 ? 121 PHE A N   1 
ATOM   774 C  CA  . PHE A 1 97 ? -3.507  -1.411  -13.290 1.00 25.79 ? 121 PHE A CA  1 
ATOM   775 C  C   . PHE A 1 97 ? -3.120  -0.986  -14.701 1.00 41.75 ? 121 PHE A C   1 
ATOM   776 O  O   . PHE A 1 97 ? -3.711  -0.046  -15.243 1.00 50.97 ? 121 PHE A O   1 
ATOM   777 C  CB  . PHE A 1 97 ? -2.359  -1.121  -12.319 1.00 22.27 ? 121 PHE A CB  1 
ATOM   778 C  CG  . PHE A 1 97 ? -2.733  -1.275  -10.876 1.00 19.76 ? 121 PHE A CG  1 
ATOM   779 C  CD1 . PHE A 1 97 ? -3.199  -0.190  -10.152 1.00 32.88 ? 121 PHE A CD1 1 
ATOM   780 C  CD2 . PHE A 1 97 ? -2.608  -2.490  -10.238 1.00 29.40 ? 121 PHE A CD2 1 
ATOM   781 C  CE1 . PHE A 1 97 ? -3.537  -0.325  -8.817  1.00 29.27 ? 121 PHE A CE1 1 
ATOM   782 C  CE2 . PHE A 1 97 ? -2.954  -2.629  -8.902  1.00 32.75 ? 121 PHE A CE2 1 
ATOM   783 C  CZ  . PHE A 1 97 ? -3.423  -1.544  -8.200  1.00 27.37 ? 121 PHE A CZ  1 
ATOM   784 N  N   . ASP A 1 98 ? -2.141  -1.639  -15.309 1.00 54.01 ? 122 ASP A N   1 
ATOM   785 C  CA  . ASP A 1 98 ? -1.865  -1.391  -16.714 1.00 64.71 ? 122 ASP A CA  1 
ATOM   786 C  C   . ASP A 1 98 ? -2.215  -2.633  -17.539 1.00 72.83 ? 122 ASP A C   1 
ATOM   787 O  O   . ASP A 1 98 ? -1.597  -3.697  -17.455 1.00 67.55 ? 122 ASP A O   1 
ATOM   788 C  CB  . ASP A 1 98 ? -0.406  -0.948  -16.919 1.00 67.17 ? 122 ASP A CB  1 
ATOM   789 C  CG  . ASP A 1 98 ? 0.591   -1.796  -16.144 1.00 76.42 ? 122 ASP A CG  1 
ATOM   790 O  OD1 . ASP A 1 98 ? 0.674   -3.003  -16.414 1.00 85.09 ? 122 ASP A OD1 1 
ATOM   791 O  OD2 . ASP A 1 98 ? 1.306   -1.254  -15.272 1.00 74.67 ? 122 ASP A OD2 1 
ATOM   792 O  OXT . ASP A 1 98 ? -3.176  -2.599  -18.314 1.00 82.82 ? 122 ASP A OXT 1 
HETATM 793 C  C1  . GOL B 2 .  ? 5.322   -17.788 -11.496 1.00 38.53 ? 201 GOL A C1  1 
HETATM 794 O  O1  . GOL B 2 .  ? 4.024   -18.074 -11.045 1.00 26.55 ? 201 GOL A O1  1 
HETATM 795 C  C2  . GOL B 2 .  ? 5.848   -16.609 -10.710 1.00 38.31 ? 201 GOL A C2  1 
HETATM 796 O  O2  . GOL B 2 .  ? 6.217   -15.571 -11.603 1.00 33.74 ? 201 GOL A O2  1 
HETATM 797 C  C3  . GOL B 2 .  ? 4.737   -16.190 -9.752  1.00 38.64 ? 201 GOL A C3  1 
HETATM 798 O  O3  . GOL B 2 .  ? 3.622   -15.607 -10.399 1.00 32.96 ? 201 GOL A O3  1 
HETATM 799 C  C1  . GOL C 2 .  ? 0.939   10.046  -6.527  1.00 50.46 ? 202 GOL A C1  1 
HETATM 800 O  O1  . GOL C 2 .  ? 0.348   10.189  -7.804  1.00 51.75 ? 202 GOL A O1  1 
HETATM 801 C  C2  . GOL C 2 .  ? 1.189   8.577   -6.198  1.00 46.01 ? 202 GOL A C2  1 
HETATM 802 O  O2  . GOL C 2 .  ? 2.452   8.492   -5.578  1.00 47.79 ? 202 GOL A O2  1 
HETATM 803 C  C3  . GOL C 2 .  ? 0.109   8.071   -5.237  1.00 38.74 ? 202 GOL A C3  1 
HETATM 804 O  O3  . GOL C 2 .  ? -0.057  6.667   -5.296  1.00 30.05 ? 202 GOL A O3  1 
HETATM 805 C  C1  . GOL D 2 .  ? -3.881  -15.585 -4.549  1.00 48.22 ? 203 GOL A C1  1 
HETATM 806 O  O1  . GOL D 2 .  ? -3.153  -15.045 -3.477  1.00 54.50 ? 203 GOL A O1  1 
HETATM 807 C  C2  . GOL D 2 .  ? -3.405  -17.011 -4.718  1.00 59.62 ? 203 GOL A C2  1 
HETATM 808 O  O2  . GOL D 2 .  ? -3.505  -17.695 -3.487  1.00 62.32 ? 203 GOL A O2  1 
HETATM 809 C  C3  . GOL D 2 .  ? -4.279  -17.686 -5.759  1.00 68.75 ? 203 GOL A C3  1 
HETATM 810 O  O3  . GOL D 2 .  ? -3.613  -18.849 -6.189  1.00 75.08 ? 203 GOL A O3  1 
HETATM 811 O  O   . HOH E 3 .  ? 6.590   11.158  12.446  1.00 73.80 ? 301 HOH A O   1 
HETATM 812 O  O   . HOH E 3 .  ? 6.886   -1.502  1.503   1.00 20.38 ? 302 HOH A O   1 
HETATM 813 O  O   . HOH E 3 .  ? 10.642  -0.427  -3.017  1.00 32.56 ? 303 HOH A O   1 
HETATM 814 O  O   . HOH E 3 .  ? 13.343  -0.679  -18.543 1.00 44.88 ? 304 HOH A O   1 
HETATM 815 O  O   . HOH E 3 .  ? -3.274  12.284  -5.818  1.00 37.53 ? 305 HOH A O   1 
HETATM 816 O  O   . HOH E 3 .  ? 3.847   -14.346 -7.511  1.00 20.09 ? 306 HOH A O   1 
HETATM 817 O  O   . HOH E 3 .  ? 2.894   9.893   -3.540  1.00 38.90 ? 307 HOH A O   1 
HETATM 818 O  O   . HOH E 3 .  ? -5.032  -14.553 -1.876  1.00 28.59 ? 308 HOH A O   1 
HETATM 819 O  O   . HOH E 3 .  ? -6.333  -4.554  -9.192  1.00 46.31 ? 309 HOH A O   1 
HETATM 820 O  O   . HOH E 3 .  ? 8.388   7.554   6.280   1.00 34.07 ? 310 HOH A O   1 
HETATM 821 O  O   . HOH E 3 .  ? -10.908 -2.820  -1.702  1.00 43.75 ? 311 HOH A O   1 
HETATM 822 O  O   . HOH E 3 .  ? 3.000   -18.139 -1.879  1.00 22.24 ? 312 HOH A O   1 
HETATM 823 O  O   . HOH E 3 .  ? -9.441  3.011   12.794  1.00 41.79 ? 313 HOH A O   1 
HETATM 824 O  O   . HOH E 3 .  ? 1.123   -10.045 -7.157  1.00 15.56 ? 314 HOH A O   1 
HETATM 825 O  O   . HOH E 3 .  ? 6.303   5.676   -2.493  1.00 30.92 ? 315 HOH A O   1 
HETATM 826 O  O   . HOH E 3 .  ? -2.578  6.394   -10.654 1.00 32.97 ? 316 HOH A O   1 
HETATM 827 O  O   . HOH E 3 .  ? -4.843  16.216  4.798   1.00 30.09 ? 317 HOH A O   1 
HETATM 828 O  O   . HOH E 3 .  ? -0.070  -16.107 -16.512 1.00 43.27 ? 318 HOH A O   1 
HETATM 829 O  O   . HOH E 3 .  ? -8.698  0.654   -11.482 1.00 56.60 ? 319 HOH A O   1 
HETATM 830 O  O   . HOH E 3 .  ? 8.124   11.372  4.572   1.00 39.93 ? 320 HOH A O   1 
HETATM 831 O  O   . HOH E 3 .  ? 6.458   2.083   7.435   1.00 25.37 ? 321 HOH A O   1 
HETATM 832 O  O   . HOH E 3 .  ? 11.173  -17.036 -2.830  1.00 31.96 ? 322 HOH A O   1 
HETATM 833 O  O   . HOH E 3 .  ? -2.531  -9.722  -1.970  1.00 27.35 ? 323 HOH A O   1 
HETATM 834 O  O   . HOH E 3 .  ? -0.154  13.429  18.272  1.00 37.70 ? 324 HOH A O   1 
HETATM 835 O  O   . HOH E 3 .  ? 10.319  -11.726 -7.143  1.00 31.21 ? 325 HOH A O   1 
HETATM 836 O  O   . HOH E 3 .  ? 3.292   -13.248 4.346   1.00 39.17 ? 326 HOH A O   1 
HETATM 837 O  O   . HOH E 3 .  ? 4.152   -9.837  3.153   1.00 26.33 ? 327 HOH A O   1 
HETATM 838 O  O   . HOH E 3 .  ? -5.441  -6.700  -10.030 1.00 21.29 ? 328 HOH A O   1 
HETATM 839 O  O   . HOH E 3 .  ? 8.579   -10.647 -5.391  1.00 21.32 ? 329 HOH A O   1 
HETATM 840 O  O   . HOH E 3 .  ? -9.929  -7.600  -1.257  1.00 41.09 ? 330 HOH A O   1 
HETATM 841 O  O   . HOH E 3 .  ? 6.223   -17.380 -4.162  1.00 14.36 ? 331 HOH A O   1 
HETATM 842 O  O   . HOH E 3 .  ? 2.600   11.868  0.609   1.00 24.38 ? 332 HOH A O   1 
HETATM 843 O  O   . HOH E 3 .  ? 4.517   -1.671  -14.754 1.00 15.48 ? 333 HOH A O   1 
HETATM 844 O  O   . HOH E 3 .  ? 10.143  -4.557  -7.215  1.00 27.34 ? 334 HOH A O   1 
HETATM 845 O  O   . HOH E 3 .  ? 5.260   -8.422  6.389   1.00 45.20 ? 335 HOH A O   1 
HETATM 846 O  O   . HOH E 3 .  ? 9.465   -6.359  0.398   1.00 42.67 ? 336 HOH A O   1 
HETATM 847 O  O   . HOH E 3 .  ? -4.836  -1.755  -20.450 1.00 46.63 ? 337 HOH A O   1 
HETATM 848 O  O   . HOH E 3 .  ? 11.866  -13.371 -4.613  1.00 25.45 ? 338 HOH A O   1 
HETATM 849 O  O   . HOH E 3 .  ? -3.190  1.605   -17.492 1.00 38.89 ? 339 HOH A O   1 
HETATM 850 O  O   . HOH E 3 .  ? 9.999   -4.096  -4.130  1.00 21.28 ? 340 HOH A O   1 
HETATM 851 O  O   . HOH E 3 .  ? 8.555   -1.415  -16.238 1.00 24.27 ? 341 HOH A O   1 
HETATM 852 O  O   . HOH E 3 .  ? -11.395 3.986   -4.371  1.00 36.27 ? 342 HOH A O   1 
HETATM 853 O  O   . HOH E 3 .  ? 6.837   5.373   13.895  1.00 46.43 ? 343 HOH A O   1 
HETATM 854 O  O   . HOH E 3 .  ? -1.007  -7.080  9.939   1.00 32.40 ? 344 HOH A O   1 
HETATM 855 O  O   . HOH E 3 .  ? -4.626  -4.771  -16.484 1.00 39.31 ? 345 HOH A O   1 
HETATM 856 O  O   . HOH E 3 .  ? -6.742  -6.416  3.797   1.00 42.99 ? 346 HOH A O   1 
HETATM 857 O  O   . HOH E 3 .  ? -8.200  13.745  20.583  1.00 52.89 ? 347 HOH A O   1 
HETATM 858 O  O   . HOH E 3 .  ? -0.527  8.998   -10.334 1.00 29.33 ? 348 HOH A O   1 
HETATM 859 O  O   . HOH E 3 .  ? -0.361  0.787   -13.983 1.00 36.37 ? 349 HOH A O   1 
HETATM 860 O  O   . HOH E 3 .  ? 2.333   18.255  5.135   1.00 31.19 ? 350 HOH A O   1 
HETATM 861 O  O   . HOH E 3 .  ? -0.076  -2.546  -19.694 1.00 65.41 ? 351 HOH A O   1 
HETATM 862 O  O   . HOH E 3 .  ? -4.459  -18.301 -9.692  1.00 32.53 ? 352 HOH A O   1 
HETATM 863 O  O   . HOH E 3 .  ? -7.755  11.754  3.345   1.00 33.13 ? 353 HOH A O   1 
HETATM 864 O  O   . HOH E 3 .  ? 1.008   -20.460 2.000   1.00 54.70 ? 354 HOH A O   1 
HETATM 865 O  O   . HOH E 3 .  ? 0.899   6.287   17.111  1.00 42.73 ? 355 HOH A O   1 
HETATM 866 O  O   . HOH E 3 .  ? -7.040  -6.238  -17.581 1.00 37.05 ? 356 HOH A O   1 
HETATM 867 O  O   . HOH E 3 .  ? -3.385  -10.813 3.291   1.00 30.05 ? 357 HOH A O   1 
HETATM 868 O  O   . HOH E 3 .  ? -11.612 -1.508  -4.171  1.00 39.94 ? 358 HOH A O   1 
HETATM 869 O  O   . HOH E 3 .  ? 5.288   -11.274 -15.808 1.00 29.61 ? 359 HOH A O   1 
HETATM 870 O  O   . HOH E 3 .  ? -4.751  -12.741 -15.236 1.00 48.60 ? 360 HOH A O   1 
HETATM 871 O  O   . HOH E 3 .  ? 3.840   13.196  2.799   1.00 28.32 ? 361 HOH A O   1 
HETATM 872 O  O   . HOH E 3 .  ? -1.444  15.942  18.623  1.00 35.19 ? 362 HOH A O   1 
HETATM 873 O  O   . HOH E 3 .  ? -6.694  8.043   1.201   1.00 46.51 ? 363 HOH A O   1 
HETATM 874 O  O   . HOH E 3 .  ? -6.559  6.425   -8.405  1.00 25.34 ? 364 HOH A O   1 
HETATM 875 O  O   . HOH E 3 .  ? -6.982  5.196   14.156  1.00 43.49 ? 365 HOH A O   1 
HETATM 876 O  O   . HOH E 3 .  ? 10.246  8.102   5.164   1.00 43.09 ? 366 HOH A O   1 
HETATM 877 O  O   . HOH E 3 .  ? 3.427   -13.173 -14.784 1.00 32.95 ? 367 HOH A O   1 
HETATM 878 O  O   . HOH E 3 .  ? 10.313  -10.062 2.945   1.00 33.07 ? 368 HOH A O   1 
HETATM 879 O  O   . HOH E 3 .  ? -8.084  -7.077  -12.374 1.00 30.05 ? 369 HOH A O   1 
HETATM 880 O  O   . HOH E 3 .  ? 5.386   -11.567 5.865   1.00 36.96 ? 370 HOH A O   1 
HETATM 881 O  O   . HOH E 3 .  ? -1.140  -17.879 -12.478 1.00 12.76 ? 371 HOH A O   1 
HETATM 882 O  O   . HOH E 3 .  ? 3.000   -1.547  -18.931 1.00 33.57 ? 372 HOH A O   1 
HETATM 883 O  O   . HOH E 3 .  ? 10.838  -9.610  -4.693  1.00 32.99 ? 373 HOH A O   1 
# 
loop_
_atom_site_anisotrop.id 
_atom_site_anisotrop.type_symbol 
_atom_site_anisotrop.pdbx_label_atom_id 
_atom_site_anisotrop.pdbx_label_alt_id 
_atom_site_anisotrop.pdbx_label_comp_id 
_atom_site_anisotrop.pdbx_label_asym_id 
_atom_site_anisotrop.pdbx_label_seq_id 
_atom_site_anisotrop.pdbx_PDB_ins_code 
_atom_site_anisotrop.U[1][1] 
_atom_site_anisotrop.U[2][2] 
_atom_site_anisotrop.U[3][3] 
_atom_site_anisotrop.U[1][2] 
_atom_site_anisotrop.U[1][3] 
_atom_site_anisotrop.U[2][3] 
_atom_site_anisotrop.pdbx_auth_seq_id 
_atom_site_anisotrop.pdbx_auth_comp_id 
_atom_site_anisotrop.pdbx_auth_asym_id 
_atom_site_anisotrop.pdbx_auth_atom_id 
1   N  N   . GLY A 1  ? 0.2037 0.2577 0.3183 0.0235  -0.0509 -0.0457 25  GLY A N   
2   C  CA  . GLY A 1  ? 0.3085 0.3589 0.4202 0.0261  -0.0556 -0.0496 25  GLY A CA  
3   C  C   . GLY A 1  ? 0.2872 0.3389 0.4027 0.0249  -0.0542 -0.0489 25  GLY A C   
4   O  O   . GLY A 1  ? 0.1705 0.2254 0.2934 0.0218  -0.0490 -0.0460 25  GLY A O   
5   N  N   . SER A 2  ? 0.2946 0.3428 0.4052 0.0282  -0.0592 -0.0521 26  SER A N   
6   C  CA  . SER A 2  ? 0.3877 0.4371 0.4998 0.0281  -0.0586 -0.0514 26  SER A CA  
7   C  C   . SER A 2  ? 0.2721 0.3221 0.4046 0.0248  -0.0564 -0.0521 26  SER A C   
8   O  O   . SER A 2  ? 0.2845 0.3375 0.4209 0.0232  -0.0523 -0.0498 26  SER A O   
9   C  CB  . SER A 2  ? 0.5371 0.5813 0.6408 0.0333  -0.0658 -0.0555 26  SER A CB  
10  O  OG  . SER A 2  ? 0.6605 0.7040 0.7463 0.0368  -0.0664 -0.0547 26  SER A OG  
11  N  N   . HIS A 3  ? 0.2554 0.3026 0.4027 0.0240  -0.0586 -0.0554 27  HIS A N   
12  C  CA  . HIS A 3  ? 0.1738 0.2211 0.3440 0.0208  -0.0556 -0.0564 27  HIS A CA  
13  C  C   . HIS A 3  ? 0.2216 0.2731 0.3980 0.0168  -0.0455 -0.0514 27  HIS A C   
14  O  O   . HIS A 3  ? 0.1935 0.2467 0.3801 0.0150  -0.0401 -0.0500 27  HIS A O   
15  C  CB  . HIS A 3  ? 0.3020 0.3448 0.4885 0.0204  -0.0593 -0.0611 27  HIS A CB  
16  C  CG  . HIS A 3  ? 0.3570 0.3992 0.5697 0.0177  -0.0567 -0.0630 27  HIS A CG  
17  N  ND1 . HIS A 3  ? 0.3330 0.3772 0.5612 0.0133  -0.0460 -0.0594 27  HIS A ND1 
18  C  CD2 . HIS A 3  ? 0.4368 0.4761 0.6633 0.0191  -0.0627 -0.0680 27  HIS A CD2 
19  C  CE1 . HIS A 3  ? 0.2829 0.3253 0.5339 0.0118  -0.0444 -0.0618 27  HIS A CE1 
20  N  NE2 . HIS A 3  ? 0.3728 0.4129 0.6242 0.0153  -0.0552 -0.0674 27  HIS A NE2 
21  N  N   . MSE A 4  ? 0.1373 0.1899 0.3084 0.0159  -0.0429 -0.0491 28  MSE A N   
22  C  CA  . MSE A 4  ? 0.1321 0.1877 0.3071 0.0130  -0.0341 -0.0447 28  MSE A CA  
23  C  C   . MSE A 4  ? 0.0958 0.1553 0.2605 0.0132  -0.0309 -0.0418 28  MSE A C   
24  O  O   . MSE A 4  ? 0.1485 0.2089 0.3232 0.0111  -0.0226 -0.0398 28  MSE A O   
25  C  CB  . MSE A 4  ? 0.1273 0.1836 0.2936 0.0138  -0.0352 -0.0432 28  MSE A CB  
26  C  CG  . MSE A 4  ? 0.1992 0.2522 0.3829 0.0123  -0.0329 -0.0441 28  MSE A CG  
27  SE SE  . MSE A 4  ? 0.3049 0.3596 0.4718 0.0151  -0.0362 -0.0418 28  MSE A SE  
28  C  CE  . MSE A 4  ? 0.4955 0.5468 0.6496 0.0184  -0.0463 -0.0467 28  MSE A CE  
29  N  N   . ARG A 5  ? 0.1582 0.2188 0.3037 0.0159  -0.0363 -0.0418 29  ARG A N   
30  C  CA  . ARG A 5  ? 0.1415 0.2052 0.2770 0.0160  -0.0342 -0.0396 29  ARG A CA  
31  C  C   . ARG A 5  ? 0.1701 0.2335 0.3157 0.0159  -0.0325 -0.0406 29  ARG A C   
32  O  O   . ARG A 5  ? 0.1468 0.2124 0.2941 0.0149  -0.0267 -0.0388 29  ARG A O   
33  C  CB  . ARG A 5  ? 0.1189 0.1827 0.2348 0.0189  -0.0392 -0.0394 29  ARG A CB  
34  C  CG  . ARG A 5  ? 0.0939 0.1585 0.1996 0.0191  -0.0400 -0.0381 29  ARG A CG  
35  C  CD  . ARG A 5  ? 0.2879 0.3524 0.3776 0.0217  -0.0426 -0.0379 29  ARG A CD  
36  N  NE  . ARG A 5  ? 0.2540 0.3211 0.3385 0.0214  -0.0407 -0.0365 29  ARG A NE  
37  C  CZ  . ARG A 5  ? 0.2399 0.3056 0.3177 0.0244  -0.0431 -0.0376 29  ARG A CZ  
38  N  NH1 . ARG A 5  ? 0.2687 0.3300 0.3428 0.0281  -0.0478 -0.0404 29  ARG A NH1 
39  N  NH2 . ARG A 5  ? 0.1821 0.2504 0.2565 0.0242  -0.0414 -0.0367 29  ARG A NH2 
40  N  N   . ARG A 6  ? 0.2490 0.3090 0.4019 0.0175  -0.0375 -0.0440 30  ARG A N   
41  C  CA  . ARG A 6  ? 0.2435 0.3032 0.4064 0.0181  -0.0371 -0.0452 30  ARG A CA  
42  C  C   . ARG A 6  ? 0.2215 0.2817 0.4039 0.0145  -0.0272 -0.0437 30  ARG A C   
43  O  O   . ARG A 6  ? 0.1660 0.2273 0.3520 0.0143  -0.0218 -0.0423 30  ARG A O   
44  C  CB  . ARG A 6  ? 0.1181 0.1740 0.2863 0.0207  -0.0458 -0.0500 30  ARG A CB  
45  C  CG  . ARG A 6  ? 0.2791 0.3348 0.4616 0.0212  -0.0461 -0.0516 30  ARG A CG  
46  C  CD  . ARG A 6  ? 0.2990 0.3505 0.4868 0.0245  -0.0565 -0.0573 30  ARG A CD  
47  N  NE  . ARG A 6  ? 0.3302 0.3782 0.4981 0.0287  -0.0645 -0.0591 30  ARG A NE  
48  C  CZ  . ARG A 6  ? 0.3880 0.4335 0.5421 0.0334  -0.0708 -0.0603 30  ARG A CZ  
49  N  NH1 . ARG A 6  ? 0.4785 0.5195 0.6146 0.0375  -0.0765 -0.0619 30  ARG A NH1 
50  N  NH2 . ARG A 6  ? 0.3626 0.4092 0.5202 0.0347  -0.0707 -0.0597 30  ARG A NH2 
51  N  N   . VAL A 7  ? 0.1613 0.2197 0.3564 0.0120  -0.0234 -0.0438 31  VAL A N   
52  C  CA  . VAL A 7  ? 0.1029 0.1595 0.3163 0.0086  -0.0109 -0.0418 31  VAL A CA  
53  C  C   . VAL A 7  ? 0.1252 0.1830 0.3295 0.0078  -0.0009 -0.0374 31  VAL A C   
54  O  O   . VAL A 7  ? 0.1362 0.1917 0.3466 0.0067  0.0094  -0.0356 31  VAL A O   
55  C  CB  . VAL A 7  ? 0.1191 0.1721 0.3469 0.0063  -0.0080 -0.0423 31  VAL A CB  
56  C  CG1 . VAL A 7  ? 0.1306 0.1793 0.3737 0.0029  0.0085  -0.0387 31  VAL A CG1 
57  C  CG2 . VAL A 7  ? 0.1134 0.1643 0.3534 0.0071  -0.0175 -0.0477 31  VAL A CG2 
58  N  N   . ARG A 8  ? 0.0989 0.1593 0.2885 0.0083  -0.0033 -0.0361 32  ARG A N   
59  C  CA  . ARG A 8  ? 0.0776 0.1301 0.2428 0.0066  0.0049  -0.0310 32  ARG A CA  
60  C  C   . ARG A 8  ? 0.1088 0.1624 0.2632 0.0074  0.0046  -0.0308 32  ARG A C   
61  O  O   . ARG A 8  ? 0.1385 0.1838 0.2815 0.0058  0.0144  -0.0276 32  ARG A O   
62  C  CB  . ARG A 8  ? 0.0782 0.1293 0.2229 0.0068  -0.0004 -0.0294 32  ARG A CB  
63  C  CG  . ARG A 8  ? 0.2199 0.2682 0.3744 0.0063  0.0003  -0.0293 32  ARG A CG  
64  C  CD  . ARG A 8  ? 0.1643 0.2113 0.3008 0.0072  -0.0054 -0.0279 32  ARG A CD  
65  N  NE  . ARG A 8  ? 0.1004 0.1428 0.2464 0.0069  -0.0035 -0.0276 32  ARG A NE  
66  C  CZ  . ARG A 8  ? 0.1681 0.2102 0.3058 0.0085  -0.0093 -0.0274 32  ARG A CZ  
67  N  NH1 . ARG A 8  ? 0.1047 0.1518 0.2263 0.0105  -0.0167 -0.0276 32  ARG A NH1 
68  N  NH2 . ARG A 8  ? 0.1339 0.1702 0.2805 0.0081  -0.0069 -0.0269 32  ARG A NH2 
69  N  N   . LEU A 9  ? 0.0792 0.1409 0.2352 0.0105  -0.0059 -0.0342 33  LEU A N   
70  C  CA  . LEU A 9  ? 0.1042 0.1656 0.2509 0.0115  -0.0057 -0.0337 33  LEU A CA  
71  C  C   . LEU A 9  ? 0.1755 0.2355 0.3403 0.0117  0.0016  -0.0343 33  LEU A C   
72  O  O   . LEU A 9  ? 0.1477 0.2021 0.3028 0.0110  0.0089  -0.0321 33  LEU A O   
73  C  CB  . LEU A 9  ? 0.1716 0.2394 0.3138 0.0154  -0.0175 -0.0367 33  LEU A CB  
74  C  CG  . LEU A 9  ? 0.1286 0.1966 0.2491 0.0150  -0.0215 -0.0352 33  LEU A CG  
75  C  CD1 . LEU A 9  ? 0.1573 0.2276 0.2729 0.0190  -0.0312 -0.0374 33  LEU A CD1 
76  C  CD2 . LEU A 9  ? 0.1620 0.2258 0.2643 0.0130  -0.0169 -0.0322 33  LEU A CD2 
77  N  N   . SER A 10 ? 0.2083 0.2703 0.3953 0.0122  -0.0002 -0.0367 34  SER A N   
78  C  CA  . SER A 10 ? 0.2201 0.2787 0.4224 0.0118  0.0070  -0.0367 34  SER A CA  
79  C  C   . SER A 10 ? 0.2467 0.2994 0.4530 0.0092  0.0246  -0.0332 34  SER A C   
80  O  O   . SER A 10 ? 0.2261 0.2744 0.4336 0.0094  0.0336  -0.0320 34  SER A O   
81  C  CB  . SER A 10 ? 0.2563 0.3141 0.4758 0.0115  0.0009  -0.0397 34  SER A CB  
82  O  OG  . SER A 10 ? 0.3199 0.3747 0.5577 0.0103  0.0092  -0.0396 34  SER A OG  
83  N  N   . GLU A 11 ? 0.2077 0.2561 0.4102 0.0067  0.0301  -0.0310 35  GLU A N   
84  C  CA  . GLU A 11 ? 0.1285 0.1633 0.3230 0.0042  0.0472  -0.0264 35  GLU A CA  
85  C  C   . GLU A 11 ? 0.2320 0.2563 0.3915 0.0037  0.0510  -0.0229 35  GLU A C   
86  O  O   . GLU A 11 ? 0.2022 0.2145 0.3538 0.0031  0.0647  -0.0201 35  GLU A O   
87  C  CB  . GLU A 11 ? 0.3025 0.3318 0.4979 0.0020  0.0515  -0.0244 35  GLU A CB  
88  C  CG  . GLU A 11 ? 0.2484 0.2834 0.4798 0.0012  0.0519  -0.0273 35  GLU A CG  
89  C  CD  . GLU A 11 ? 0.2631 0.2925 0.4978 -0.0009 0.0570  -0.0254 35  GLU A CD  
90  O  OE1 . GLU A 11 ? 0.3717 0.3940 0.5777 -0.0009 0.0544  -0.0224 35  GLU A OE1 
91  O  OE2 . GLU A 11 ? 0.2352 0.2611 0.4912 -0.0029 0.0607  -0.0262 35  GLU A OE2 
92  N  N   . VAL A 12 ? 0.2162 0.2437 0.3548 0.0041  0.0395  -0.0234 36  VAL A N   
93  C  CA  . VAL A 12 ? 0.1807 0.1986 0.2898 0.0032  0.0421  -0.0209 36  VAL A CA  
94  C  C   . VAL A 12 ? 0.2206 0.2384 0.3316 0.0044  0.0449  -0.0220 36  VAL A C   
95  O  O   . VAL A 12 ? 0.2162 0.2226 0.3066 0.0035  0.0512  -0.0202 36  VAL A O   
96  C  CB  . VAL A 12 ? 0.2118 0.2333 0.3012 0.0028  0.0303  -0.0211 36  VAL A CB  
97  C  CG1 . VAL A 12 ? 0.1778 0.2105 0.2713 0.0044  0.0198  -0.0240 36  VAL A CG1 
98  C  CG2 . VAL A 12 ? 0.1996 0.2079 0.2598 0.0013  0.0339  -0.0186 36  VAL A CG2 
99  N  N   A ARG A 13 ? 0.2442 0.2733 0.3786 0.0068  0.0393  -0.0253 37  ARG A N   
100 N  N   B ARG A 13 ? 0.2429 0.2720 0.3774 0.0068  0.0395  -0.0252 37  ARG A N   
101 C  CA  A ARG A 13 ? 0.2729 0.3011 0.4134 0.0087  0.0432  -0.0261 37  ARG A CA  
102 C  CA  B ARG A 13 ? 0.2713 0.2994 0.4112 0.0087  0.0432  -0.0261 37  ARG A CA  
103 C  C   A ARG A 13 ? 0.2653 0.2821 0.4090 0.0079  0.0603  -0.0239 37  ARG A C   
104 C  C   B ARG A 13 ? 0.2677 0.2850 0.4126 0.0080  0.0602  -0.0240 37  ARG A C   
105 O  O   A ARG A 13 ? 0.2388 0.2458 0.3679 0.0081  0.0675  -0.0227 37  ARG A O   
106 O  O   B ARG A 13 ? 0.2506 0.2587 0.3827 0.0084  0.0673  -0.0231 37  ARG A O   
107 C  CB  A ARG A 13 ? 0.3076 0.3487 0.4766 0.0124  0.0343  -0.0302 37  ARG A CB  
108 C  CB  B ARG A 13 ? 0.3070 0.3480 0.4732 0.0124  0.0335  -0.0301 37  ARG A CB  
109 C  CG  A ARG A 13 ? 0.3147 0.3625 0.4749 0.0152  0.0200  -0.0321 37  ARG A CG  
110 C  CG  B ARG A 13 ? 0.3112 0.3519 0.4919 0.0153  0.0383  -0.0312 37  ARG A CG  
111 C  CD  A ARG A 13 ? 0.3107 0.3687 0.4969 0.0198  0.0094  -0.0365 37  ARG A CD  
112 C  CD  B ARG A 13 ? 0.4010 0.4491 0.5850 0.0199  0.0248  -0.0341 37  ARG A CD  
113 N  NE  A ARG A 13 ? 0.4312 0.4895 0.6141 0.0242  0.0035  -0.0376 37  ARG A NE  
114 N  NE  B ARG A 13 ? 0.4192 0.4620 0.6001 0.0222  0.0297  -0.0335 37  ARG A NE  
115 C  CZ  A ARG A 13 ? 0.4497 0.5099 0.6325 0.0276  -0.0095 -0.0397 37  ARG A CZ  
116 C  CZ  B ARG A 13 ? 0.4906 0.5350 0.6916 0.0250  0.0304  -0.0347 37  ARG A CZ  
117 N  NH1 A ARG A 13 ? 0.4363 0.4980 0.6218 0.0269  -0.0178 -0.0414 37  ARG A NH1 
118 N  NH1 B ARG A 13 ? 0.4945 0.5337 0.6920 0.0277  0.0354  -0.0343 37  ARG A NH1 
119 N  NH2 A ARG A 13 ? 0.4604 0.5189 0.6387 0.0323  -0.0136 -0.0402 37  ARG A NH2 
120 N  NH2 B ARG A 13 ? 0.5820 0.6305 0.8015 0.0238  0.0253  -0.0361 37  ARG A NH2 
121 N  N   . THR A 14 ? 0.1996 0.2160 0.3623 0.0071  0.0678  -0.0234 38  THR A N   
122 C  CA  . THR A 14 ? 0.1902 0.1941 0.3567 0.0065  0.0867  -0.0207 38  THR A CA  
123 C  C   . THR A 14 ? 0.2327 0.2176 0.3606 0.0050  0.0949  -0.0168 38  THR A C   
124 O  O   . THR A 14 ? 0.2786 0.2507 0.3958 0.0059  0.1073  -0.0155 38  THR A O   
125 C  CB  . THR A 14 ? 0.2530 0.2587 0.4451 0.0051  0.0933  -0.0203 38  THR A CB  
126 O  OG1 . THR A 14 ? 0.4362 0.4537 0.6559 0.0052  0.0812  -0.0237 38  THR A OG1 
127 C  CG2 . THR A 14 ? 0.2026 0.1899 0.3898 0.0037  0.1127  -0.0160 38  THR A CG2 
128 N  N   . THR A 15 ? 0.2143 0.1963 0.3204 0.0035  0.0876  -0.0155 39  THR A N   
129 C  CA  . THR A 15 ? 0.2647 0.2282 0.3331 0.0029  0.0920  -0.0125 39  THR A CA  
130 C  C   . THR A 15 ? 0.3171 0.2765 0.3662 0.0032  0.0888  -0.0138 39  THR A C   
131 O  O   . THR A 15 ? 0.3496 0.2910 0.3765 0.0036  0.0988  -0.0124 39  THR A O   
132 C  CB  . THR A 15 ? 0.2409 0.2054 0.2940 0.0017  0.0810  -0.0117 39  THR A CB  
133 O  OG1 . THR A 15 ? 0.2623 0.2313 0.3359 0.0015  0.0834  -0.0108 39  THR A OG1 
134 C  CG2 . THR A 15 ? 0.2330 0.1765 0.2478 0.0018  0.0848  -0.0088 39  THR A CG2 
135 N  N   . LEU A 16 ? 0.2383 0.2123 0.2941 0.0031  0.0751  -0.0167 40  LEU A N   
136 C  CA  . LEU A 16 ? 0.2708 0.2407 0.3107 0.0030  0.0725  -0.0179 40  LEU A CA  
137 C  C   . LEU A 16 ? 0.2920 0.2547 0.3396 0.0050  0.0855  -0.0180 40  LEU A C   
138 O  O   . LEU A 16 ? 0.3313 0.2786 0.3566 0.0049  0.0919  -0.0177 40  LEU A O   
139 C  CB  . LEU A 16 ? 0.2694 0.2553 0.3176 0.0030  0.0580  -0.0204 40  LEU A CB  
140 C  CG  . LEU A 16 ? 0.1476 0.1393 0.1845 0.0012  0.0460  -0.0205 40  LEU A CG  
141 C  CD1 . LEU A 16 ? 0.1860 0.1928 0.2347 0.0021  0.0346  -0.0226 40  LEU A CD1 
142 C  CD2 . LEU A 16 ? 0.3243 0.3044 0.3325 -0.0012 0.0443  -0.0202 40  LEU A CD2 
143 N  N   . LEU A 17 ? 0.2828 0.2558 0.3629 0.0071  0.0891  -0.0189 41  LEU A N   
144 C  CA  . LEU A 17 ? 0.3561 0.3240 0.4488 0.0095  0.1016  -0.0192 41  LEU A CA  
145 C  C   . LEU A 17 ? 0.3020 0.2491 0.3780 0.0093  0.1199  -0.0162 41  LEU A C   
146 O  O   . LEU A 17 ? 0.3112 0.2454 0.3752 0.0109  0.1297  -0.0162 41  LEU A O   
147 C  CB  . LEU A 17 ? 0.3432 0.3270 0.4776 0.0118  0.1008  -0.0211 41  LEU A CB  
148 C  CG  . LEU A 17 ? 0.4105 0.4102 0.5581 0.0141  0.0842  -0.0244 41  LEU A CG  
149 C  CD1 . LEU A 17 ? 0.4324 0.4463 0.6174 0.0159  0.0789  -0.0266 41  LEU A CD1 
150 C  CD2 . LEU A 17 ? 0.3090 0.3033 0.4465 0.0164  0.0850  -0.0249 41  LEU A CD2 
151 N  N   . HIS A 18 ? 0.3255 0.2668 0.3981 0.0080  0.1256  -0.0138 42  HIS A N   
152 C  CA  . HIS A 18 ? 0.4123 0.3304 0.4652 0.0087  0.1442  -0.0104 42  HIS A CA  
153 C  C   . HIS A 18 ? 0.3942 0.2929 0.4027 0.0087  0.1428  -0.0101 42  HIS A C   
154 O  O   . HIS A 18 ? 0.3899 0.2694 0.3812 0.0104  0.1560  -0.0089 42  HIS A O   
155 C  CB  . HIS A 18 ? 0.3661 0.2802 0.4211 0.0075  0.1494  -0.0073 42  HIS A CB  
156 C  CG  . HIS A 18 ? 0.4333 0.3593 0.5298 0.0067  0.1525  -0.0069 42  HIS A CG  
157 N  ND1 . HIS A 18 ? 0.4791 0.4126 0.6028 0.0070  0.1527  -0.0082 42  HIS A ND1 
158 C  CD2 . HIS A 18 ? 0.4981 0.4284 0.6123 0.0050  0.1532  -0.0057 42  HIS A CD2 
159 C  CE1 . HIS A 18 ? 0.4575 0.3990 0.6133 0.0053  0.1527  -0.0082 42  HIS A CE1 
160 N  NE2 . HIS A 18 ? 0.4171 0.3566 0.5682 0.0041  0.1531  -0.0068 42  HIS A NE2 
161 N  N   . ASN A 19 ? 0.3607 0.2641 0.3515 0.0067  0.1256  -0.0114 43  ASN A N   
162 C  CA  . ASN A 19 ? 0.3956 0.2826 0.3484 0.0063  0.1214  -0.0122 43  ASN A CA  
163 C  C   . ASN A 19 ? 0.4482 0.3337 0.4008 0.0070  0.1229  -0.0149 43  ASN A C   
164 O  O   . ASN A 19 ? 0.4916 0.3564 0.4161 0.0080  0.1293  -0.0153 43  ASN A O   
165 C  CB  . ASN A 19 ? 0.3222 0.2180 0.2640 0.0037  0.1024  -0.0136 43  ASN A CB  
166 C  CG  . ASN A 19 ? 0.4033 0.2914 0.3310 0.0038  0.1014  -0.0108 43  ASN A CG  
167 O  OD1 . ASN A 19 ? 0.3900 0.2547 0.2875 0.0055  0.1085  -0.0091 43  ASN A OD1 
168 N  ND2 . ASN A 19 ? 0.4707 0.3766 0.4182 0.0028  0.0923  -0.0107 43  ASN A ND2 
169 N  N   . ALA A 20 ? 0.3922 0.2979 0.3744 0.0070  0.1168  -0.0166 44  ALA A N   
170 C  CA  . ALA A 20 ? 0.3937 0.2977 0.3759 0.0082  0.1175  -0.0189 44  ALA A CA  
171 C  C   . ALA A 20 ? 0.3924 0.2813 0.3756 0.0115  0.1369  -0.0180 44  ALA A C   
172 O  O   . ALA A 20 ? 0.4183 0.2922 0.3818 0.0125  0.1417  -0.0193 44  ALA A O   
173 C  CB  . ALA A 20 ? 0.2880 0.2146 0.3001 0.0088  0.1071  -0.0205 44  ALA A CB  
174 N  N   . GLN A 21 ? 0.4442 0.3367 0.4511 0.0128  0.1474  -0.0155 45  GLN A N   
175 C  CA  . GLN A 21 ? 0.5549 0.4341 0.5640 0.0139  0.1605  -0.0123 45  GLN A CA  
176 C  C   . GLN A 21 ? 0.5556 0.4067 0.5236 0.0138  0.1680  -0.0100 45  GLN A C   
177 O  O   . GLN A 21 ? 0.5135 0.3492 0.4675 0.0150  0.1746  -0.0093 45  GLN A O   
178 C  CB  . GLN A 21 ? 0.4435 0.3314 0.4863 0.0135  0.1669  -0.0096 45  GLN A CB  
179 C  CG  . GLN A 21 ? 0.4785 0.3927 0.5617 0.0139  0.1568  -0.0123 45  GLN A CG  
180 C  CD  . GLN A 21 ? 0.6086 0.5333 0.7213 0.0123  0.1571  -0.0111 45  GLN A CD  
181 O  OE1 . GLN A 21 ? 0.6261 0.5381 0.7302 0.0110  0.1668  -0.0078 45  GLN A OE1 
182 N  NE2 . GLN A 21 ? 0.6962 0.6423 0.8422 0.0127  0.1458  -0.0138 45  GLN A NE2 
183 N  N   . THR A 22 ? 0.4678 0.3110 0.4149 0.0129  0.1661  -0.0089 46  THR A N   
184 C  CA  . THR A 22 ? 0.4914 0.3067 0.3966 0.0137  0.1698  -0.0070 46  THR A CA  
185 C  C   . THR A 22 ? 0.4954 0.3011 0.3740 0.0135  0.1623  -0.0105 46  THR A C   
186 O  O   . THR A 22 ? 0.5122 0.2955 0.3667 0.0150  0.1682  -0.0092 46  THR A O   
187 C  CB  . THR A 22 ? 0.4915 0.3023 0.3780 0.0132  0.1645  -0.0060 46  THR A CB  
188 O  OG1 . THR A 22 ? 0.5559 0.3721 0.4662 0.0133  0.1732  -0.0024 46  THR A OG1 
189 C  CG2 . THR A 22 ? 0.5692 0.3506 0.4109 0.0149  0.1647  -0.0045 46  THR A CG2 
190 N  N   A MSE A 23 ? 0.4897 0.3106 0.3725 0.0117  0.1495  -0.0150 47  MSE A N   
191 N  N   B MSE A 23 ? 0.4888 0.3096 0.3710 0.0116  0.1492  -0.0151 47  MSE A N   
192 C  CA  A MSE A 23 ? 0.5044 0.3161 0.3637 0.0105  0.1413  -0.0188 47  MSE A CA  
193 C  CA  B MSE A 23 ? 0.5026 0.3156 0.3635 0.0104  0.1410  -0.0190 47  MSE A CA  
194 C  C   A MSE A 23 ? 0.4794 0.2896 0.3501 0.0120  0.1483  -0.0189 47  MSE A C   
195 C  C   B MSE A 23 ? 0.4846 0.2937 0.3551 0.0122  0.1493  -0.0186 47  MSE A C   
196 O  O   A MSE A 23 ? 0.5051 0.2989 0.3524 0.0119  0.1474  -0.0203 47  MSE A O   
197 O  O   B MSE A 23 ? 0.4895 0.2800 0.3352 0.0124  0.1502  -0.0191 47  MSE A O   
198 C  CB  A MSE A 23 ? 0.5130 0.3413 0.3757 0.0072  0.1247  -0.0230 47  MSE A CB  
199 C  CB  B MSE A 23 ? 0.5055 0.3380 0.3763 0.0074  0.1255  -0.0231 47  MSE A CB  
200 C  CG  A MSE A 23 ? 0.5298 0.3606 0.3818 0.0053  0.1139  -0.0219 47  MSE A CG  
201 C  CG  B MSE A 23 ? 0.4952 0.3389 0.3661 0.0048  0.1121  -0.0221 47  MSE A CG  
202 SE SE  A MSE A 23 ? 0.4677 0.3199 0.3253 -0.0001 0.0881  -0.0250 47  MSE A SE  
203 SE SE  B MSE A 23 ? 0.5930 0.4142 0.4166 0.0034  0.1007  -0.0242 47  MSE A SE  
204 C  CE  A MSE A 23 ? 0.4550 0.2877 0.2837 -0.0019 0.0839  -0.0303 47  MSE A CE  
205 C  CE  B MSE A 23 ? 0.5182 0.3407 0.3360 -0.0006 0.0883  -0.0299 47  MSE A CE  
206 N  N   . GLU A 24 ? 0.4916 0.3189 0.3990 0.0134  0.1543  -0.0177 48  GLU A N   
207 C  CA  . GLU A 24 ? 0.5254 0.3512 0.4454 0.0154  0.1612  -0.0172 48  GLU A CA  
208 C  C   . GLU A 24 ? 0.5832 0.3862 0.4873 0.0170  0.1749  -0.0136 48  GLU A C   
209 O  O   . GLU A 24 ? 0.5417 0.3318 0.4329 0.0181  0.1785  -0.0140 48  GLU A O   
210 C  CB  . GLU A 24 ? 0.5228 0.3719 0.4869 0.0170  0.1624  -0.0166 48  GLU A CB  
211 C  CG  . GLU A 24 ? 0.4296 0.2996 0.4105 0.0168  0.1491  -0.0203 48  GLU A CG  
212 C  CD  . GLU A 24 ? 0.5973 0.4896 0.6211 0.0190  0.1473  -0.0199 48  GLU A CD  
213 O  OE1 . GLU A 24 ? 0.6815 0.5750 0.7241 0.0194  0.1558  -0.0169 48  GLU A OE1 
214 O  OE2 . GLU A 24 ? 0.6620 0.5697 0.7003 0.0203  0.1364  -0.0226 48  GLU A OE2 
215 N  N   . ARG A 25 ? 0.5470 0.3432 0.4511 0.0174  0.1831  -0.0097 49  ARG A N   
216 C  CA  . ARG A 25 ? 0.5361 0.3064 0.4204 0.0195  0.1966  -0.0060 49  ARG A CA  
217 C  C   . ARG A 25 ? 0.6385 0.3852 0.4777 0.0197  0.1914  -0.0075 49  ARG A C   
218 O  O   . ARG A 25 ? 0.6717 0.3987 0.4930 0.0216  0.1985  -0.0067 49  ARG A O   
219 C  CB  . ARG A 25 ? 0.5716 0.3368 0.4620 0.0200  0.2058  -0.0018 49  ARG A CB  
220 C  CG  . ARG A 25 ? 0.6750 0.4564 0.6096 0.0198  0.2146  0.0003  49  ARG A CG  
221 C  CD  . ARG A 25 ? 0.7648 0.5402 0.7037 0.0197  0.2223  0.0040  49  ARG A CD  
222 N  NE  . ARG A 25 ? 0.7682 0.5664 0.7528 0.0181  0.2233  0.0043  49  ARG A NE  
223 C  CZ  . ARG A 25 ? 0.7622 0.5753 0.7606 0.0163  0.2160  0.0036  49  ARG A CZ  
224 N  NH1 . ARG A 25 ? 0.6803 0.4884 0.6500 0.0160  0.2079  0.0030  49  ARG A NH1 
225 N  NH2 . ARG A 25 ? 0.8135 0.6465 0.8542 0.0148  0.2155  0.0033  49  ARG A NH2 
226 N  N   . TYR A 26 ? 0.6022 0.3504 0.4229 0.0179  0.1778  -0.0101 50  TYR A N   
227 C  CA  . TYR A 26 ? 0.5842 0.3115 0.3644 0.0178  0.1693  -0.0123 50  TYR A CA  
228 C  C   . TYR A 26 ? 0.5519 0.2777 0.3267 0.0168  0.1644  -0.0161 50  TYR A C   
229 O  O   . TYR A 26 ? 0.6443 0.3479 0.3902 0.0180  0.1645  -0.0169 50  TYR A O   
230 C  CB  . TYR A 26 ? 0.5656 0.2993 0.3337 0.0155  0.1538  -0.0148 50  TYR A CB  
231 C  CG  . TYR A 26 ? 0.6227 0.3365 0.3521 0.0156  0.1423  -0.0174 50  TYR A CG  
232 C  CD1 . TYR A 26 ? 0.7099 0.4005 0.4105 0.0186  0.1440  -0.0146 50  TYR A CD1 
233 C  CD2 . TYR A 26 ? 0.6239 0.3414 0.3467 0.0125  0.1289  -0.0229 50  TYR A CD2 
234 C  CE1 . TYR A 26 ? 0.7701 0.4428 0.4370 0.0192  0.1315  -0.0174 50  TYR A CE1 
235 C  CE2 . TYR A 26 ? 0.5998 0.3005 0.2914 0.0123  0.1168  -0.0258 50  TYR A CE2 
236 C  CZ  . TYR A 26 ? 0.6343 0.3131 0.2983 0.0158  0.1176  -0.0232 50  TYR A CZ  
237 O  OH  . TYR A 26 ? 0.7230 0.3853 0.3570 0.0163  0.1039  -0.0265 50  TYR A OH  
238 N  N   . TYR A 27 ? 0.5107 0.2588 0.3122 0.0150  0.1597  -0.0189 51  TYR A N   
239 C  CA  . TYR A 27 ? 0.4412 0.1872 0.2382 0.0140  0.1551  -0.0225 51  TYR A CA  
240 C  C   . TYR A 27 ? 0.5720 0.3030 0.3663 0.0171  0.1688  -0.0201 51  TYR A C   
241 O  O   . TYR A 27 ? 0.5571 0.2725 0.3300 0.0170  0.1667  -0.0224 51  TYR A O   
242 C  CB  . TYR A 27 ? 0.4563 0.2273 0.2831 0.0125  0.1489  -0.0250 51  TYR A CB  
243 C  CG  . TYR A 27 ? 0.4337 0.2020 0.2551 0.0112  0.1432  -0.0288 51  TYR A CG  
244 C  CD1 . TYR A 27 ? 0.5686 0.3380 0.4053 0.0139  0.1514  -0.0279 51  TYR A CD1 
245 C  CD2 . TYR A 27 ? 0.5129 0.2775 0.3155 0.0071  0.1293  -0.0334 51  TYR A CD2 
246 C  CE1 . TYR A 27 ? 0.4960 0.2611 0.3269 0.0128  0.1468  -0.0311 51  TYR A CE1 
247 C  CE2 . TYR A 27 ? 0.5192 0.2799 0.3181 0.0053  0.1246  -0.0368 51  TYR A CE2 
248 C  CZ  . TYR A 27 ? 0.4404 0.2008 0.2524 0.0084  0.1338  -0.0355 51  TYR A CZ  
249 O  OH  . TYR A 27 ? 0.5991 0.3546 0.4071 0.0068  0.1299  -0.0385 51  TYR A OH  
250 N  N   . ARG A 28 ? 0.6122 0.3474 0.4292 0.0196  0.1827  -0.0158 52  ARG A N   
251 C  CA  . ARG A 28 ? 0.6453 0.3664 0.4619 0.0226  0.1968  -0.0133 52  ARG A CA  
252 C  C   . ARG A 28 ? 0.6723 0.3625 0.4522 0.0245  0.2036  -0.0112 52  ARG A C   
253 O  O   . ARG A 28 ? 0.7256 0.3989 0.4935 0.0267  0.2121  -0.0105 52  ARG A O   
254 C  CB  . ARG A 28 ? 0.5354 0.2699 0.3889 0.0243  0.2090  -0.0095 52  ARG A CB  
255 C  CG  . ARG A 28 ? 0.5512 0.3151 0.4387 0.0230  0.2004  -0.0115 52  ARG A CG  
256 C  CD  . ARG A 28 ? 0.6137 0.3918 0.5393 0.0251  0.2085  -0.0097 52  ARG A CD  
257 N  NE  . ARG A 28 ? 0.7658 0.5702 0.7190 0.0247  0.1966  -0.0126 52  ARG A NE  
258 C  CZ  . ARG A 28 ? 0.8185 0.6416 0.8096 0.0265  0.1975  -0.0123 52  ARG A CZ  
259 N  NH1 . ARG A 28 ? 0.8796 0.6996 0.8881 0.0282  0.2103  -0.0094 52  ARG A NH1 
260 N  NH2 . ARG A 28 ? 0.8331 0.6773 0.8443 0.0270  0.1849  -0.0150 52  ARG A NH2 
261 N  N   . GLN A 29 ? 0.6868 0.3684 0.4484 0.0244  0.2005  -0.0099 53  GLN A N   
262 C  CA  . GLN A 29 ? 0.7095 0.3594 0.4326 0.0272  0.2050  -0.0081 53  GLN A CA  
263 C  C   . GLN A 29 ? 0.6743 0.3115 0.3649 0.0261  0.1907  -0.0130 53  GLN A C   
264 O  O   . GLN A 29 ? 0.7054 0.3169 0.3678 0.0287  0.1951  -0.0128 53  GLN A O   
265 C  CB  . GLN A 29 ? 0.6358 0.2794 0.3505 0.0282  0.2063  -0.0050 53  GLN A CB  
266 C  CG  . GLN A 29 ? 0.6881 0.3379 0.4321 0.0294  0.2227  0.0001  53  GLN A CG  
267 C  CD  . GLN A 29 ? 0.8074 0.4342 0.5452 0.0332  0.2417  0.0041  53  GLN A CD  
268 O  OE1 . GLN A 29 ? 0.8673 0.5048 0.6371 0.0332  0.2533  0.0060  53  GLN A OE1 
269 N  NE2 . GLN A 29 ? 0.8938 0.4882 0.5903 0.0366  0.2447  0.0054  53  GLN A NE2 
270 N  N   . LYS A 30 ? 0.5546 0.2091 0.2496 0.0222  0.1736  -0.0178 54  LYS A N   
271 C  CA  . LYS A 30 ? 0.6284 0.2718 0.2947 0.0204  0.1579  -0.0228 54  LYS A CA  
272 C  C   . LYS A 30 ? 0.5914 0.2450 0.2670 0.0172  0.1501  -0.0278 54  LYS A C   
273 O  O   . LYS A 30 ? 0.6576 0.2974 0.3098 0.0162  0.1408  -0.0319 54  LYS A O   
274 C  CB  . LYS A 30 ? 0.5762 0.2263 0.2344 0.0184  0.1424  -0.0247 54  LYS A CB  
275 C  CG  . LYS A 30 ? 0.6822 0.3182 0.3257 0.0220  0.1486  -0.0199 54  LYS A CG  
276 C  CD  . LYS A 30 ? 0.8240 0.4267 0.4269 0.0259  0.1483  -0.0196 54  LYS A CD  
277 C  CE  . LYS A 30 ? 0.9654 0.5474 0.5594 0.0311  0.1675  -0.0131 54  LYS A CE  
278 N  NZ  . LYS A 30 ? 1.0519 0.6042 0.6064 0.0357  0.1641  -0.0118 54  LYS A NZ  
279 N  N   . GLY A 31 ? 0.5883 0.2648 0.2973 0.0158  0.1533  -0.0277 55  GLY A N   
280 C  CA  . GLY A 31 ? 0.5761 0.2610 0.2934 0.0130  0.1458  -0.0322 55  GLY A CA  
281 C  C   . GLY A 31 ? 0.5619 0.2591 0.2796 0.0079  0.1277  -0.0371 55  GLY A C   
282 O  O   . GLY A 31 ? 0.5965 0.2964 0.3169 0.0049  0.1208  -0.0413 55  GLY A O   
283 N  N   . THR A 32 ? 0.5100 0.2140 0.2258 0.0067  0.1203  -0.0369 56  THR A N   
284 C  CA  . THR A 32 ? 0.5164 0.2331 0.2351 0.0018  0.1033  -0.0415 56  THR A CA  
285 C  C   . THR A 32 ? 0.6420 0.3708 0.3675 0.0017  0.1002  -0.0394 56  THR A C   
286 O  O   . THR A 32 ? 0.5959 0.3163 0.3135 0.0054  0.1082  -0.0352 56  THR A O   
287 C  CB  . THR A 32 ? 0.5919 0.2931 0.2838 -0.0006 0.0896  -0.0462 56  THR A CB  
288 O  OG1 . THR A 32 ? 0.6254 0.3412 0.3260 -0.0060 0.0735  -0.0507 56  THR A OG1 
289 C  CG2 . THR A 32 ? 0.6060 0.2885 0.2707 0.0031  0.0891  -0.0442 56  THR A CG2 
290 N  N   . PHE A 33 ? 0.6544 0.4017 0.3944 -0.0024 0.0889  -0.0424 57  PHE A N   
291 C  CA  . PHE A 33 ? 0.5479 0.3059 0.2912 -0.0030 0.0826  -0.0414 57  PHE A CA  
292 C  C   . PHE A 33 ? 0.6119 0.3641 0.3359 -0.0057 0.0651  -0.0450 57  PHE A C   
293 O  O   . PHE A 33 ? 0.6379 0.3954 0.3602 -0.0054 0.0591  -0.0440 57  PHE A O   
294 C  CB  . PHE A 33 ? 0.4245 0.2068 0.1965 -0.0054 0.0808  -0.0422 57  PHE A CB  
295 C  CG  . PHE A 33 ? 0.4932 0.2852 0.2895 -0.0019 0.0955  -0.0387 57  PHE A CG  
296 C  CD1 . PHE A 33 ? 0.4247 0.2157 0.2263 0.0022  0.1071  -0.0338 57  PHE A CD1 
297 C  CD2 . PHE A 33 ? 0.4811 0.2850 0.2988 -0.0025 0.0964  -0.0395 57  PHE A CD2 
298 C  CE1 . PHE A 33 ? 0.3712 0.1735 0.2007 0.0052  0.1189  -0.0309 57  PHE A CE1 
299 C  CE2 . PHE A 33 ? 0.4774 0.2918 0.3206 0.0016  0.1074  -0.0362 57  PHE A CE2 
300 C  CZ  . PHE A 33 ? 0.4584 0.2723 0.3085 0.0053  0.1186  -0.0326 57  PHE A CZ  
301 N  N   . LYS A 34 ? 0.5808 0.3231 0.2925 -0.0081 0.0565  -0.0495 58  LYS A N   
302 C  CA  . LYS A 34 ? 0.5942 0.3342 0.2939 -0.0108 0.0381  -0.0536 58  LYS A CA  
303 C  C   . LYS A 34 ? 0.7470 0.4726 0.4237 -0.0059 0.0361  -0.0510 58  LYS A C   
304 O  O   . LYS A 34 ? 0.9865 0.7179 0.6614 -0.0067 0.0225  -0.0523 58  LYS A O   
305 C  CB  . LYS A 34 ? 0.6266 0.3562 0.3177 -0.0137 0.0307  -0.0589 58  LYS A CB  
306 C  CG  . LYS A 34 ? 0.6399 0.3832 0.3534 -0.0194 0.0289  -0.0623 58  LYS A CG  
307 C  CD  . LYS A 34 ? 0.6462 0.4107 0.3796 -0.0249 0.0160  -0.0645 58  LYS A CD  
308 C  CE  . LYS A 34 ? 0.6483 0.4111 0.3738 -0.0268 -0.0022 -0.0688 58  LYS A CE  
309 N  NZ  . LYS A 34 ? 0.6630 0.4463 0.4128 -0.0336 -0.0149 -0.0722 58  LYS A NZ  
310 N  N   . THR A 35 ? 0.7690 0.4752 0.4284 -0.0006 0.0497  -0.0469 59  THR A N   
311 C  CA  . THR A 35 ? 0.6945 0.3825 0.3287 0.0043  0.0492  -0.0439 59  THR A CA  
312 C  C   . THR A 35 ? 0.6761 0.3718 0.3184 0.0068  0.0560  -0.0386 59  THR A C   
313 O  O   . THR A 35 ? 0.6545 0.3340 0.2762 0.0112  0.0570  -0.0353 59  THR A O   
314 C  CB  . THR A 35 ? 0.5639 0.2250 0.1749 0.0092  0.0622  -0.0413 59  THR A CB  
315 O  OG1 . THR A 35 ? 0.5822 0.2487 0.2112 0.0096  0.0806  -0.0378 59  THR A OG1 
316 C  CG2 . THR A 35 ? 0.5872 0.2346 0.1812 0.0080  0.0522  -0.0469 59  THR A CG2 
317 N  N   . TYR A 36 ? 0.6662 0.3847 0.3367 0.0040  0.0607  -0.0377 60  TYR A N   
318 C  CA  . TYR A 36 ? 0.6872 0.4124 0.3668 0.0063  0.0690  -0.0327 60  TYR A CA  
319 C  C   . TYR A 36 ? 0.6023 0.3323 0.2755 0.0061  0.0535  -0.0335 60  TYR A C   
320 O  O   . TYR A 36 ? 0.6184 0.3627 0.3002 0.0020  0.0373  -0.0381 60  TYR A O   
321 C  CB  . TYR A 36 ? 0.5958 0.3439 0.3084 0.0041  0.0778  -0.0320 60  TYR A CB  
322 C  CG  . TYR A 36 ? 0.5834 0.3373 0.3085 0.0067  0.0895  -0.0268 60  TYR A CG  
323 C  CD1 . TYR A 36 ? 0.5567 0.3265 0.2924 0.0054  0.0822  -0.0269 60  TYR A CD1 
324 C  CD2 . TYR A 36 ? 0.5172 0.2604 0.2449 0.0103  0.1080  -0.0218 60  TYR A CD2 
325 C  CE1 . TYR A 36 ? 0.5184 0.2929 0.2666 0.0075  0.0933  -0.0223 60  TYR A CE1 
326 C  CE2 . TYR A 36 ? 0.6489 0.3975 0.3915 0.0121  0.1188  -0.0172 60  TYR A CE2 
327 C  CZ  . TYR A 36 ? 0.6773 0.4414 0.4298 0.0107  0.1116  -0.0175 60  TYR A CZ  
328 O  OH  . TYR A 36 ? 0.7782 0.5474 0.5471 0.0123  0.1229  -0.0129 60  TYR A OH  
329 N  N   . ASP A 37 ? 0.6730 0.3903 0.3319 0.0107  0.0587  -0.0288 61  ASP A N   
330 C  CA  . ASP A 37 ? 0.5970 0.3163 0.2484 0.0117  0.0449  -0.0287 61  ASP A CA  
331 C  C   . ASP A 37 ? 0.5931 0.3369 0.2706 0.0092  0.0458  -0.0276 61  ASP A C   
332 O  O   . ASP A 37 ? 0.5946 0.3397 0.2815 0.0110  0.0612  -0.0230 61  ASP A O   
333 C  CB  . ASP A 37 ? 0.6577 0.3505 0.2813 0.0182  0.0512  -0.0238 61  ASP A CB  
334 C  CG  . ASP A 37 ? 0.8093 0.5037 0.4270 0.0204  0.0404  -0.0223 61  ASP A CG  
335 O  OD1 . ASP A 37 ? 0.7902 0.5045 0.4217 0.0171  0.0240  -0.0259 61  ASP A OD1 
336 O  OD2 . ASP A 37 ? 0.9439 0.6184 0.5433 0.0257  0.0488  -0.0173 61  ASP A OD2 
337 N  N   . LYS A 38 ? 0.6617 0.4249 0.3530 0.0050  0.0292  -0.0321 62  LYS A N   
338 C  CA  . LYS A 38 ? 0.7191 0.5068 0.4372 0.0021  0.0288  -0.0318 62  LYS A CA  
339 C  C   . LYS A 38 ? 0.7891 0.5778 0.5073 0.0055  0.0304  -0.0268 62  LYS A C   
340 O  O   . LYS A 38 ? 0.9325 0.7457 0.6823 0.0037  0.0302  -0.0243 62  LYS A O   
341 C  CB  . LYS A 38 ? 0.7185 0.5280 0.4563 -0.0033 0.0099  -0.0365 62  LYS A CB  
342 C  CG  . LYS A 38 ? 0.7661 0.5705 0.4996 -0.0068 0.0061  -0.0421 62  LYS A CG  
343 C  CD  . LYS A 38 ? 0.7275 0.5601 0.4955 -0.0128 -0.0019 -0.0441 62  LYS A CD  
344 C  CE  . LYS A 38 ? 0.8072 0.6517 0.5824 -0.0152 -0.0209 -0.0471 62  LYS A CE  
345 N  NZ  . LYS A 38 ? 0.8753 0.7460 0.6841 -0.0208 -0.0259 -0.0484 62  LYS A NZ  
346 N  N   . ASN A 39 ? 0.7750 0.5396 0.4634 0.0106  0.0314  -0.0243 63  ASN A N   
347 C  CA  . ASN A 39 ? 0.8549 0.6144 0.5376 0.0144  0.0353  -0.0193 63  ASN A CA  
348 C  C   . ASN A 39 ? 0.8454 0.5909 0.5258 0.0175  0.0589  -0.0133 63  ASN A C   
349 O  O   . ASN A 39 ? 0.8854 0.6170 0.5533 0.0216  0.0645  -0.0084 63  ASN A O   
350 C  CB  . ASN A 39 ? 0.9699 0.7148 0.6289 0.0184  0.0201  -0.0191 63  ASN A CB  
351 C  CG  . ASN A 39 ? 1.0300 0.7955 0.7028 0.0162  -0.0011 -0.0228 63  ASN A CG  
352 O  OD1 . ASN A 39 ? 1.0726 0.8556 0.7637 0.0147  -0.0017 -0.0217 63  ASN A OD1 
353 N  ND2 . ASN A 39 ? 1.0021 0.7665 0.6693 0.0160  -0.0184 -0.0271 63  ASN A ND2 
354 N  N   . LYS A 40 ? 0.7319 0.4809 0.4266 0.0156  0.0728  -0.0135 64  LYS A N   
355 C  CA  . LYS A 40 ? 0.7254 0.4680 0.4305 0.0175  0.0953  -0.0082 64  LYS A CA  
356 C  C   . LYS A 40 ? 0.6492 0.4194 0.3952 0.0142  0.1025  -0.0079 64  LYS A C   
357 O  O   . LYS A 40 ? 0.7185 0.4883 0.4813 0.0150  0.1213  -0.0049 64  LYS A O   
358 C  CB  . LYS A 40 ? 0.7899 0.5164 0.4865 0.0188  0.1054  -0.0081 64  LYS A CB  
359 C  CG  . LYS A 40 ? 0.9407 0.6493 0.6364 0.0224  0.1265  -0.0022 64  LYS A CG  
360 C  CD  . LYS A 40 ? 1.0387 0.7351 0.7320 0.0232  0.1372  -0.0024 64  LYS A CD  
361 C  CE  . LYS A 40 ? 1.0001 0.7114 0.7311 0.0218  0.1539  -0.0005 64  LYS A CE  
362 N  NZ  . LYS A 40 ? 0.9837 0.6873 0.7249 0.0240  0.1700  0.0050  64  LYS A NZ  
363 N  N   . LEU A 41 ? 0.5247 0.3224 0.2952 0.0105  0.0855  -0.0103 65  LEU A N   
364 C  CA  . LEU A 41 ? 0.4470 0.2739 0.2616 0.0075  0.0868  -0.0097 65  LEU A CA  
365 C  C   . LEU A 41 ? 0.4462 0.2774 0.2748 0.0087  0.0925  -0.0053 65  LEU A C   
366 O  O   . LEU A 41 ? 0.4733 0.2985 0.2865 0.0102  0.0848  -0.0038 65  LEU A O   
367 C  CB  . LEU A 41 ? 0.4247 0.2765 0.2571 0.0037  0.0679  -0.0137 65  LEU A CB  
368 C  CG  . LEU A 41 ? 0.3838 0.2315 0.2047 0.0018  0.0620  -0.0181 65  LEU A CG  
369 C  CD1 . LEU A 41 ? 0.4030 0.2704 0.2356 -0.0020 0.0434  -0.0217 65  LEU A CD1 
370 C  CD2 . LEU A 41 ? 0.3792 0.2310 0.2179 0.0016  0.0745  -0.0183 65  LEU A CD2 
371 N  N   . LYS A 42 ? 0.3896 0.2314 0.2490 0.0082  0.1052  -0.0037 66  LYS A N   
372 C  CA  . LYS A 42 ? 0.4761 0.3256 0.3567 0.0082  0.1100  -0.0004 66  LYS A CA  
373 C  C   . LYS A 42 ? 0.4625 0.3382 0.3649 0.0057  0.0918  -0.0026 66  LYS A C   
374 O  O   . LYS A 42 ? 0.4152 0.3107 0.3368 0.0036  0.0829  -0.0062 66  LYS A O   
375 C  CB  . LYS A 42 ? 0.5276 0.3822 0.4391 0.0079  0.1274  0.0008  66  LYS A CB  
376 C  CG  . LYS A 42 ? 0.6471 0.5173 0.5933 0.0067  0.1296  0.0023  66  LYS A CG  
377 C  CD  . LYS A 42 ? 0.6987 0.5525 0.6288 0.0082  0.1354  0.0069  66  LYS A CD  
378 C  CE  . LYS A 42 ? 0.7190 0.5831 0.6865 0.0067  0.1446  0.0085  66  LYS A CE  
379 N  NZ  . LYS A 42 ? 0.6863 0.5409 0.6439 0.0075  0.1447  0.0123  66  LYS A NZ  
380 N  N   . GLN A 43 ? 0.4496 0.3237 0.3469 0.0067  0.0868  -0.0004 67  GLN A N   
381 C  CA  . GLN A 43 ? 0.3856 0.2816 0.3002 0.0052  0.0706  -0.0024 67  GLN A CA  
382 C  C   . GLN A 43 ? 0.2934 0.2058 0.2444 0.0041  0.0748  -0.0020 67  GLN A C   
383 O  O   . GLN A 43 ? 0.3202 0.2273 0.2849 0.0042  0.0902  -0.0001 67  GLN A O   
384 C  CB  . GLN A 43 ? 0.4546 0.3400 0.3442 0.0074  0.0614  -0.0007 67  GLN A CB  
385 C  CG  . GLN A 43 ? 0.5050 0.3766 0.3615 0.0085  0.0526  -0.0026 67  GLN A CG  
386 C  CD  . GLN A 43 ? 0.3709 0.2618 0.2393 0.0052  0.0395  -0.0076 67  GLN A CD  
387 O  OE1 . GLN A 43 ? 0.3514 0.2645 0.2426 0.0035  0.0298  -0.0094 67  GLN A OE1 
388 N  NE2 . GLN A 43 ? 0.4088 0.2898 0.2614 0.0045  0.0404  -0.0099 67  GLN A NE2 
389 N  N   . ASN A 44 ? 0.3088 0.2411 0.2766 0.0031  0.0613  -0.0042 68  ASN A N   
390 C  CA  . ASN A 44 ? 0.3166 0.2642 0.3168 0.0024  0.0612  -0.0050 68  ASN A CA  
391 C  C   . ASN A 44 ? 0.2720 0.2227 0.2688 0.0033  0.0516  -0.0042 68  ASN A C   
392 O  O   . ASN A 44 ? 0.2964 0.2474 0.2752 0.0040  0.0403  -0.0047 68  ASN A O   
393 C  CB  . ASN A 44 ? 0.3129 0.2820 0.3375 0.0012  0.0535  -0.0092 68  ASN A CB  
394 C  CG  . ASN A 44 ? 0.2904 0.2744 0.3476 0.0011  0.0514  -0.0112 68  ASN A CG  
395 O  OD1 . ASN A 44 ? 0.2967 0.2902 0.3590 0.0014  0.0409  -0.0125 68  ASN A OD1 
396 N  ND2 . ASN A 44 ? 0.2348 0.2209 0.3154 0.0008  0.0607  -0.0119 68  ASN A ND2 
397 N  N   . LYS A 45 ? 0.2749 0.2274 0.2902 0.0033  0.0562  -0.0030 69  LYS A N   
398 C  CA  . LYS A 45 ? 0.3216 0.2749 0.3331 0.0046  0.0482  -0.0020 69  LYS A CA  
399 C  C   . LYS A 45 ? 0.2590 0.2319 0.2779 0.0046  0.0313  -0.0060 69  LYS A C   
400 O  O   . LYS A 45 ? 0.2708 0.2433 0.2774 0.0064  0.0223  -0.0054 69  LYS A O   
401 C  CB  . LYS A 45 ? 0.2363 0.1891 0.2703 0.0040  0.0558  -0.0008 69  LYS A CB  
402 C  CG  . LYS A 45 ? 0.2374 0.1897 0.2677 0.0056  0.0482  0.0003  69  LYS A CG  
403 C  CD  . LYS A 45 ? 0.3393 0.2914 0.3951 0.0044  0.0558  0.0007  69  LYS A CD  
404 C  CE  . LYS A 45 ? 0.3934 0.3413 0.4428 0.0066  0.0498  0.0022  69  LYS A CE  
405 N  NZ  . LYS A 45 ? 0.3564 0.3031 0.4314 0.0048  0.0569  0.0023  69  LYS A NZ  
406 N  N   . TYR A 46 ? 0.1944 0.1836 0.2332 0.0034  0.0274  -0.0098 70  TYR A N   
407 C  CA  . TYR A 46 ? 0.1715 0.1777 0.2182 0.0040  0.0139  -0.0133 70  TYR A CA  
408 C  C   . TYR A 46 ? 0.2251 0.2367 0.2611 0.0034  0.0078  -0.0150 70  TYR A C   
409 O  O   . TYR A 46 ? 0.1632 0.1876 0.2044 0.0039  -0.0016 -0.0175 70  TYR A O   
410 C  CB  . TYR A 46 ? 0.1303 0.1494 0.2054 0.0040  0.0121  -0.0168 70  TYR A CB  
411 C  CG  . TYR A 46 ? 0.1912 0.2057 0.2799 0.0041  0.0172  -0.0157 70  TYR A CG  
412 C  CD1 . TYR A 46 ? 0.1744 0.1903 0.2621 0.0055  0.0107  -0.0158 70  TYR A CD1 
413 C  CD2 . TYR A 46 ? 0.2155 0.2235 0.3189 0.0026  0.0292  -0.0147 70  TYR A CD2 
414 C  CE1 . TYR A 46 ? 0.2803 0.2904 0.3801 0.0053  0.0155  -0.0149 70  TYR A CE1 
415 C  CE2 . TYR A 46 ? 0.2390 0.2420 0.3569 0.0020  0.0349  -0.0138 70  TYR A CE2 
416 C  CZ  . TYR A 46 ? 0.3165 0.3201 0.4316 0.0032  0.0277  -0.0138 70  TYR A CZ  
417 O  OH  . TYR A 46 ? 0.2830 0.2804 0.4124 0.0023  0.0334  -0.0129 70  TYR A OH  
418 N  N   . PHE A 47 ? 0.1834 0.1840 0.2038 0.0023  0.0137  -0.0137 71  PHE A N   
419 C  CA  . PHE A 47 ? 0.1833 0.1871 0.1950 0.0011  0.0092  -0.0155 71  PHE A CA  
420 C  C   . PHE A 47 ? 0.1919 0.1783 0.1777 0.0007  0.0129  -0.0138 71  PHE A C   
421 O  O   . PHE A 47 ? 0.2646 0.2363 0.2428 0.0011  0.0240  -0.0114 71  PHE A O   
422 C  CB  . PHE A 47 ? 0.1261 0.1361 0.1522 0.0004  0.0133  -0.0173 71  PHE A CB  
423 C  CG  . PHE A 47 ? 0.1527 0.1784 0.1998 0.0015  0.0071  -0.0199 71  PHE A CG  
424 C  CD1 . PHE A 47 ? 0.1122 0.1478 0.1589 0.0017  -0.0010 -0.0219 71  PHE A CD1 
425 C  CD2 . PHE A 47 ? 0.1344 0.1636 0.2013 0.0028  0.0096  -0.0206 71  PHE A CD2 
426 C  CE1 . PHE A 47 ? 0.1459 0.1928 0.2074 0.0038  -0.0064 -0.0243 71  PHE A CE1 
427 C  CE2 . PHE A 47 ? 0.1279 0.1696 0.2117 0.0046  0.0022  -0.0237 71  PHE A CE2 
428 C  CZ  . PHE A 47 ? 0.1391 0.1888 0.2181 0.0056  -0.0058 -0.0255 71  PHE A CZ  
429 N  N   . ASN A 48 ? 0.2747 0.2618 0.2473 -0.0001 0.0038  -0.0152 72  ASN A N   
430 C  CA  . ASN A 48 ? 0.2193 0.1897 0.1667 -0.0005 0.0048  -0.0150 72  ASN A CA  
431 C  C   . ASN A 48 ? 0.2996 0.2699 0.2479 -0.0026 0.0088  -0.0169 72  ASN A C   
432 O  O   . ASN A 48 ? 0.3077 0.2926 0.2699 -0.0043 0.0041  -0.0191 72  ASN A O   
433 C  CB  . ASN A 48 ? 0.2780 0.2491 0.2136 -0.0002 -0.0084 -0.0164 72  ASN A CB  
434 C  CG  . ASN A 48 ? 0.4059 0.3782 0.3425 0.0026  -0.0131 -0.0146 72  ASN A CG  
435 O  OD1 . ASN A 48 ? 0.5796 0.5390 0.5083 0.0049  -0.0058 -0.0114 72  ASN A OD1 
436 N  ND2 . ASN A 48 ? 0.3967 0.3834 0.3434 0.0026  -0.0242 -0.0165 72  ASN A ND2 
437 N  N   . VAL A 49 ? 0.3584 0.3110 0.2910 -0.0021 0.0187  -0.0157 73  VAL A N   
438 C  CA  . VAL A 49 ? 0.3034 0.2530 0.2362 -0.0035 0.0248  -0.0172 73  VAL A CA  
439 C  C   . VAL A 49 ? 0.4005 0.3360 0.3074 -0.0045 0.0204  -0.0193 73  VAL A C   
440 O  O   . VAL A 49 ? 0.3873 0.3041 0.2694 -0.0026 0.0211  -0.0182 73  VAL A O   
441 C  CB  . VAL A 49 ? 0.2656 0.2054 0.2025 -0.0017 0.0407  -0.0149 73  VAL A CB  
442 C  CG1 . VAL A 49 ? 0.2058 0.1411 0.1415 -0.0024 0.0470  -0.0164 73  VAL A CG1 
443 C  CG2 . VAL A 49 ? 0.2595 0.2144 0.2259 -0.0011 0.0432  -0.0140 73  VAL A CG2 
444 N  N   . THR A 50 ? 0.3173 0.2597 0.2287 -0.0072 0.0157  -0.0223 74  THR A N   
445 C  CA  . THR A 50 ? 0.3327 0.2635 0.2237 -0.0090 0.0099  -0.0253 74  THR A CA  
446 C  C   . THR A 50 ? 0.4082 0.3372 0.3023 -0.0108 0.0158  -0.0269 74  THR A C   
447 O  O   . THR A 50 ? 0.3022 0.2422 0.2161 -0.0105 0.0216  -0.0259 74  THR A O   
448 C  CB  . THR A 50 ? 0.3194 0.2622 0.2154 -0.0114 -0.0052 -0.0280 74  THR A CB  
449 O  OG1 . THR A 50 ? 0.2998 0.2636 0.2215 -0.0133 -0.0067 -0.0282 74  THR A OG1 
450 C  CG2 . THR A 50 ? 0.3930 0.3353 0.2835 -0.0090 -0.0125 -0.0267 74  THR A CG2 
451 N  N   . LEU A 51 ? 0.3138 0.2279 0.1876 -0.0123 0.0132  -0.0299 75  LEU A N   
452 C  CA  . LEU A 51 ? 0.3514 0.2634 0.2270 -0.0145 0.0166  -0.0322 75  LEU A CA  
453 C  C   . LEU A 51 ? 0.2995 0.2247 0.1856 -0.0189 0.0045  -0.0351 75  LEU A C   
454 O  O   . LEU A 51 ? 0.3966 0.3158 0.2710 -0.0211 -0.0054 -0.0385 75  LEU A O   
455 C  CB  . LEU A 51 ? 0.4221 0.3083 0.2692 -0.0135 0.0219  -0.0339 75  LEU A CB  
456 C  CG  . LEU A 51 ? 0.4495 0.3251 0.2939 -0.0093 0.0386  -0.0306 75  LEU A CG  
457 C  CD1 . LEU A 51 ? 0.4199 0.2661 0.2306 -0.0068 0.0456  -0.0317 75  LEU A CD1 
458 C  CD2 . LEU A 51 ? 0.3690 0.2550 0.2353 -0.0095 0.0461  -0.0301 75  LEU A CD2 
459 N  N   . SER A 52 ? 0.2517 0.1946 0.1611 -0.0199 0.0055  -0.0340 76  SER A N   
460 C  CA  . SER A 52 ? 0.2393 0.1939 0.1603 -0.0240 -0.0027 -0.0362 76  SER A CA  
461 C  C   . SER A 52 ? 0.2980 0.2420 0.2112 -0.0275 -0.0019 -0.0393 76  SER A C   
462 O  O   . SER A 52 ? 0.3192 0.2651 0.2344 -0.0319 -0.0101 -0.0425 76  SER A O   
463 C  CB  . SER A 52 ? 0.2810 0.2538 0.2244 -0.0229 -0.0007 -0.0335 76  SER A CB  
464 O  OG  . SER A 52 ? 0.3173 0.2874 0.2644 -0.0202 0.0087  -0.0318 76  SER A OG  
465 N  N   . LYS A 53 ? 0.3372 0.2701 0.2438 -0.0256 0.0081  -0.0385 77  LYS A N   
466 C  CA  . LYS A 53 ? 0.3272 0.2475 0.2247 -0.0284 0.0098  -0.0415 77  LYS A CA  
467 C  C   . LYS A 53 ? 0.4358 0.3357 0.3135 -0.0251 0.0189  -0.0417 77  LYS A C   
468 O  O   . LYS A 53 ? 0.4331 0.3335 0.3148 -0.0207 0.0284  -0.0384 77  LYS A O   
469 C  CB  . LYS A 53 ? 0.3935 0.3226 0.3073 -0.0292 0.0141  -0.0400 77  LYS A CB  
470 C  CG  . LYS A 53 ? 0.4384 0.3850 0.3702 -0.0323 0.0076  -0.0395 77  LYS A CG  
471 C  CD  . LYS A 53 ? 0.4862 0.4382 0.4296 -0.0311 0.0134  -0.0369 77  LYS A CD  
472 C  CE  . LYS A 53 ? 0.6577 0.6200 0.6138 -0.0352 0.0097  -0.0370 77  LYS A CE  
473 N  NZ  . LYS A 53 ? 0.6789 0.6370 0.6379 -0.0352 0.0161  -0.0352 77  LYS A NZ  
474 N  N   . VAL A 54 ? 0.4694 0.3508 0.3264 -0.0271 0.0164  -0.0459 78  VAL A N   
475 C  CA  . VAL A 54 ? 0.4567 0.3158 0.2919 -0.0238 0.0263  -0.0465 78  VAL A CA  
476 C  C   . VAL A 54 ? 0.4662 0.3104 0.2896 -0.0270 0.0248  -0.0512 78  VAL A C   
477 O  O   . VAL A 54 ? 0.4408 0.2821 0.2587 -0.0316 0.0129  -0.0559 78  VAL A O   
478 C  CB  . VAL A 54 ? 0.5427 0.3867 0.3540 -0.0207 0.0254  -0.0466 78  VAL A CB  
479 C  CG1 . VAL A 54 ? 0.6076 0.4488 0.4078 -0.0238 0.0090  -0.0510 78  VAL A CG1 
480 C  CG2 . VAL A 54 ? 0.5562 0.3738 0.3418 -0.0169 0.0372  -0.0475 78  VAL A CG2 
481 N  N   . SER A 55 ? 0.4613 0.2961 0.2827 -0.0246 0.0365  -0.0505 79  SER A N   
482 C  CA  . SER A 55 ? 0.4425 0.2611 0.2525 -0.0270 0.0378  -0.0546 79  SER A CA  
483 C  C   . SER A 55 ? 0.4560 0.2526 0.2457 -0.0216 0.0511  -0.0545 79  SER A C   
484 O  O   . SER A 55 ? 0.4969 0.2934 0.2860 -0.0166 0.0601  -0.0508 79  SER A O   
485 C  CB  . SER A 55 ? 0.3925 0.2242 0.2254 -0.0291 0.0398  -0.0529 79  SER A CB  
486 O  OG  . SER A 55 ? 0.4228 0.2597 0.2676 -0.0236 0.0515  -0.0483 79  SER A OG  
487 N  N   . PRO A 56 ? 0.4945 0.2725 0.2691 -0.0223 0.0530  -0.0580 80  PRO A N   
488 C  CA  . PRO A 56 ? 0.4795 0.2419 0.2410 -0.0164 0.0654  -0.0551 80  PRO A CA  
489 C  C   . PRO A 56 ? 0.4197 0.1891 0.1981 -0.0112 0.0807  -0.0503 80  PRO A C   
490 O  O   . PRO A 56 ? 0.5381 0.3008 0.3110 -0.0063 0.0907  -0.0466 80  PRO A O   
491 C  CB  . PRO A 56 ? 0.4339 0.1824 0.1861 -0.0186 0.0635  -0.0586 80  PRO A CB  
492 C  CG  . PRO A 56 ? 0.4983 0.2515 0.2517 -0.0256 0.0473  -0.0638 80  PRO A CG  
493 C  CD  . PRO A 56 ? 0.4808 0.2547 0.2541 -0.0283 0.0432  -0.0628 80  PRO A CD  
494 N  N   . ASP A 57 ? 0.4542 0.2371 0.2545 -0.0118 0.0826  -0.0502 81  ASP A N   
495 C  CA  . ASP A 57 ? 0.4628 0.2536 0.2830 -0.0061 0.0952  -0.0461 81  ASP A CA  
496 C  C   . ASP A 57 ? 0.4510 0.2691 0.3003 -0.0055 0.0910  -0.0419 81  ASP A C   
497 O  O   . ASP A 57 ? 0.3930 0.2200 0.2626 -0.0007 0.0986  -0.0390 81  ASP A O   
498 C  CB  . ASP A 57 ? 0.4178 0.2042 0.2445 -0.0048 0.0996  -0.0463 81  ASP A CB  
499 C  CG  . ASP A 57 ? 0.5279 0.2938 0.3326 -0.0056 0.1007  -0.0480 81  ASP A CG  
500 O  OD1 . ASP A 57 ? 0.5291 0.2837 0.3193 -0.0031 0.1061  -0.0464 81  ASP A OD1 
501 O  OD2 . ASP A 57 ? 0.5107 0.2708 0.3125 -0.0088 0.0968  -0.0506 81  ASP A OD2 
502 N  N   . HIS A 58 ? 0.4522 0.2831 0.3046 -0.0099 0.0786  -0.0419 82  HIS A N   
503 C  CA  . HIS A 58 ? 0.3319 0.1874 0.2098 -0.0093 0.0740  -0.0384 82  HIS A CA  
504 C  C   . HIS A 58 ? 0.3593 0.2215 0.2328 -0.0119 0.0654  -0.0384 82  HIS A C   
505 O  O   . HIS A 58 ? 0.4525 0.3028 0.3051 -0.0150 0.0598  -0.0414 82  HIS A O   
506 C  CB  . HIS A 58 ? 0.2675 0.1352 0.1601 -0.0115 0.0672  -0.0379 82  HIS A CB  
507 C  CG  . HIS A 58 ? 0.4626 0.3212 0.3564 -0.0091 0.0739  -0.0381 82  HIS A CG  
508 N  ND1 . HIS A 58 ? 0.4059 0.2642 0.3108 -0.0025 0.0837  -0.0361 82  HIS A ND1 
509 C  CD2 . HIS A 58 ? 0.5089 0.3577 0.3951 -0.0120 0.0724  -0.0401 82  HIS A CD2 
510 C  CE1 . HIS A 58 ? 0.4950 0.3435 0.3978 -0.0010 0.0876  -0.0367 82  HIS A CE1 
511 N  NE2 . HIS A 58 ? 0.4199 0.2619 0.3106 -0.0069 0.0812  -0.0389 82  HIS A NE2 
512 N  N   . PHE A 59 ? 0.3295 0.2107 0.2233 -0.0103 0.0635  -0.0352 83  PHE A N   
513 C  CA  . PHE A 59 ? 0.3440 0.2335 0.2370 -0.0121 0.0556  -0.0347 83  PHE A CA  
514 C  C   . PHE A 59 ? 0.3699 0.2823 0.2882 -0.0113 0.0509  -0.0321 83  PHE A C   
515 O  O   . PHE A 59 ? 0.2827 0.2025 0.2183 -0.0078 0.0554  -0.0304 83  PHE A O   
516 C  CB  . PHE A 59 ? 0.3473 0.2252 0.2277 -0.0091 0.0632  -0.0334 83  PHE A CB  
517 C  CG  . PHE A 59 ? 0.4421 0.3250 0.3406 -0.0044 0.0750  -0.0302 83  PHE A CG  
518 C  CD1 . PHE A 59 ? 0.3530 0.2206 0.2457 -0.0009 0.0893  -0.0300 83  PHE A CD1 
519 C  CD2 . PHE A 59 ? 0.4455 0.3479 0.3683 -0.0033 0.0722  -0.0279 83  PHE A CD2 
520 C  CE1 . PHE A 59 ? 0.4083 0.2815 0.3223 0.0032  0.1005  -0.0274 83  PHE A CE1 
521 C  CE2 . PHE A 59 ? 0.2945 0.2022 0.2375 0.0006  0.0820  -0.0257 83  PHE A CE2 
522 C  CZ  . PHE A 59 ? 0.3797 0.2737 0.3202 0.0038  0.0962  -0.0255 83  PHE A CZ  
523 N  N   . THR A 60 ? 0.2969 0.2196 0.2173 -0.0139 0.0412  -0.0322 84  THR A N   
524 C  CA  . THR A 60 ? 0.2818 0.2237 0.2226 -0.0124 0.0372  -0.0299 84  THR A CA  
525 C  C   . THR A 60 ? 0.2823 0.2259 0.2197 -0.0122 0.0347  -0.0291 84  THR A C   
526 O  O   . THR A 60 ? 0.2928 0.2319 0.2165 -0.0149 0.0278  -0.0306 84  THR A O   
527 C  CB  . THR A 60 ? 0.2792 0.2332 0.2284 -0.0152 0.0287  -0.0304 84  THR A CB  
528 O  OG1 . THR A 60 ? 0.3101 0.2601 0.2606 -0.0151 0.0319  -0.0306 84  THR A OG1 
529 C  CG2 . THR A 60 ? 0.2059 0.1773 0.1732 -0.0126 0.0250  -0.0283 84  THR A CG2 
530 N  N   . LEU A 61 ? 0.2681 0.2173 0.2181 -0.0087 0.0397  -0.0268 85  LEU A N   
531 C  CA  . LEU A 61 ? 0.2446 0.1968 0.1947 -0.0081 0.0377  -0.0254 85  LEU A CA  
532 C  C   . LEU A 61 ? 0.2792 0.2506 0.2464 -0.0084 0.0285  -0.0252 85  LEU A C   
533 O  O   . LEU A 61 ? 0.2972 0.2792 0.2795 -0.0072 0.0269  -0.0252 85  LEU A O   
534 C  CB  . LEU A 61 ? 0.3274 0.2747 0.2845 -0.0048 0.0491  -0.0233 85  LEU A CB  
535 C  CG  . LEU A 61 ? 0.3143 0.2397 0.2512 -0.0037 0.0607  -0.0229 85  LEU A CG  
536 C  CD1 . LEU A 61 ? 0.3384 0.2628 0.2921 -0.0005 0.0744  -0.0212 85  LEU A CD1 
537 C  CD2 . LEU A 61 ? 0.2995 0.2122 0.2136 -0.0040 0.0592  -0.0220 85  LEU A CD2 
538 N  N   . GLN A 62 ? 0.2774 0.2514 0.2400 -0.0093 0.0223  -0.0248 86  GLN A N   
539 C  CA  . GLN A 62 ? 0.2273 0.2180 0.2036 -0.0094 0.0138  -0.0248 86  GLN A CA  
540 C  C   . GLN A 62 ? 0.2285 0.2208 0.2067 -0.0078 0.0128  -0.0233 86  GLN A C   
541 O  O   . GLN A 62 ? 0.2447 0.2252 0.2068 -0.0079 0.0136  -0.0226 86  GLN A O   
542 C  CB  . GLN A 62 ? 0.1824 0.1766 0.1532 -0.0128 0.0050  -0.0267 86  GLN A CB  
543 C  CG  . GLN A 62 ? 0.1667 0.1771 0.1513 -0.0125 -0.0019 -0.0266 86  GLN A CG  
544 C  CD  . GLN A 62 ? 0.2252 0.2400 0.2091 -0.0162 -0.0083 -0.0284 86  GLN A CD  
545 O  OE1 . GLN A 62 ? 0.3432 0.3635 0.3286 -0.0171 -0.0151 -0.0292 86  GLN A OE1 
546 N  NE2 . GLN A 62 ? 0.2134 0.2258 0.1971 -0.0182 -0.0057 -0.0292 86  GLN A NE2 
547 N  N   . ALA A 63 ? 0.2319 0.2371 0.2282 -0.0059 0.0107  -0.0228 87  ALA A N   
548 C  CA  . ALA A 63 ? 0.2271 0.2351 0.2283 -0.0044 0.0093  -0.0216 87  ALA A CA  
549 C  C   . ALA A 63 ? 0.2015 0.2227 0.2091 -0.0044 -0.0005 -0.0226 87  ALA A C   
550 O  O   . ALA A 63 ? 0.1660 0.1976 0.1853 -0.0034 -0.0033 -0.0236 87  ALA A O   
551 C  CB  . ALA A 63 ? 0.1811 0.1924 0.2004 -0.0020 0.0154  -0.0209 87  ALA A CB  
552 N  N   . ASP A 64 ? 0.2038 0.2233 0.2026 -0.0049 -0.0056 -0.0222 88  ASP A N   
553 C  CA  . ASP A 64 ? 0.1788 0.2102 0.1846 -0.0044 -0.0139 -0.0230 88  ASP A CA  
554 C  C   . ASP A 64 ? 0.1746 0.2072 0.1857 -0.0018 -0.0146 -0.0217 88  ASP A C   
555 O  O   . ASP A 64 ? 0.1611 0.1821 0.1626 -0.0013 -0.0109 -0.0198 88  ASP A O   
556 C  CB  . ASP A 64 ? 0.1479 0.1777 0.1430 -0.0066 -0.0209 -0.0241 88  ASP A CB  
557 C  CG  . ASP A 64 ? 0.2210 0.2517 0.2149 -0.0097 -0.0213 -0.0259 88  ASP A CG  
558 O  OD1 . ASP A 64 ? 0.2316 0.2736 0.2361 -0.0105 -0.0242 -0.0269 88  ASP A OD1 
559 O  OD2 . ASP A 64 ? 0.3052 0.3240 0.2867 -0.0114 -0.0180 -0.0264 88  ASP A OD2 
560 N  N   . PRO A 65 ? 0.1322 0.1765 0.1570 0.0000  -0.0184 -0.0226 89  PRO A N   
561 C  CA  . PRO A 65 ? 0.1943 0.2390 0.2256 0.0023  -0.0186 -0.0218 89  PRO A CA  
562 C  C   . PRO A 65 ? 0.1465 0.1854 0.1666 0.0030  -0.0224 -0.0202 89  PRO A C   
563 O  O   . PRO A 65 ? 0.1823 0.2244 0.1970 0.0026  -0.0289 -0.0210 89  PRO A O   
564 C  CB  . PRO A 65 ? 0.1593 0.2167 0.2041 0.0045  -0.0234 -0.0239 89  PRO A CB  
565 C  CG  . PRO A 65 ? 0.1676 0.2308 0.2101 0.0033  -0.0258 -0.0250 89  PRO A CG  
566 C  CD  . PRO A 65 ? 0.1313 0.1868 0.1645 0.0004  -0.0216 -0.0243 89  PRO A CD  
567 N  N   . ASN A 66 ? 0.2432 0.2726 0.2608 0.0043  -0.0180 -0.0181 90  ASN A N   
568 C  CA  . ASN A 66 ? 0.1742 0.1958 0.1801 0.0061  -0.0214 -0.0161 90  ASN A CA  
569 C  C   . ASN A 66 ? 0.1869 0.2201 0.2041 0.0084  -0.0287 -0.0173 90  ASN A C   
570 O  O   . ASN A 66 ? 0.1728 0.2105 0.2036 0.0094  -0.0269 -0.0179 90  ASN A O   
571 C  CB  . ASN A 66 ? 0.2687 0.2749 0.2689 0.0069  -0.0121 -0.0129 90  ASN A CB  
572 C  CG  . ASN A 66 ? 0.2593 0.2525 0.2419 0.0096  -0.0147 -0.0101 90  ASN A CG  
573 O  OD1 . ASN A 66 ? 0.2256 0.2252 0.2113 0.0118  -0.0229 -0.0106 90  ASN A OD1 
574 N  ND2 . ASN A 66 ? 0.2581 0.2315 0.2209 0.0102  -0.0073 -0.0070 90  ASN A ND2 
575 N  N   . PRO A 67 ? 0.1488 0.1864 0.1616 0.0094  -0.0371 -0.0180 91  PRO A N   
576 C  CA  . PRO A 67 ? 0.1696 0.2191 0.1946 0.0119  -0.0429 -0.0194 91  PRO A CA  
577 C  C   . PRO A 67 ? 0.1786 0.2215 0.2027 0.0153  -0.0432 -0.0175 91  PRO A C   
578 O  O   . PRO A 67 ? 0.1731 0.2242 0.2080 0.0178  -0.0465 -0.0188 91  PRO A O   
579 C  CB  . PRO A 67 ? 0.3057 0.3611 0.3282 0.0117  -0.0509 -0.0208 91  PRO A CB  
580 C  CG  . PRO A 67 ? 0.2653 0.3058 0.2687 0.0111  -0.0521 -0.0192 91  PRO A CG  
581 C  CD  . PRO A 67 ? 0.3032 0.3337 0.3001 0.0088  -0.0421 -0.0179 91  PRO A CD  
582 N  N   . THR A 68 ? 0.2247 0.2512 0.2349 0.0157  -0.0391 -0.0143 92  THR A N   
583 C  CA  . THR A 68 ? 0.2884 0.3061 0.2974 0.0186  -0.0375 -0.0118 92  THR A CA  
584 C  C   . THR A 68 ? 0.2436 0.2594 0.2654 0.0172  -0.0285 -0.0117 92  THR A C   
585 O  O   . THR A 68 ? 0.2572 0.2776 0.2918 0.0187  -0.0299 -0.0129 92  THR A O   
586 C  CB  . THR A 68 ? 0.3810 0.3790 0.3662 0.0207  -0.0368 -0.0080 92  THR A CB  
587 O  OG1 . THR A 68 ? 0.3653 0.3658 0.3410 0.0224  -0.0478 -0.0091 92  THR A OG1 
588 C  CG2 . THR A 68 ? 0.4062 0.3934 0.3889 0.0241  -0.0346 -0.0049 92  THR A CG2 
589 N  N   . THR A 69 ? 0.2303 0.2389 0.2503 0.0144  -0.0195 -0.0107 93  THR A N   
590 C  CA  . THR A 69 ? 0.2330 0.2403 0.2692 0.0128  -0.0111 -0.0109 93  THR A CA  
591 C  C   . THR A 69 ? 0.1743 0.1980 0.2311 0.0116  -0.0142 -0.0155 93  THR A C   
592 O  O   . THR A 69 ? 0.1538 0.1795 0.2283 0.0111  -0.0114 -0.0172 93  THR A O   
593 C  CB  . THR A 69 ? 0.1919 0.1853 0.2206 0.0107  0.0011  -0.0080 93  THR A CB  
594 O  OG1 . THR A 69 ? 0.1828 0.1804 0.2056 0.0091  -0.0001 -0.0095 93  THR A OG1 
595 C  CG2 . THR A 69 ? 0.2401 0.2123 0.2444 0.0128  0.0057  -0.0030 93  THR A CG2 
596 N  N   . ASN A 70 ? 0.1011 0.1348 0.1556 0.0112  -0.0197 -0.0177 94  ASN A N   
597 C  CA  . ASN A 70 ? 0.0869 0.1328 0.1554 0.0109  -0.0223 -0.0216 94  ASN A CA  
598 C  C   . ASN A 70 ? 0.2579 0.3148 0.3250 0.0130  -0.0308 -0.0237 94  ASN A C   
599 O  O   . ASN A 70 ? 0.1448 0.2085 0.2119 0.0125  -0.0324 -0.0253 94  ASN A O   
600 C  CB  . ASN A 70 ? 0.1203 0.1650 0.1872 0.0086  -0.0173 -0.0215 94  ASN A CB  
601 C  CG  . ASN A 70 ? 0.1137 0.1662 0.1974 0.0091  -0.0181 -0.0249 94  ASN A CG  
602 O  OD1 . ASN A 70 ? 0.1345 0.1925 0.2309 0.0110  -0.0226 -0.0277 94  ASN A OD1 
603 N  ND2 . ASN A 70 ? 0.1779 0.2300 0.2610 0.0077  -0.0145 -0.0250 94  ASN A ND2 
604 N  N   . ASP A 71 ? 0.1881 0.2458 0.2540 0.0154  -0.0352 -0.0235 95  ASP A N   
605 C  CA  . ASP A 71 ? 0.1562 0.2239 0.2230 0.0178  -0.0416 -0.0254 95  ASP A CA  
606 C  C   . ASP A 71 ? 0.1325 0.2068 0.2076 0.0190  -0.0426 -0.0287 95  ASP A C   
607 O  O   . ASP A 71 ? 0.1197 0.1914 0.2026 0.0198  -0.0421 -0.0304 95  ASP A O   
608 C  CB  . ASP A 71 ? 0.1085 0.1743 0.1753 0.0210  -0.0451 -0.0248 95  ASP A CB  
609 C  CG  . ASP A 71 ? 0.2508 0.3246 0.3180 0.0233  -0.0491 -0.0257 95  ASP A CG  
610 O  OD1 . ASP A 71 ? 0.1697 0.2469 0.2329 0.0210  -0.0477 -0.0250 95  ASP A OD1 
611 O  OD2 . ASP A 71 ? 0.1940 0.2664 0.2632 0.0260  -0.0505 -0.0258 95  ASP A OD2 
612 N  N   . GLY A 72 ? 0.1089 0.1854 0.1772 0.0182  -0.0414 -0.0279 96  GLY A N   
613 C  CA  . GLY A 72 ? 0.0991 0.1749 0.1663 0.0194  -0.0402 -0.0291 96  GLY A CA  
614 C  C   . GLY A 72 ? 0.1422 0.2180 0.2097 0.0182  -0.0386 -0.0299 96  GLY A C   
615 O  O   . GLY A 72 ? 0.2133 0.2884 0.2782 0.0201  -0.0387 -0.0312 96  GLY A O   
616 N  N   . GLU A 73 ? 0.1413 0.2182 0.2122 0.0158  -0.0375 -0.0297 97  GLU A N   
617 C  CA  . GLU A 73 ? 0.0971 0.1748 0.1690 0.0148  -0.0357 -0.0305 97  GLU A CA  
618 C  C   . GLU A 73 ? 0.1582 0.2394 0.2223 0.0130  -0.0351 -0.0297 97  GLU A C   
619 O  O   . GLU A 73 ? 0.0920 0.1722 0.1512 0.0107  -0.0351 -0.0281 97  GLU A O   
620 C  CB  . GLU A 73 ? 0.1167 0.1895 0.1934 0.0126  -0.0316 -0.0299 97  GLU A CB  
621 C  CG  . GLU A 73 ? 0.1421 0.2131 0.2187 0.0114  -0.0280 -0.0298 97  GLU A CG  
622 C  CD  . GLU A 73 ? 0.1724 0.2471 0.2568 0.0149  -0.0321 -0.0330 97  GLU A CD  
623 O  OE1 . GLU A 73 ? 0.1357 0.2089 0.2317 0.0162  -0.0331 -0.0345 97  GLU A OE1 
624 O  OE2 . GLU A 73 ? 0.1061 0.1827 0.1833 0.0165  -0.0339 -0.0333 97  GLU A OE2 
625 N  N   . THR A 74 ? 0.1145 0.1967 0.1759 0.0137  -0.0343 -0.0303 98  THR A N   
626 C  CA  . THR A 74 ? 0.1484 0.2318 0.2037 0.0110  -0.0320 -0.0292 98  THR A CA  
627 C  C   . THR A 74 ? 0.1734 0.2515 0.2252 0.0092  -0.0283 -0.0286 98  THR A C   
628 O  O   . THR A 74 ? 0.1190 0.1960 0.1656 0.0060  -0.0259 -0.0277 98  THR A O   
629 C  CB  . THR A 74 ? 0.2356 0.3238 0.2897 0.0132  -0.0321 -0.0297 98  THR A CB  
630 O  OG1 . THR A 74 ? 0.1580 0.2430 0.2090 0.0169  -0.0316 -0.0306 98  THR A OG1 
631 C  CG2 . THR A 74 ? 0.2237 0.3132 0.2795 0.0156  -0.0338 -0.0296 98  THR A CG2 
632 N  N   . CYS A 75 ? 0.1072 0.1824 0.1638 0.0111  -0.0279 -0.0294 99  CYS A N   
633 C  CA  . CYS A 75 ? 0.1682 0.2386 0.2231 0.0105  -0.0246 -0.0290 99  CYS A CA  
634 C  C   . CYS A 75 ? 0.1336 0.1984 0.1839 0.0060  -0.0197 -0.0275 99  CYS A C   
635 O  O   . CYS A 75 ? 0.1594 0.2213 0.2110 0.0048  -0.0183 -0.0268 99  CYS A O   
636 C  CB  . CYS A 75 ? 0.1691 0.2388 0.2343 0.0141  -0.0264 -0.0309 99  CYS A CB  
637 S  SG  . CYS A 75 ? 0.1717 0.2439 0.2370 0.0206  -0.0335 -0.0335 99  CYS A SG  
638 N  N   . VAL A 76 ? 0.0882 0.1494 0.1312 0.0038  -0.0169 -0.0267 100 VAL A N   
639 C  CA  . VAL A 76 ? 0.1144 0.1678 0.1500 0.0002  -0.0125 -0.0258 100 VAL A CA  
640 C  C   . VAL A 76 ? 0.2009 0.2489 0.2385 0.0015  -0.0080 -0.0258 100 VAL A C   
641 O  O   . VAL A 76 ? 0.1180 0.1672 0.1569 0.0037  -0.0087 -0.0262 100 VAL A O   
642 C  CB  . VAL A 76 ? 0.2227 0.2755 0.2500 -0.0036 -0.0134 -0.0258 100 VAL A CB  
643 C  CG1 . VAL A 76 ? 0.1705 0.2128 0.1878 -0.0070 -0.0097 -0.0258 100 VAL A CG1 
644 C  CG2 . VAL A 76 ? 0.2059 0.2643 0.2340 -0.0045 -0.0185 -0.0261 100 VAL A CG2 
645 N  N   . VAL A 77 ? 0.1675 0.2089 0.2056 0.0008  -0.0028 -0.0254 101 VAL A N   
646 C  CA  . VAL A 77 ? 0.1033 0.1406 0.1477 0.0027  0.0022  -0.0256 101 VAL A CA  
647 C  C   . VAL A 77 ? 0.1009 0.1271 0.1325 -0.0001 0.0085  -0.0249 101 VAL A C   
648 O  O   . VAL A 77 ? 0.1979 0.2172 0.2183 -0.0028 0.0107  -0.0243 101 VAL A O   
649 C  CB  . VAL A 77 ? 0.1487 0.1868 0.2074 0.0046  0.0051  -0.0258 101 VAL A CB  
650 C  CG1 . VAL A 77 ? 0.1728 0.2091 0.2435 0.0070  0.0096  -0.0265 101 VAL A CG1 
651 C  CG2 . VAL A 77 ? 0.1353 0.1830 0.2049 0.0068  -0.0022 -0.0271 101 VAL A CG2 
652 N  N   . THR A 78 ? 0.1606 0.1835 0.1922 0.0010  0.0111  -0.0252 102 THR A N   
653 C  CA  . THR A 78 ? 0.1767 0.1877 0.1961 -0.0013 0.0173  -0.0250 102 THR A CA  
654 C  C   . THR A 78 ? 0.1711 0.1777 0.1995 0.0019  0.0242  -0.0250 102 THR A C   
655 O  O   . THR A 78 ? 0.1967 0.2106 0.2412 0.0060  0.0220  -0.0254 102 THR A O   
656 C  CB  . THR A 78 ? 0.1980 0.2067 0.2072 -0.0037 0.0150  -0.0253 102 THR A CB  
657 O  OG1 . THR A 78 ? 0.1925 0.2067 0.2094 -0.0003 0.0124  -0.0250 102 THR A OG1 
658 C  CG2 . THR A 78 ? 0.1612 0.1735 0.1638 -0.0076 0.0093  -0.0257 102 THR A CG2 
659 N  N   . LEU A 79 ? 0.2172 0.2115 0.2352 0.0005  0.0323  -0.0247 103 LEU A N   
660 C  CA  . LEU A 79 ? 0.1824 0.1707 0.2077 0.0034  0.0405  -0.0248 103 LEU A CA  
661 C  C   . LEU A 79 ? 0.2435 0.2167 0.2492 0.0012  0.0461  -0.0252 103 LEU A C   
662 O  O   . LEU A 79 ? 0.3272 0.2908 0.3153 -0.0019 0.0479  -0.0253 103 LEU A O   
663 C  CB  . LEU A 79 ? 0.1949 0.1825 0.2332 0.0052  0.0483  -0.0242 103 LEU A CB  
664 C  CG  . LEU A 79 ? 0.2023 0.1816 0.2475 0.0079  0.0599  -0.0241 103 LEU A CG  
665 C  CD1 . LEU A 79 ? 0.2661 0.2552 0.3336 0.0124  0.0560  -0.0254 103 LEU A CD1 
666 C  CD2 . LEU A 79 ? 0.2621 0.2367 0.3148 0.0082  0.0708  -0.0230 103 LEU A CD2 
667 N  N   . ASN A 80 ? 0.2744 0.2442 0.2815 0.0031  0.0479  -0.0256 104 ASN A N   
668 C  CA  . ASN A 80 ? 0.2378 0.1919 0.2267 0.0011  0.0535  -0.0264 104 ASN A CA  
669 C  C   . ASN A 80 ? 0.3427 0.2872 0.3358 0.0047  0.0655  -0.0263 104 ASN A C   
670 O  O   . ASN A 80 ? 0.4021 0.3536 0.4155 0.0084  0.0693  -0.0257 104 ASN A O   
671 C  CB  . ASN A 80 ? 0.2868 0.2401 0.2713 0.0002  0.0490  -0.0268 104 ASN A CB  
672 C  CG  . ASN A 80 ? 0.3328 0.2917 0.3331 0.0059  0.0485  -0.0260 104 ASN A CG  
673 O  OD1 . ASN A 80 ? 0.3474 0.3076 0.3618 0.0105  0.0534  -0.0259 104 ASN A OD1 
674 N  ND2 . ASN A 80 ? 0.3325 0.2938 0.3304 0.0059  0.0428  -0.0254 104 ASN A ND2 
675 N  N   . ASP A 81 ? 0.3621 0.2898 0.3365 0.0034  0.0718  -0.0274 105 ASP A N   
676 C  CA  . ASP A 81 ? 0.3425 0.2587 0.3184 0.0070  0.0850  -0.0274 105 ASP A CA  
677 C  C   . ASP A 81 ? 0.3520 0.2750 0.3499 0.0122  0.0867  -0.0271 105 ASP A C   
678 O  O   . ASP A 81 ? 0.4436 0.3624 0.4528 0.0162  0.0976  -0.0269 105 ASP A O   
679 C  CB  . ASP A 81 ? 0.3486 0.2434 0.2968 0.0049  0.0902  -0.0292 105 ASP A CB  
680 C  CG  . ASP A 81 ? 0.3457 0.2382 0.2877 0.0030  0.0841  -0.0306 105 ASP A CG  
681 O  OD1 . ASP A 81 ? 0.3724 0.2726 0.3117 -0.0010 0.0733  -0.0310 105 ASP A OD1 
682 O  OD2 . ASP A 81 ? 0.4462 0.3283 0.3863 0.0056  0.0911  -0.0313 105 ASP A OD2 
683 N  N   . GLY A 82 ? 0.3070 0.2389 0.3104 0.0127  0.0768  -0.0270 106 GLY A N   
684 C  CA  . GLY A 82 ? 0.3677 0.3059 0.3910 0.0188  0.0757  -0.0267 106 GLY A CA  
685 C  C   . GLY A 82 ? 0.4218 0.3761 0.4724 0.0227  0.0719  -0.0266 106 GLY A C   
686 O  O   . GLY A 82 ? 0.3470 0.3069 0.4166 0.0286  0.0698  -0.0269 106 GLY A O   
687 N  N   . GLY A 83 ? 0.3947 0.3561 0.4483 0.0198  0.0703  -0.0264 107 GLY A N   
688 C  CA  . GLY A 83 ? 0.3484 0.3244 0.4289 0.0228  0.0665  -0.0268 107 GLY A CA  
689 C  C   . GLY A 83 ? 0.2772 0.2659 0.3625 0.0237  0.0518  -0.0271 107 GLY A C   
690 O  O   . GLY A 83 ? 0.2682 0.2684 0.3761 0.0269  0.0465  -0.0284 107 GLY A O   
691 N  N   . THR A 84 ? 0.2080 0.1940 0.2732 0.0213  0.0456  -0.0265 108 THR A N   
692 C  CA  . THR A 84 ? 0.2365 0.2319 0.3028 0.0228  0.0335  -0.0264 108 THR A CA  
693 C  C   . THR A 84 ? 0.3017 0.3043 0.3660 0.0187  0.0299  -0.0265 108 THR A C   
694 O  O   . THR A 84 ? 0.2209 0.2187 0.2685 0.0132  0.0322  -0.0258 108 THR A O   
695 C  CB  . THR A 84 ? 0.2626 0.2511 0.3097 0.0219  0.0306  -0.0253 108 THR A CB  
696 O  OG1 . THR A 84 ? 0.2454 0.2274 0.2955 0.0273  0.0322  -0.0250 108 THR A OG1 
697 C  CG2 . THR A 84 ? 0.2390 0.2351 0.2831 0.0228  0.0205  -0.0249 108 THR A CG2 
698 N  N   . ILE A 85 ? 0.2548 0.2684 0.3362 0.0215  0.0232  -0.0277 109 ILE A N   
699 C  CA  . ILE A 85 ? 0.2108 0.2313 0.2918 0.0185  0.0192  -0.0278 109 ILE A CA  
700 C  C   . ILE A 85 ? 0.1863 0.2115 0.2597 0.0201  0.0089  -0.0279 109 ILE A C   
701 O  O   . ILE A 85 ? 0.2785 0.3043 0.3550 0.0255  0.0031  -0.0286 109 ILE A O   
702 C  CB  . ILE A 85 ? 0.3201 0.3480 0.4249 0.0203  0.0193  -0.0294 109 ILE A CB  
703 C  CG1 . ILE A 85 ? 0.2955 0.3283 0.3977 0.0169  0.0163  -0.0292 109 ILE A CG1 
704 C  CG2 . ILE A 85 ? 0.2466 0.2823 0.3710 0.0267  0.0100  -0.0320 109 ILE A CG2 
705 C  CD1 . ILE A 85 ? 0.3575 0.3870 0.4655 0.0139  0.0260  -0.0283 109 ILE A CD1 
706 N  N   . ALA A 86 ? 0.1123 0.1397 0.1748 0.0160  0.0069  -0.0273 110 ALA A N   
707 C  CA  . ALA A 86 ? 0.1975 0.2284 0.2520 0.0173  -0.0003 -0.0270 110 ALA A CA  
708 C  C   . ALA A 86 ? 0.1559 0.1934 0.2098 0.0144  -0.0031 -0.0272 110 ALA A C   
709 O  O   . ALA A 86 ? 0.1176 0.1539 0.1694 0.0101  0.0009  -0.0267 110 ALA A O   
710 C  CB  . ALA A 86 ? 0.2753 0.2989 0.3130 0.0149  0.0026  -0.0253 110 ALA A CB  
711 N  N   . ALA A 87 ? 0.1229 0.1656 0.1768 0.0174  -0.0102 -0.0280 111 ALA A N   
712 C  CA  . ALA A 87 ? 0.1361 0.1849 0.1899 0.0156  -0.0132 -0.0283 111 ALA A CA  
713 C  C   . ALA A 87 ? 0.1540 0.2041 0.1984 0.0177  -0.0171 -0.0280 111 ALA A C   
714 O  O   . ALA A 87 ? 0.1357 0.1832 0.1776 0.0232  -0.0209 -0.0286 111 ALA A O   
715 C  CB  . ALA A 87 ? 0.1232 0.1776 0.1928 0.0180  -0.0172 -0.0305 111 ALA A CB  
716 N  N   . SER A 88 ? 0.0977 0.1510 0.1370 0.0140  -0.0164 -0.0272 112 SER A N   
717 C  CA  . SER A 88 ? 0.1120 0.1671 0.1447 0.0161  -0.0183 -0.0269 112 SER A CA  
718 C  C   . SER A 88 ? 0.1313 0.1935 0.1673 0.0137  -0.0198 -0.0273 112 SER A C   
719 O  O   . SER A 88 ? 0.1290 0.1924 0.1665 0.0088  -0.0182 -0.0269 112 SER A O   
720 C  CB  . SER A 88 ? 0.1068 0.1564 0.1291 0.0140  -0.0131 -0.0248 112 SER A CB  
721 O  OG  . SER A 88 ? 0.1600 0.2087 0.1753 0.0177  -0.0132 -0.0241 112 SER A OG  
722 N  N   . GLY A 89 ? 0.1535 0.2187 0.1885 0.0176  -0.0232 -0.0282 113 GLY A N   
723 C  CA  . GLY A 89 ? 0.1460 0.2177 0.1845 0.0165  -0.0247 -0.0286 113 GLY A CA  
724 C  C   . GLY A 89 ? 0.2227 0.2957 0.2556 0.0168  -0.0217 -0.0275 113 GLY A C   
725 O  O   . GLY A 89 ? 0.2042 0.2722 0.2296 0.0176  -0.0174 -0.0262 113 GLY A O   
726 N  N   . THR A 90 ? 0.1460 0.2257 0.1838 0.0164  -0.0230 -0.0281 114 THR A N   
727 C  CA  . THR A 90 ? 0.2075 0.2898 0.2442 0.0168  -0.0189 -0.0273 114 THR A CA  
728 C  C   . THR A 90 ? 0.3038 0.3843 0.3355 0.0238  -0.0205 -0.0287 114 THR A C   
729 O  O   . THR A 90 ? 0.2032 0.2874 0.2396 0.0259  -0.0251 -0.0305 114 THR A O   
730 C  CB  . THR A 90 ? 0.2597 0.3505 0.3062 0.0123  -0.0196 -0.0274 114 THR A CB  
731 O  OG1 . THR A 90 ? 0.2970 0.3868 0.3450 0.0063  -0.0189 -0.0268 114 THR A OG1 
732 C  CG2 . THR A 90 ? 0.3395 0.4348 0.3899 0.0130  -0.0148 -0.0270 114 THR A CG2 
733 N  N   . ASN A 91 ? 0.3337 0.4061 0.3535 0.0281  -0.0167 -0.0278 115 ASN A N   
734 C  CA  . ASN A 91 ? 0.3499 0.4158 0.3587 0.0362  -0.0185 -0.0293 115 ASN A CA  
735 C  C   . ASN A 91 ? 0.4216 0.4882 0.4344 0.0394  -0.0285 -0.0328 115 ASN A C   
736 O  O   . ASN A 91 ? 0.4135 0.4806 0.4259 0.0434  -0.0317 -0.0352 115 ASN A O   
737 C  CB  . ASN A 91 ? 0.3346 0.4027 0.3428 0.0378  -0.0124 -0.0287 115 ASN A CB  
738 C  CG  . ASN A 91 ? 0.4553 0.5223 0.4628 0.0343  -0.0013 -0.0252 115 ASN A CG  
739 O  OD1 . ASN A 91 ? 0.4631 0.5189 0.4567 0.0370  0.0039  -0.0233 115 ASN A OD1 
740 N  ND2 . ASN A 91 ? 0.3993 0.4772 0.4226 0.0285  0.0020  -0.0247 115 ASN A ND2 
741 N  N   . GLN A 92 ? 0.2720 0.3383 0.2901 0.0375  -0.0326 -0.0334 116 GLN A N   
742 C  CA  . GLN A 92 ? 0.2300 0.2981 0.2575 0.0386  -0.0406 -0.0366 116 GLN A CA  
743 C  C   . GLN A 92 ? 0.1908 0.2553 0.2210 0.0386  -0.0430 -0.0370 116 GLN A C   
744 O  O   . GLN A 92 ? 0.1789 0.2437 0.2100 0.0340  -0.0378 -0.0342 116 GLN A O   
745 C  CB  . GLN A 92 ? 0.2491 0.3257 0.2898 0.0331  -0.0402 -0.0363 116 GLN A CB  
746 C  CG  . GLN A 92 ? 0.2771 0.3488 0.3253 0.0314  -0.0430 -0.0371 116 GLN A CG  
747 C  CD  . GLN A 92 ? 0.2213 0.2954 0.2765 0.0260  -0.0401 -0.0348 116 GLN A CD  
748 O  OE1 . GLN A 92 ? 0.2282 0.3062 0.2850 0.0221  -0.0373 -0.0329 116 GLN A OE1 
749 N  NE2 . GLN A 92 ? 0.1673 0.2385 0.2256 0.0262  -0.0416 -0.0354 116 GLN A NE2 
750 N  N   . SER A 93 ? 0.2075 0.2680 0.2391 0.0442  -0.0513 -0.0405 117 SER A N   
751 C  CA  . SER A 93 ? 0.1906 0.2475 0.2283 0.0443  -0.0536 -0.0411 117 SER A CA  
752 C  C   . SER A 93 ? 0.2544 0.3155 0.3087 0.0372  -0.0500 -0.0401 117 SER A C   
753 O  O   . SER A 93 ? 0.1750 0.2387 0.2342 0.0332  -0.0475 -0.0393 117 SER A O   
754 C  CB  . SER A 93 ? 0.2219 0.2690 0.2555 0.0498  -0.0607 -0.0444 117 SER A CB  
755 O  OG  . SER A 93 ? 0.4033 0.4493 0.4426 0.0480  -0.0623 -0.0465 117 SER A OG  
756 N  N   . CYS A 94 ? 0.2070 0.2681 0.2696 0.0368  -0.0498 -0.0401 118 CYS A N   
757 C  CA  . CYS A 94 ? 0.2063 0.2709 0.2839 0.0314  -0.0454 -0.0393 118 CYS A CA  
758 C  C   . CYS A 94 ? 0.2119 0.2727 0.3018 0.0325  -0.0484 -0.0415 118 CYS A C   
759 O  O   . CYS A 94 ? 0.1489 0.2086 0.2441 0.0345  -0.0491 -0.0421 118 CYS A O   
760 C  CB  . CYS A 94 ? 0.1086 0.1745 0.1846 0.0285  -0.0389 -0.0369 118 CYS A CB  
761 S  SG  . CYS A 94 ? 0.1525 0.2183 0.2117 0.0239  -0.0328 -0.0333 118 CYS A SG  
762 N  N   . PRO A 95 ? 0.2026 0.2616 0.2989 0.0312  -0.0501 -0.0430 119 PRO A N   
763 C  CA  . PRO A 95 ? 0.2531 0.3087 0.3621 0.0324  -0.0544 -0.0462 119 PRO A CA  
764 C  C   . PRO A 95 ? 0.3030 0.3613 0.4286 0.0301  -0.0497 -0.0456 119 PRO A C   
765 O  O   . PRO A 95 ? 0.2757 0.3377 0.4080 0.0262  -0.0420 -0.0431 119 PRO A O   
766 C  CB  . PRO A 95 ? 0.3941 0.4488 0.5092 0.0301  -0.0551 -0.0477 119 PRO A CB  
767 C  CG  . PRO A 95 ? 0.3782 0.4358 0.4834 0.0281  -0.0508 -0.0447 119 PRO A CG  
768 C  CD  . PRO A 95 ? 0.2687 0.3283 0.3599 0.0296  -0.0495 -0.0425 119 PRO A CD  
769 N  N   . GLY A 96 ? 0.2514 0.3072 0.3836 0.0332  -0.0543 -0.0479 120 GLY A N   
770 C  CA  . GLY A 96 ? 0.1860 0.2438 0.3335 0.0321  -0.0497 -0.0473 120 GLY A CA  
771 C  C   . GLY A 96 ? 0.2386 0.2968 0.3778 0.0349  -0.0478 -0.0453 120 GLY A C   
772 O  O   . GLY A 96 ? 0.3601 0.4187 0.5109 0.0355  -0.0448 -0.0452 120 GLY A O   
773 N  N   . PHE A 97 ? 0.2137 0.2716 0.3342 0.0368  -0.0490 -0.0439 121 PHE A N   
774 C  CA  . PHE A 97 ? 0.2703 0.3274 0.3822 0.0404  -0.0478 -0.0424 121 PHE A CA  
775 C  C   . PHE A 97 ? 0.4808 0.5315 0.5741 0.0470  -0.0561 -0.0432 121 PHE A C   
776 O  O   . PHE A 97 ? 0.6001 0.6457 0.6908 0.0523  -0.0598 -0.0435 121 PHE A O   
777 C  CB  . PHE A 97 ? 0.2284 0.2872 0.3303 0.0353  -0.0387 -0.0391 121 PHE A CB  
778 C  CG  . PHE A 97 ? 0.1924 0.2526 0.3057 0.0296  -0.0289 -0.0377 121 PHE A CG  
779 C  CD1 . PHE A 97 ? 0.3600 0.4156 0.4737 0.0282  -0.0211 -0.0359 121 PHE A CD1 
780 C  CD2 . PHE A 97 ? 0.3105 0.3745 0.4319 0.0259  -0.0269 -0.0380 121 PHE A CD2 
781 C  CE1 . PHE A 97 ? 0.3125 0.3666 0.4329 0.0236  -0.0109 -0.0345 121 PHE A CE1 
782 C  CE2 . PHE A 97 ? 0.3514 0.4135 0.4794 0.0213  -0.0167 -0.0361 121 PHE A CE2 
783 C  CZ  . PHE A 97 ? 0.2855 0.3422 0.4122 0.0203  -0.0086 -0.0344 121 PHE A CZ  
784 N  N   . ASP A 98 ? 0.6411 0.6908 0.7204 0.0476  -0.0584 -0.0431 122 ASP A N   
785 C  CA  . ASP A 98 ? 0.7859 0.8269 0.8460 0.0547  -0.0655 -0.0441 122 ASP A CA  
786 C  C   . ASP A 98 ? 0.8901 0.9271 0.9500 0.0553  -0.0716 -0.0477 122 ASP A C   
787 O  O   . ASP A 98 ? 0.8228 0.8620 0.8818 0.0524  -0.0699 -0.0480 122 ASP A O   
788 C  CB  . ASP A 98 ? 0.8242 0.8636 0.8643 0.0557  -0.0609 -0.0409 122 ASP A CB  
789 C  CG  . ASP A 98 ? 0.9378 0.9850 0.9810 0.0484  -0.0545 -0.0396 122 ASP A CG  
790 O  OD1 . ASP A 98 ? 1.0455 1.0952 1.0924 0.0488  -0.0585 -0.0420 122 ASP A OD1 
791 O  OD2 . ASP A 98 ? 0.9161 0.9648 0.9563 0.0420  -0.0450 -0.0359 122 ASP A OD2 
792 O  OXT . ASP A 98 ? 1.0185 1.0490 1.0793 0.0593  -0.0788 -0.0509 122 ASP A OXT 
# 
